data_2UV4
# 
_entry.id   2UV4 
# 
_audit_conform.dict_name       mmcif_pdbx.dic 
_audit_conform.dict_version    5.391 
_audit_conform.dict_location   http://mmcif.pdb.org/dictionaries/ascii/mmcif_pdbx.dic 
# 
loop_
_database_2.database_id 
_database_2.database_code 
_database_2.pdbx_database_accession 
_database_2.pdbx_DOI 
PDB   2UV4         pdb_00002uv4 10.2210/pdb2uv4/pdb 
PDBE  EBI-31461    ?            ?                   
WWPDB D_1290031461 ?            ?                   
# 
loop_
_pdbx_audit_revision_history.ordinal 
_pdbx_audit_revision_history.data_content_type 
_pdbx_audit_revision_history.major_revision 
_pdbx_audit_revision_history.minor_revision 
_pdbx_audit_revision_history.revision_date 
1 'Structure model' 1 0 2007-05-08 
2 'Structure model' 1 1 2011-05-08 
3 'Structure model' 1 2 2011-07-13 
4 'Structure model' 1 3 2024-05-08 
# 
_pdbx_audit_revision_details.ordinal             1 
_pdbx_audit_revision_details.revision_ordinal    1 
_pdbx_audit_revision_details.data_content_type   'Structure model' 
_pdbx_audit_revision_details.provider            repository 
_pdbx_audit_revision_details.type                'Initial release' 
_pdbx_audit_revision_details.description         ? 
_pdbx_audit_revision_details.details             ? 
# 
loop_
_pdbx_audit_revision_group.ordinal 
_pdbx_audit_revision_group.revision_ordinal 
_pdbx_audit_revision_group.data_content_type 
_pdbx_audit_revision_group.group 
1 2 'Structure model' 'Version format compliance' 
2 3 'Structure model' 'Version format compliance' 
3 4 'Structure model' 'Data collection'           
4 4 'Structure model' 'Database references'       
5 4 'Structure model' Other                       
# 
loop_
_pdbx_audit_revision_category.ordinal 
_pdbx_audit_revision_category.revision_ordinal 
_pdbx_audit_revision_category.data_content_type 
_pdbx_audit_revision_category.category 
1 4 'Structure model' chem_comp_atom       
2 4 'Structure model' chem_comp_bond       
3 4 'Structure model' database_2           
4 4 'Structure model' pdbx_database_status 
# 
loop_
_pdbx_audit_revision_item.ordinal 
_pdbx_audit_revision_item.revision_ordinal 
_pdbx_audit_revision_item.data_content_type 
_pdbx_audit_revision_item.item 
1 4 'Structure model' '_database_2.pdbx_DOI'                 
2 4 'Structure model' '_database_2.pdbx_database_accession'  
3 4 'Structure model' '_pdbx_database_status.status_code_sf' 
# 
_pdbx_database_status.status_code                     REL 
_pdbx_database_status.entry_id                        2UV4 
_pdbx_database_status.deposit_site                    PDBE 
_pdbx_database_status.process_site                    PDBE 
_pdbx_database_status.SG_entry                        . 
_pdbx_database_status.recvd_initial_deposition_date   2007-03-09 
_pdbx_database_status.pdb_format_compatible           Y 
_pdbx_database_status.status_code_sf                  REL 
_pdbx_database_status.status_code_mr                  ? 
_pdbx_database_status.status_code_cs                  ? 
_pdbx_database_status.methods_development_category    ? 
_pdbx_database_status.status_code_nmr_data            ? 
# 
loop_
_pdbx_database_related.db_name 
_pdbx_database_related.db_id 
_pdbx_database_related.content_type 
_pdbx_database_related.details 
PDB 2UV5 unspecified 'CRYSTAL STRUCTURE OF A CBS DOMAIN PAIR FROM THE REGULATORY GAMMA1 SUBUNIT OF HUMAN AMPK IN COMPLEX WITH AMP' 
PDB 2UV6 unspecified 'CRYSTAL STRUCTURE OF A CBS DOMAIN PAIR FROM THE REGULATORY GAMMA1 SUBUNIT OF HUMAN AMPK IN COMPLEX WITH AMP' 
PDB 2UV7 unspecified 'CRYSTAL STRUCTURE OF A CBS DOMAIN PAIR FROM THE REGULATORY GAMMA1 SUBUNIT OF HUMAN AMPK IN COMPLEX WITH AMP' 
# 
loop_
_audit_author.name 
_audit_author.pdbx_ordinal 
'Day, P.'      1  
'Sharff, A.'   2  
'PArra, L.'    3  
'Cleasby, A.'  4  
'Williams, M.' 5  
'Horer, S.'    6  
'Nar, H.'      7  
'Redemann, N.' 8  
'Tickle, I.'   9  
'Yon, J.'      10 
# 
_citation.id                        primary 
_citation.title                     
'Structure of a Cbs-Domain Pair from the Regulatory Gamma1 Subunit of Human Ampk in Complex with AMP and Zmp.' 
_citation.journal_abbrev            'Acta Crystallogr.,Sect.D' 
_citation.journal_volume            63 
_citation.page_first                587 
_citation.page_last                 ? 
_citation.year                      2007 
_citation.journal_id_ASTM           ABCRE6 
_citation.country                   DK 
_citation.journal_id_ISSN           0907-4449 
_citation.journal_id_CSD            0766 
_citation.book_publisher            ? 
_citation.pdbx_database_id_PubMed   17452784 
_citation.pdbx_database_id_DOI      10.1107/S0907444907009110 
# 
loop_
_citation_author.citation_id 
_citation_author.name 
_citation_author.ordinal 
_citation_author.identifier_ORCID 
primary 'Day, P.'      1  ? 
primary 'Sharff, A.'   2  ? 
primary 'Parra, L.'    3  ? 
primary 'Cleasby, A.'  4  ? 
primary 'Williams, M.' 5  ? 
primary 'Horer, S.'    6  ? 
primary 'Nar, H.'      7  ? 
primary 'Redemann, N.' 8  ? 
primary 'Tickle, I.'   9  ? 
primary 'Yon, J.'      10 ? 
# 
loop_
_entity.id 
_entity.type 
_entity.src_method 
_entity.pdbx_description 
_entity.formula_weight 
_entity.pdbx_number_of_molecules 
_entity.pdbx_ec 
_entity.pdbx_mutation 
_entity.pdbx_fragment 
_entity.details 
1 polymer     man 
;5'-AMP-ACTIVATED PROTEIN KINASE SUBUNIT GAMMA-1
;
17278.875 1   ? ? 'CBS 3 AND 4 FRAGMENT, RESIDUES 182-325' ? 
2 non-polymer syn 'ADENOSINE MONOPHOSPHATE'                         347.221   1   ? ? ?                                        ? 
3 water       nat water                                             18.015    251 ? ? ?                                        ? 
# 
_entity_name_com.entity_id   1 
_entity_name_com.name        'AMPK GAMMA-1 CHAIN, AMPKG, AMPK GAMMA1 CHAIN CBS DOMAINS 3 AND 4' 
# 
_entity_poly.entity_id                      1 
_entity_poly.type                           'polypeptide(L)' 
_entity_poly.nstd_linkage                   no 
_entity_poly.nstd_monomer                   no 
_entity_poly.pdbx_seq_one_letter_code       
;MAHHHHHHEFPKPEFMSKSLEELQIGTYANIAMVRTTTPVYVALGIFVQHRVSALPVVDEKGRVVDIYSKFDVINLAAEK
TYNNLDVSVTKALQHRSHYFEGVLKCYLHETLETIINRLVEAEVHRLVVVDENDVVKGIVSLSDILQALVLT
;
_entity_poly.pdbx_seq_one_letter_code_can   
;MAHHHHHHEFPKPEFMSKSLEELQIGTYANIAMVRTTTPVYVALGIFVQHRVSALPVVDEKGRVVDIYSKFDVINLAAEK
TYNNLDVSVTKALQHRSHYFEGVLKCYLHETLETIINRLVEAEVHRLVVVDENDVVKGIVSLSDILQALVLT
;
_entity_poly.pdbx_strand_id                 A 
_entity_poly.pdbx_target_identifier         ? 
# 
loop_
_pdbx_entity_nonpoly.entity_id 
_pdbx_entity_nonpoly.name 
_pdbx_entity_nonpoly.comp_id 
2 'ADENOSINE MONOPHOSPHATE' AMP 
3 water                     HOH 
# 
loop_
_entity_poly_seq.entity_id 
_entity_poly_seq.num 
_entity_poly_seq.mon_id 
_entity_poly_seq.hetero 
1 1   MET n 
1 2   ALA n 
1 3   HIS n 
1 4   HIS n 
1 5   HIS n 
1 6   HIS n 
1 7   HIS n 
1 8   HIS n 
1 9   GLU n 
1 10  PHE n 
1 11  PRO n 
1 12  LYS n 
1 13  PRO n 
1 14  GLU n 
1 15  PHE n 
1 16  MET n 
1 17  SER n 
1 18  LYS n 
1 19  SER n 
1 20  LEU n 
1 21  GLU n 
1 22  GLU n 
1 23  LEU n 
1 24  GLN n 
1 25  ILE n 
1 26  GLY n 
1 27  THR n 
1 28  TYR n 
1 29  ALA n 
1 30  ASN n 
1 31  ILE n 
1 32  ALA n 
1 33  MET n 
1 34  VAL n 
1 35  ARG n 
1 36  THR n 
1 37  THR n 
1 38  THR n 
1 39  PRO n 
1 40  VAL n 
1 41  TYR n 
1 42  VAL n 
1 43  ALA n 
1 44  LEU n 
1 45  GLY n 
1 46  ILE n 
1 47  PHE n 
1 48  VAL n 
1 49  GLN n 
1 50  HIS n 
1 51  ARG n 
1 52  VAL n 
1 53  SER n 
1 54  ALA n 
1 55  LEU n 
1 56  PRO n 
1 57  VAL n 
1 58  VAL n 
1 59  ASP n 
1 60  GLU n 
1 61  LYS n 
1 62  GLY n 
1 63  ARG n 
1 64  VAL n 
1 65  VAL n 
1 66  ASP n 
1 67  ILE n 
1 68  TYR n 
1 69  SER n 
1 70  LYS n 
1 71  PHE n 
1 72  ASP n 
1 73  VAL n 
1 74  ILE n 
1 75  ASN n 
1 76  LEU n 
1 77  ALA n 
1 78  ALA n 
1 79  GLU n 
1 80  LYS n 
1 81  THR n 
1 82  TYR n 
1 83  ASN n 
1 84  ASN n 
1 85  LEU n 
1 86  ASP n 
1 87  VAL n 
1 88  SER n 
1 89  VAL n 
1 90  THR n 
1 91  LYS n 
1 92  ALA n 
1 93  LEU n 
1 94  GLN n 
1 95  HIS n 
1 96  ARG n 
1 97  SER n 
1 98  HIS n 
1 99  TYR n 
1 100 PHE n 
1 101 GLU n 
1 102 GLY n 
1 103 VAL n 
1 104 LEU n 
1 105 LYS n 
1 106 CYS n 
1 107 TYR n 
1 108 LEU n 
1 109 HIS n 
1 110 GLU n 
1 111 THR n 
1 112 LEU n 
1 113 GLU n 
1 114 THR n 
1 115 ILE n 
1 116 ILE n 
1 117 ASN n 
1 118 ARG n 
1 119 LEU n 
1 120 VAL n 
1 121 GLU n 
1 122 ALA n 
1 123 GLU n 
1 124 VAL n 
1 125 HIS n 
1 126 ARG n 
1 127 LEU n 
1 128 VAL n 
1 129 VAL n 
1 130 VAL n 
1 131 ASP n 
1 132 GLU n 
1 133 ASN n 
1 134 ASP n 
1 135 VAL n 
1 136 VAL n 
1 137 LYS n 
1 138 GLY n 
1 139 ILE n 
1 140 VAL n 
1 141 SER n 
1 142 LEU n 
1 143 SER n 
1 144 ASP n 
1 145 ILE n 
1 146 LEU n 
1 147 GLN n 
1 148 ALA n 
1 149 LEU n 
1 150 VAL n 
1 151 LEU n 
1 152 THR n 
# 
_entity_src_gen.entity_id                          1 
_entity_src_gen.pdbx_src_id                        1 
_entity_src_gen.pdbx_alt_source_flag               sample 
_entity_src_gen.pdbx_seq_type                      ? 
_entity_src_gen.pdbx_beg_seq_num                   ? 
_entity_src_gen.pdbx_end_seq_num                   ? 
_entity_src_gen.gene_src_common_name               HUMAN 
_entity_src_gen.gene_src_genus                     ? 
_entity_src_gen.pdbx_gene_src_gene                 ? 
_entity_src_gen.gene_src_species                   ? 
_entity_src_gen.gene_src_strain                    ? 
_entity_src_gen.gene_src_tissue                    ? 
_entity_src_gen.gene_src_tissue_fraction           ? 
_entity_src_gen.gene_src_details                   ? 
_entity_src_gen.pdbx_gene_src_fragment             ? 
_entity_src_gen.pdbx_gene_src_scientific_name      'HOMO SAPIENS' 
_entity_src_gen.pdbx_gene_src_ncbi_taxonomy_id     9606 
_entity_src_gen.pdbx_gene_src_variant              ? 
_entity_src_gen.pdbx_gene_src_cell_line            ? 
_entity_src_gen.pdbx_gene_src_atcc                 ? 
_entity_src_gen.pdbx_gene_src_organ                ? 
_entity_src_gen.pdbx_gene_src_organelle            ? 
_entity_src_gen.pdbx_gene_src_cell                 ? 
_entity_src_gen.pdbx_gene_src_cellular_location    ? 
_entity_src_gen.host_org_common_name               ? 
_entity_src_gen.pdbx_host_org_scientific_name      'ESCHERICHIA COLI' 
_entity_src_gen.pdbx_host_org_ncbi_taxonomy_id     469008 
_entity_src_gen.host_org_genus                     ? 
_entity_src_gen.pdbx_host_org_gene                 ? 
_entity_src_gen.pdbx_host_org_organ                ? 
_entity_src_gen.host_org_species                   ? 
_entity_src_gen.pdbx_host_org_tissue               ? 
_entity_src_gen.pdbx_host_org_tissue_fraction      ? 
_entity_src_gen.pdbx_host_org_strain               'BL21(DE3)' 
_entity_src_gen.pdbx_host_org_variant              ? 
_entity_src_gen.pdbx_host_org_cell_line            ? 
_entity_src_gen.pdbx_host_org_atcc                 ? 
_entity_src_gen.pdbx_host_org_culture_collection   ? 
_entity_src_gen.pdbx_host_org_cell                 ? 
_entity_src_gen.pdbx_host_org_organelle            ? 
_entity_src_gen.pdbx_host_org_cellular_location    ? 
_entity_src_gen.pdbx_host_org_vector_type          ? 
_entity_src_gen.pdbx_host_org_vector               ? 
_entity_src_gen.host_org_details                   ? 
_entity_src_gen.expression_system_id               ? 
_entity_src_gen.plasmid_name                       ? 
_entity_src_gen.plasmid_details                    ? 
_entity_src_gen.pdbx_description                   ? 
# 
loop_
_chem_comp.id 
_chem_comp.type 
_chem_comp.mon_nstd_flag 
_chem_comp.name 
_chem_comp.pdbx_synonyms 
_chem_comp.formula 
_chem_comp.formula_weight 
ALA 'L-peptide linking' y ALANINE                   ? 'C3 H7 N O2'      89.093  
AMP non-polymer         . 'ADENOSINE MONOPHOSPHATE' ? 'C10 H14 N5 O7 P' 347.221 
ARG 'L-peptide linking' y ARGININE                  ? 'C6 H15 N4 O2 1'  175.209 
ASN 'L-peptide linking' y ASPARAGINE                ? 'C4 H8 N2 O3'     132.118 
ASP 'L-peptide linking' y 'ASPARTIC ACID'           ? 'C4 H7 N O4'      133.103 
CYS 'L-peptide linking' y CYSTEINE                  ? 'C3 H7 N O2 S'    121.158 
GLN 'L-peptide linking' y GLUTAMINE                 ? 'C5 H10 N2 O3'    146.144 
GLU 'L-peptide linking' y 'GLUTAMIC ACID'           ? 'C5 H9 N O4'      147.129 
GLY 'peptide linking'   y GLYCINE                   ? 'C2 H5 N O2'      75.067  
HIS 'L-peptide linking' y HISTIDINE                 ? 'C6 H10 N3 O2 1'  156.162 
HOH non-polymer         . WATER                     ? 'H2 O'            18.015  
ILE 'L-peptide linking' y ISOLEUCINE                ? 'C6 H13 N O2'     131.173 
LEU 'L-peptide linking' y LEUCINE                   ? 'C6 H13 N O2'     131.173 
LYS 'L-peptide linking' y LYSINE                    ? 'C6 H15 N2 O2 1'  147.195 
MET 'L-peptide linking' y METHIONINE                ? 'C5 H11 N O2 S'   149.211 
PHE 'L-peptide linking' y PHENYLALANINE             ? 'C9 H11 N O2'     165.189 
PRO 'L-peptide linking' y PROLINE                   ? 'C5 H9 N O2'      115.130 
SER 'L-peptide linking' y SERINE                    ? 'C3 H7 N O3'      105.093 
THR 'L-peptide linking' y THREONINE                 ? 'C4 H9 N O3'      119.119 
TYR 'L-peptide linking' y TYROSINE                  ? 'C9 H11 N O3'     181.189 
VAL 'L-peptide linking' y VALINE                    ? 'C5 H11 N O2'     117.146 
# 
loop_
_pdbx_poly_seq_scheme.asym_id 
_pdbx_poly_seq_scheme.entity_id 
_pdbx_poly_seq_scheme.seq_id 
_pdbx_poly_seq_scheme.mon_id 
_pdbx_poly_seq_scheme.ndb_seq_num 
_pdbx_poly_seq_scheme.pdb_seq_num 
_pdbx_poly_seq_scheme.auth_seq_num 
_pdbx_poly_seq_scheme.pdb_mon_id 
_pdbx_poly_seq_scheme.auth_mon_id 
_pdbx_poly_seq_scheme.pdb_strand_id 
_pdbx_poly_seq_scheme.pdb_ins_code 
_pdbx_poly_seq_scheme.hetero 
A 1 1   MET 1   -8  ?   ?   ?   A . n 
A 1 2   ALA 2   -7  ?   ?   ?   A . n 
A 1 3   HIS 3   -6  ?   ?   ?   A . n 
A 1 4   HIS 4   -5  ?   ?   ?   A . n 
A 1 5   HIS 5   -4  ?   ?   ?   A . n 
A 1 6   HIS 6   -3  ?   ?   ?   A . n 
A 1 7   HIS 7   -2  ?   ?   ?   A . n 
A 1 8   HIS 8   -1  -1  HIS HIS A . n 
A 1 9   GLU 9   182 182 GLU GLU A . n 
A 1 10  PHE 10  183 183 PHE PHE A . n 
A 1 11  PRO 11  184 184 PRO PRO A . n 
A 1 12  LYS 12  185 185 LYS LYS A . n 
A 1 13  PRO 13  186 186 PRO PRO A . n 
A 1 14  GLU 14  187 187 GLU GLU A . n 
A 1 15  PHE 15  188 188 PHE PHE A . n 
A 1 16  MET 16  189 189 MET MET A . n 
A 1 17  SER 17  190 190 SER SER A . n 
A 1 18  LYS 18  191 191 LYS LYS A . n 
A 1 19  SER 19  192 192 SER SER A . n 
A 1 20  LEU 20  193 193 LEU LEU A . n 
A 1 21  GLU 21  194 194 GLU GLU A . n 
A 1 22  GLU 22  195 195 GLU GLU A . n 
A 1 23  LEU 23  196 196 LEU LEU A . n 
A 1 24  GLN 24  197 197 GLN GLN A . n 
A 1 25  ILE 25  198 198 ILE ILE A . n 
A 1 26  GLY 26  199 199 GLY GLY A . n 
A 1 27  THR 27  200 200 THR THR A . n 
A 1 28  TYR 28  201 201 TYR TYR A . n 
A 1 29  ALA 29  202 202 ALA ALA A . n 
A 1 30  ASN 30  203 203 ASN ASN A . n 
A 1 31  ILE 31  204 204 ILE ILE A . n 
A 1 32  ALA 32  205 205 ALA ALA A . n 
A 1 33  MET 33  206 206 MET MET A . n 
A 1 34  VAL 34  207 207 VAL VAL A . n 
A 1 35  ARG 35  208 208 ARG ARG A . n 
A 1 36  THR 36  209 209 THR THR A . n 
A 1 37  THR 37  210 210 THR THR A . n 
A 1 38  THR 38  211 211 THR THR A . n 
A 1 39  PRO 39  212 212 PRO PRO A . n 
A 1 40  VAL 40  213 213 VAL VAL A . n 
A 1 41  TYR 41  214 214 TYR TYR A . n 
A 1 42  VAL 42  215 215 VAL VAL A . n 
A 1 43  ALA 43  216 216 ALA ALA A . n 
A 1 44  LEU 44  217 217 LEU LEU A . n 
A 1 45  GLY 45  218 218 GLY GLY A . n 
A 1 46  ILE 46  219 219 ILE ILE A . n 
A 1 47  PHE 47  220 220 PHE PHE A . n 
A 1 48  VAL 48  221 221 VAL VAL A . n 
A 1 49  GLN 49  222 222 GLN GLN A . n 
A 1 50  HIS 50  223 223 HIS HIS A . n 
A 1 51  ARG 51  224 224 ARG ARG A . n 
A 1 52  VAL 52  225 225 VAL VAL A . n 
A 1 53  SER 53  226 226 SER SER A . n 
A 1 54  ALA 54  227 227 ALA ALA A . n 
A 1 55  LEU 55  228 228 LEU LEU A . n 
A 1 56  PRO 56  229 229 PRO PRO A . n 
A 1 57  VAL 57  230 230 VAL VAL A . n 
A 1 58  VAL 58  231 231 VAL VAL A . n 
A 1 59  ASP 59  232 232 ASP ASP A . n 
A 1 60  GLU 60  233 233 GLU GLU A . n 
A 1 61  LYS 61  234 234 LYS LYS A . n 
A 1 62  GLY 62  235 235 GLY GLY A . n 
A 1 63  ARG 63  236 236 ARG ARG A . n 
A 1 64  VAL 64  237 237 VAL VAL A . n 
A 1 65  VAL 65  238 238 VAL VAL A . n 
A 1 66  ASP 66  239 239 ASP ASP A . n 
A 1 67  ILE 67  240 240 ILE ILE A . n 
A 1 68  TYR 68  241 241 TYR TYR A . n 
A 1 69  SER 69  242 242 SER SER A . n 
A 1 70  LYS 70  243 243 LYS LYS A . n 
A 1 71  PHE 71  244 244 PHE PHE A . n 
A 1 72  ASP 72  245 245 ASP ASP A . n 
A 1 73  VAL 73  246 246 VAL VAL A . n 
A 1 74  ILE 74  247 247 ILE ILE A . n 
A 1 75  ASN 75  248 248 ASN ASN A . n 
A 1 76  LEU 76  249 249 LEU LEU A . n 
A 1 77  ALA 77  250 250 ALA ALA A . n 
A 1 78  ALA 78  251 251 ALA ALA A . n 
A 1 79  GLU 79  252 252 GLU GLU A . n 
A 1 80  LYS 80  253 253 LYS LYS A . n 
A 1 81  THR 81  254 254 THR THR A . n 
A 1 82  TYR 82  255 255 TYR TYR A . n 
A 1 83  ASN 83  256 256 ASN ASN A . n 
A 1 84  ASN 84  257 257 ASN ASN A . n 
A 1 85  LEU 85  258 258 LEU LEU A . n 
A 1 86  ASP 86  259 259 ASP ASP A . n 
A 1 87  VAL 87  260 260 VAL VAL A . n 
A 1 88  SER 88  261 261 SER SER A . n 
A 1 89  VAL 89  262 262 VAL VAL A . n 
A 1 90  THR 90  263 263 THR THR A . n 
A 1 91  LYS 91  264 264 LYS LYS A . n 
A 1 92  ALA 92  265 265 ALA ALA A . n 
A 1 93  LEU 93  266 266 LEU LEU A . n 
A 1 94  GLN 94  267 267 GLN GLN A . n 
A 1 95  HIS 95  268 268 HIS HIS A . n 
A 1 96  ARG 96  269 269 ARG ARG A . n 
A 1 97  SER 97  270 270 SER SER A . n 
A 1 98  HIS 98  271 271 HIS HIS A . n 
A 1 99  TYR 99  272 272 TYR TYR A . n 
A 1 100 PHE 100 273 273 PHE PHE A . n 
A 1 101 GLU 101 274 274 GLU GLU A . n 
A 1 102 GLY 102 275 275 GLY GLY A . n 
A 1 103 VAL 103 276 276 VAL VAL A . n 
A 1 104 LEU 104 277 277 LEU LEU A . n 
A 1 105 LYS 105 278 278 LYS LYS A . n 
A 1 106 CYS 106 279 279 CYS CYS A . n 
A 1 107 TYR 107 280 280 TYR TYR A . n 
A 1 108 LEU 108 281 281 LEU LEU A . n 
A 1 109 HIS 109 282 282 HIS HIS A . n 
A 1 110 GLU 110 283 283 GLU GLU A . n 
A 1 111 THR 111 284 284 THR THR A . n 
A 1 112 LEU 112 285 285 LEU LEU A . n 
A 1 113 GLU 113 286 286 GLU GLU A . n 
A 1 114 THR 114 287 287 THR THR A . n 
A 1 115 ILE 115 288 288 ILE ILE A . n 
A 1 116 ILE 116 289 289 ILE ILE A . n 
A 1 117 ASN 117 290 290 ASN ASN A . n 
A 1 118 ARG 118 291 291 ARG ARG A . n 
A 1 119 LEU 119 292 292 LEU LEU A . n 
A 1 120 VAL 120 293 293 VAL VAL A . n 
A 1 121 GLU 121 294 294 GLU GLU A . n 
A 1 122 ALA 122 295 295 ALA ALA A . n 
A 1 123 GLU 123 296 296 GLU GLU A . n 
A 1 124 VAL 124 297 297 VAL VAL A . n 
A 1 125 HIS 125 298 298 HIS HIS A . n 
A 1 126 ARG 126 299 299 ARG ARG A . n 
A 1 127 LEU 127 300 300 LEU LEU A . n 
A 1 128 VAL 128 301 301 VAL VAL A . n 
A 1 129 VAL 129 302 302 VAL VAL A . n 
A 1 130 VAL 130 303 303 VAL VAL A . n 
A 1 131 ASP 131 304 304 ASP ASP A . n 
A 1 132 GLU 132 305 305 GLU GLU A . n 
A 1 133 ASN 133 306 306 ASN ASN A . n 
A 1 134 ASP 134 307 307 ASP ASP A . n 
A 1 135 VAL 135 308 308 VAL VAL A . n 
A 1 136 VAL 136 309 309 VAL VAL A . n 
A 1 137 LYS 137 310 310 LYS LYS A . n 
A 1 138 GLY 138 311 311 GLY GLY A . n 
A 1 139 ILE 139 312 312 ILE ILE A . n 
A 1 140 VAL 140 313 313 VAL VAL A . n 
A 1 141 SER 141 314 314 SER SER A . n 
A 1 142 LEU 142 315 315 LEU LEU A . n 
A 1 143 SER 143 316 316 SER SER A . n 
A 1 144 ASP 144 317 317 ASP ASP A . n 
A 1 145 ILE 145 318 318 ILE ILE A . n 
A 1 146 LEU 146 319 319 LEU LEU A . n 
A 1 147 GLN 147 320 320 GLN GLN A . n 
A 1 148 ALA 148 321 321 ALA ALA A . n 
A 1 149 LEU 149 322 322 LEU LEU A . n 
A 1 150 VAL 150 323 323 VAL VAL A . n 
A 1 151 LEU 151 324 324 LEU LEU A . n 
A 1 152 THR 152 325 ?   ?   ?   A . n 
# 
loop_
_pdbx_nonpoly_scheme.asym_id 
_pdbx_nonpoly_scheme.entity_id 
_pdbx_nonpoly_scheme.mon_id 
_pdbx_nonpoly_scheme.ndb_seq_num 
_pdbx_nonpoly_scheme.pdb_seq_num 
_pdbx_nonpoly_scheme.auth_seq_num 
_pdbx_nonpoly_scheme.pdb_mon_id 
_pdbx_nonpoly_scheme.auth_mon_id 
_pdbx_nonpoly_scheme.pdb_strand_id 
_pdbx_nonpoly_scheme.pdb_ins_code 
B 2 AMP 1   1324 1324 AMP AMP A . 
C 3 HOH 1   2001 2001 HOH HOH A . 
C 3 HOH 2   2002 2002 HOH HOH A . 
C 3 HOH 3   2003 2003 HOH HOH A . 
C 3 HOH 4   2004 2004 HOH HOH A . 
C 3 HOH 5   2005 2005 HOH HOH A . 
C 3 HOH 6   2006 2006 HOH HOH A . 
C 3 HOH 7   2007 2007 HOH HOH A . 
C 3 HOH 8   2008 2008 HOH HOH A . 
C 3 HOH 9   2009 2009 HOH HOH A . 
C 3 HOH 10  2010 2010 HOH HOH A . 
C 3 HOH 11  2011 2011 HOH HOH A . 
C 3 HOH 12  2012 2012 HOH HOH A . 
C 3 HOH 13  2013 2013 HOH HOH A . 
C 3 HOH 14  2014 2014 HOH HOH A . 
C 3 HOH 15  2015 2015 HOH HOH A . 
C 3 HOH 16  2016 2016 HOH HOH A . 
C 3 HOH 17  2017 2017 HOH HOH A . 
C 3 HOH 18  2018 2018 HOH HOH A . 
C 3 HOH 19  2019 2019 HOH HOH A . 
C 3 HOH 20  2020 2020 HOH HOH A . 
C 3 HOH 21  2021 2021 HOH HOH A . 
C 3 HOH 22  2022 2022 HOH HOH A . 
C 3 HOH 23  2023 2023 HOH HOH A . 
C 3 HOH 24  2024 2024 HOH HOH A . 
C 3 HOH 25  2025 2025 HOH HOH A . 
C 3 HOH 26  2026 2026 HOH HOH A . 
C 3 HOH 27  2027 2027 HOH HOH A . 
C 3 HOH 28  2028 2028 HOH HOH A . 
C 3 HOH 29  2029 2029 HOH HOH A . 
C 3 HOH 30  2030 2030 HOH HOH A . 
C 3 HOH 31  2031 2031 HOH HOH A . 
C 3 HOH 32  2032 2032 HOH HOH A . 
C 3 HOH 33  2033 2033 HOH HOH A . 
C 3 HOH 34  2034 2034 HOH HOH A . 
C 3 HOH 35  2035 2035 HOH HOH A . 
C 3 HOH 36  2036 2036 HOH HOH A . 
C 3 HOH 37  2037 2037 HOH HOH A . 
C 3 HOH 38  2038 2038 HOH HOH A . 
C 3 HOH 39  2039 2039 HOH HOH A . 
C 3 HOH 40  2040 2040 HOH HOH A . 
C 3 HOH 41  2041 2041 HOH HOH A . 
C 3 HOH 42  2042 2042 HOH HOH A . 
C 3 HOH 43  2043 2043 HOH HOH A . 
C 3 HOH 44  2044 2044 HOH HOH A . 
C 3 HOH 45  2045 2045 HOH HOH A . 
C 3 HOH 46  2046 2046 HOH HOH A . 
C 3 HOH 47  2047 2047 HOH HOH A . 
C 3 HOH 48  2048 2048 HOH HOH A . 
C 3 HOH 49  2049 2049 HOH HOH A . 
C 3 HOH 50  2050 2050 HOH HOH A . 
C 3 HOH 51  2051 2051 HOH HOH A . 
C 3 HOH 52  2052 2052 HOH HOH A . 
C 3 HOH 53  2053 2053 HOH HOH A . 
C 3 HOH 54  2054 2054 HOH HOH A . 
C 3 HOH 55  2055 2055 HOH HOH A . 
C 3 HOH 56  2056 2056 HOH HOH A . 
C 3 HOH 57  2057 2057 HOH HOH A . 
C 3 HOH 58  2058 2058 HOH HOH A . 
C 3 HOH 59  2059 2059 HOH HOH A . 
C 3 HOH 60  2060 2060 HOH HOH A . 
C 3 HOH 61  2061 2061 HOH HOH A . 
C 3 HOH 62  2062 2062 HOH HOH A . 
C 3 HOH 63  2063 2063 HOH HOH A . 
C 3 HOH 64  2064 2064 HOH HOH A . 
C 3 HOH 65  2065 2065 HOH HOH A . 
C 3 HOH 66  2066 2066 HOH HOH A . 
C 3 HOH 67  2067 2067 HOH HOH A . 
C 3 HOH 68  2068 2068 HOH HOH A . 
C 3 HOH 69  2069 2069 HOH HOH A . 
C 3 HOH 70  2070 2070 HOH HOH A . 
C 3 HOH 71  2071 2071 HOH HOH A . 
C 3 HOH 72  2072 2072 HOH HOH A . 
C 3 HOH 73  2073 2073 HOH HOH A . 
C 3 HOH 74  2074 2074 HOH HOH A . 
C 3 HOH 75  2075 2075 HOH HOH A . 
C 3 HOH 76  2076 2076 HOH HOH A . 
C 3 HOH 77  2077 2077 HOH HOH A . 
C 3 HOH 78  2078 2078 HOH HOH A . 
C 3 HOH 79  2079 2079 HOH HOH A . 
C 3 HOH 80  2080 2080 HOH HOH A . 
C 3 HOH 81  2081 2081 HOH HOH A . 
C 3 HOH 82  2082 2082 HOH HOH A . 
C 3 HOH 83  2083 2083 HOH HOH A . 
C 3 HOH 84  2084 2084 HOH HOH A . 
C 3 HOH 85  2085 2085 HOH HOH A . 
C 3 HOH 86  2086 2086 HOH HOH A . 
C 3 HOH 87  2087 2087 HOH HOH A . 
C 3 HOH 88  2088 2088 HOH HOH A . 
C 3 HOH 89  2089 2089 HOH HOH A . 
C 3 HOH 90  2090 2090 HOH HOH A . 
C 3 HOH 91  2091 2091 HOH HOH A . 
C 3 HOH 92  2092 2092 HOH HOH A . 
C 3 HOH 93  2093 2093 HOH HOH A . 
C 3 HOH 94  2094 2094 HOH HOH A . 
C 3 HOH 95  2095 2095 HOH HOH A . 
C 3 HOH 96  2096 2096 HOH HOH A . 
C 3 HOH 97  2097 2097 HOH HOH A . 
C 3 HOH 98  2098 2098 HOH HOH A . 
C 3 HOH 99  2099 2099 HOH HOH A . 
C 3 HOH 100 2100 2100 HOH HOH A . 
C 3 HOH 101 2101 2101 HOH HOH A . 
C 3 HOH 102 2102 2102 HOH HOH A . 
C 3 HOH 103 2103 2103 HOH HOH A . 
C 3 HOH 104 2104 2104 HOH HOH A . 
C 3 HOH 105 2105 2105 HOH HOH A . 
C 3 HOH 106 2106 2106 HOH HOH A . 
C 3 HOH 107 2107 2107 HOH HOH A . 
C 3 HOH 108 2108 2108 HOH HOH A . 
C 3 HOH 109 2109 2109 HOH HOH A . 
C 3 HOH 110 2110 2110 HOH HOH A . 
C 3 HOH 111 2111 2111 HOH HOH A . 
C 3 HOH 112 2112 2112 HOH HOH A . 
C 3 HOH 113 2113 2113 HOH HOH A . 
C 3 HOH 114 2114 2114 HOH HOH A . 
C 3 HOH 115 2115 2115 HOH HOH A . 
C 3 HOH 116 2116 2116 HOH HOH A . 
C 3 HOH 117 2117 2117 HOH HOH A . 
C 3 HOH 118 2118 2118 HOH HOH A . 
C 3 HOH 119 2119 2119 HOH HOH A . 
C 3 HOH 120 2120 2120 HOH HOH A . 
C 3 HOH 121 2121 2121 HOH HOH A . 
C 3 HOH 122 2122 2122 HOH HOH A . 
C 3 HOH 123 2123 2123 HOH HOH A . 
C 3 HOH 124 2124 2124 HOH HOH A . 
C 3 HOH 125 2125 2125 HOH HOH A . 
C 3 HOH 126 2126 2126 HOH HOH A . 
C 3 HOH 127 2127 2127 HOH HOH A . 
C 3 HOH 128 2128 2128 HOH HOH A . 
C 3 HOH 129 2129 2129 HOH HOH A . 
C 3 HOH 130 2130 2130 HOH HOH A . 
C 3 HOH 131 2131 2131 HOH HOH A . 
C 3 HOH 132 2132 2132 HOH HOH A . 
C 3 HOH 133 2133 2133 HOH HOH A . 
C 3 HOH 134 2134 2134 HOH HOH A . 
C 3 HOH 135 2135 2135 HOH HOH A . 
C 3 HOH 136 2136 2136 HOH HOH A . 
C 3 HOH 137 2137 2137 HOH HOH A . 
C 3 HOH 138 2138 2138 HOH HOH A . 
C 3 HOH 139 2139 2139 HOH HOH A . 
C 3 HOH 140 2140 2140 HOH HOH A . 
C 3 HOH 141 2141 2141 HOH HOH A . 
C 3 HOH 142 2142 2142 HOH HOH A . 
C 3 HOH 143 2143 2143 HOH HOH A . 
C 3 HOH 144 2144 2144 HOH HOH A . 
C 3 HOH 145 2145 2145 HOH HOH A . 
C 3 HOH 146 2146 2146 HOH HOH A . 
C 3 HOH 147 2147 2147 HOH HOH A . 
C 3 HOH 148 2148 2148 HOH HOH A . 
C 3 HOH 149 2149 2149 HOH HOH A . 
C 3 HOH 150 2150 2150 HOH HOH A . 
C 3 HOH 151 2151 2151 HOH HOH A . 
C 3 HOH 152 2152 2152 HOH HOH A . 
C 3 HOH 153 2153 2153 HOH HOH A . 
C 3 HOH 154 2154 2154 HOH HOH A . 
C 3 HOH 155 2155 2155 HOH HOH A . 
C 3 HOH 156 2156 2156 HOH HOH A . 
C 3 HOH 157 2157 2157 HOH HOH A . 
C 3 HOH 158 2158 2158 HOH HOH A . 
C 3 HOH 159 2159 2159 HOH HOH A . 
C 3 HOH 160 2160 2160 HOH HOH A . 
C 3 HOH 161 2161 2161 HOH HOH A . 
C 3 HOH 162 2162 2162 HOH HOH A . 
C 3 HOH 163 2163 2163 HOH HOH A . 
C 3 HOH 164 2164 2164 HOH HOH A . 
C 3 HOH 165 2165 2165 HOH HOH A . 
C 3 HOH 166 2166 2166 HOH HOH A . 
C 3 HOH 167 2167 2167 HOH HOH A . 
C 3 HOH 168 2168 2168 HOH HOH A . 
C 3 HOH 169 2169 2169 HOH HOH A . 
C 3 HOH 170 2170 2170 HOH HOH A . 
C 3 HOH 171 2171 2171 HOH HOH A . 
C 3 HOH 172 2172 2172 HOH HOH A . 
C 3 HOH 173 2173 2173 HOH HOH A . 
C 3 HOH 174 2174 2174 HOH HOH A . 
C 3 HOH 175 2175 2175 HOH HOH A . 
C 3 HOH 176 2176 2176 HOH HOH A . 
C 3 HOH 177 2177 2177 HOH HOH A . 
C 3 HOH 178 2178 2178 HOH HOH A . 
C 3 HOH 179 2179 2179 HOH HOH A . 
C 3 HOH 180 2180 2180 HOH HOH A . 
C 3 HOH 181 2181 2181 HOH HOH A . 
C 3 HOH 182 2182 2182 HOH HOH A . 
C 3 HOH 183 2183 2183 HOH HOH A . 
C 3 HOH 184 2184 2184 HOH HOH A . 
C 3 HOH 185 2185 2185 HOH HOH A . 
C 3 HOH 186 2186 2186 HOH HOH A . 
C 3 HOH 187 2187 2187 HOH HOH A . 
C 3 HOH 188 2188 2188 HOH HOH A . 
C 3 HOH 189 2189 2189 HOH HOH A . 
C 3 HOH 190 2190 2190 HOH HOH A . 
C 3 HOH 191 2191 2191 HOH HOH A . 
C 3 HOH 192 2192 2192 HOH HOH A . 
C 3 HOH 193 2193 2193 HOH HOH A . 
C 3 HOH 194 2194 2194 HOH HOH A . 
C 3 HOH 195 2195 2195 HOH HOH A . 
C 3 HOH 196 2196 2196 HOH HOH A . 
C 3 HOH 197 2197 2197 HOH HOH A . 
C 3 HOH 198 2198 2198 HOH HOH A . 
C 3 HOH 199 2199 2199 HOH HOH A . 
C 3 HOH 200 2200 2200 HOH HOH A . 
C 3 HOH 201 2201 2201 HOH HOH A . 
C 3 HOH 202 2202 2202 HOH HOH A . 
C 3 HOH 203 2203 2203 HOH HOH A . 
C 3 HOH 204 2204 2204 HOH HOH A . 
C 3 HOH 205 2205 2205 HOH HOH A . 
C 3 HOH 206 2206 2206 HOH HOH A . 
C 3 HOH 207 2207 2207 HOH HOH A . 
C 3 HOH 208 2208 2208 HOH HOH A . 
C 3 HOH 209 2209 2209 HOH HOH A . 
C 3 HOH 210 2210 2210 HOH HOH A . 
C 3 HOH 211 2211 2211 HOH HOH A . 
C 3 HOH 212 2212 2212 HOH HOH A . 
C 3 HOH 213 2213 2213 HOH HOH A . 
C 3 HOH 214 2214 2214 HOH HOH A . 
C 3 HOH 215 2215 2215 HOH HOH A . 
C 3 HOH 216 2216 2216 HOH HOH A . 
C 3 HOH 217 2217 2217 HOH HOH A . 
C 3 HOH 218 2218 2218 HOH HOH A . 
C 3 HOH 219 2219 2219 HOH HOH A . 
C 3 HOH 220 2220 2220 HOH HOH A . 
C 3 HOH 221 2221 2221 HOH HOH A . 
C 3 HOH 222 2222 2222 HOH HOH A . 
C 3 HOH 223 2223 2223 HOH HOH A . 
C 3 HOH 224 2224 2224 HOH HOH A . 
C 3 HOH 225 2225 2225 HOH HOH A . 
C 3 HOH 226 2226 2226 HOH HOH A . 
C 3 HOH 227 2227 2227 HOH HOH A . 
C 3 HOH 228 2228 2228 HOH HOH A . 
C 3 HOH 229 2229 2229 HOH HOH A . 
C 3 HOH 230 2230 2230 HOH HOH A . 
C 3 HOH 231 2231 2231 HOH HOH A . 
C 3 HOH 232 2232 2232 HOH HOH A . 
C 3 HOH 233 2233 2233 HOH HOH A . 
C 3 HOH 234 2234 2234 HOH HOH A . 
C 3 HOH 235 2235 2235 HOH HOH A . 
C 3 HOH 236 2236 2236 HOH HOH A . 
C 3 HOH 237 2237 2237 HOH HOH A . 
C 3 HOH 238 2238 2238 HOH HOH A . 
C 3 HOH 239 2239 2239 HOH HOH A . 
C 3 HOH 240 2240 2240 HOH HOH A . 
C 3 HOH 241 2241 2241 HOH HOH A . 
C 3 HOH 242 2242 2242 HOH HOH A . 
C 3 HOH 243 2243 2243 HOH HOH A . 
C 3 HOH 244 2244 2244 HOH HOH A . 
C 3 HOH 245 2245 2245 HOH HOH A . 
C 3 HOH 246 2246 2246 HOH HOH A . 
C 3 HOH 247 2247 2247 HOH HOH A . 
C 3 HOH 248 2248 2248 HOH HOH A . 
C 3 HOH 249 2249 2249 HOH HOH A . 
C 3 HOH 250 2250 2250 HOH HOH A . 
C 3 HOH 251 2251 2251 HOH HOH A . 
# 
loop_
_pdbx_unobs_or_zero_occ_atoms.id 
_pdbx_unobs_or_zero_occ_atoms.PDB_model_num 
_pdbx_unobs_or_zero_occ_atoms.polymer_flag 
_pdbx_unobs_or_zero_occ_atoms.occupancy_flag 
_pdbx_unobs_or_zero_occ_atoms.auth_asym_id 
_pdbx_unobs_or_zero_occ_atoms.auth_comp_id 
_pdbx_unobs_or_zero_occ_atoms.auth_seq_id 
_pdbx_unobs_or_zero_occ_atoms.PDB_ins_code 
_pdbx_unobs_or_zero_occ_atoms.auth_atom_id 
_pdbx_unobs_or_zero_occ_atoms.label_alt_id 
_pdbx_unobs_or_zero_occ_atoms.label_asym_id 
_pdbx_unobs_or_zero_occ_atoms.label_comp_id 
_pdbx_unobs_or_zero_occ_atoms.label_seq_id 
_pdbx_unobs_or_zero_occ_atoms.label_atom_id 
1 1 Y 1 A LEU 324 ? CA  ? A LEU 151 CA  
2 1 Y 1 A LEU 324 ? C   ? A LEU 151 C   
3 1 Y 1 A LEU 324 ? O   ? A LEU 151 O   
4 1 Y 1 A LEU 324 ? CB  ? A LEU 151 CB  
5 1 Y 1 A LEU 324 ? CG  ? A LEU 151 CG  
6 1 Y 1 A LEU 324 ? CD1 ? A LEU 151 CD1 
7 1 Y 1 A LEU 324 ? CD2 ? A LEU 151 CD2 
# 
loop_
_software.name 
_software.classification 
_software.version 
_software.citation_id 
_software.pdbx_ordinal 
REFMAC refinement       5.2.0019G ? 1 
d*TREK 'data reduction' .         ? 2 
d*TREK 'data scaling'   .         ? 3 
CCP4   phasing          .         ? 4 
# 
_cell.entry_id           2UV4 
_cell.length_a           66.132 
_cell.length_b           43.757 
_cell.length_c           55.654 
_cell.angle_alpha        90.00 
_cell.angle_beta         118.83 
_cell.angle_gamma        90.00 
_cell.Z_PDB              4 
_cell.pdbx_unique_axis   ? 
# 
_symmetry.entry_id                         2UV4 
_symmetry.space_group_name_H-M             'C 1 2 1' 
_symmetry.pdbx_full_space_group_name_H-M   ? 
_symmetry.cell_setting                     ? 
_symmetry.Int_Tables_number                5 
# 
_exptl.entry_id          2UV4 
_exptl.method            'X-RAY DIFFRACTION' 
_exptl.crystals_number   1 
# 
_exptl_crystal.id                    1 
_exptl_crystal.density_meas          ? 
_exptl_crystal.density_Matthews      1.78 
_exptl_crystal.density_percent_sol   30.33 
_exptl_crystal.description           ? 
# 
_exptl_crystal_grow.crystal_id      1 
_exptl_crystal_grow.method          ? 
_exptl_crystal_grow.temp            ? 
_exptl_crystal_grow.temp_details    ? 
_exptl_crystal_grow.pH              8.00 
_exptl_crystal_grow.pdbx_pH_range   ? 
_exptl_crystal_grow.pdbx_details    'pH 8.00' 
# 
_diffrn.id                     1 
_diffrn.ambient_temp           100.0 
_diffrn.ambient_temp_details   ? 
_diffrn.crystal_id             1 
# 
_diffrn_detector.diffrn_id              1 
_diffrn_detector.detector               CCD 
_diffrn_detector.type                   MARRESEARCH 
_diffrn_detector.pdbx_collection_date   2004-06-23 
_diffrn_detector.details                ? 
# 
_diffrn_radiation.diffrn_id                        1 
_diffrn_radiation.wavelength_id                    1 
_diffrn_radiation.pdbx_monochromatic_or_laue_m_l   M 
_diffrn_radiation.monochromator                    ? 
_diffrn_radiation.pdbx_diffrn_protocol             'SINGLE WAVELENGTH' 
_diffrn_radiation.pdbx_scattering_type             x-ray 
# 
_diffrn_radiation_wavelength.id           1 
_diffrn_radiation_wavelength.wavelength   0.931 
_diffrn_radiation_wavelength.wt           1.0 
# 
_diffrn_source.diffrn_id                   1 
_diffrn_source.source                      SYNCHROTRON 
_diffrn_source.type                        'ESRF BEAMLINE ID14-3' 
_diffrn_source.pdbx_synchrotron_site       ESRF 
_diffrn_source.pdbx_synchrotron_beamline   ID14-3 
_diffrn_source.pdbx_wavelength             0.931 
_diffrn_source.pdbx_wavelength_list        ? 
# 
_reflns.pdbx_diffrn_id               1 
_reflns.pdbx_ordinal                 1 
_reflns.entry_id                     2UV4 
_reflns.observed_criterion_sigma_I   0.000 
_reflns.observed_criterion_sigma_F   ? 
_reflns.d_resolution_low             34.920 
_reflns.d_resolution_high            1.330 
_reflns.number_obs                   31832 
_reflns.number_all                   ? 
_reflns.percent_possible_obs         99.0 
_reflns.pdbx_Rmerge_I_obs            0.07000 
_reflns.pdbx_Rsym_value              ? 
_reflns.pdbx_netI_over_sigmaI        12.5000 
_reflns.B_iso_Wilson_estimate        ? 
_reflns.pdbx_redundancy              6.180 
# 
_reflns_shell.pdbx_diffrn_id         1 
_reflns_shell.pdbx_ordinal           1 
_reflns_shell.d_res_high             1.33 
_reflns_shell.d_res_low              1.38 
_reflns_shell.percent_possible_all   90.7 
_reflns_shell.Rmerge_I_obs           0.40000 
_reflns_shell.pdbx_Rsym_value        ? 
_reflns_shell.meanI_over_sigI_obs    3.100 
_reflns_shell.pdbx_redundancy        ? 
# 
_refine.pdbx_refine_id                           'X-RAY DIFFRACTION' 
_refine.entry_id                                 2UV4 
_refine.pdbx_diffrn_id                           1 
_refine.pdbx_TLS_residual_ADP_flag               ? 
_refine.ls_number_reflns_obs                     29922 
_refine.ls_number_reflns_all                     ? 
_refine.pdbx_ls_sigma_I                          ? 
_refine.pdbx_ls_sigma_F                          ? 
_refine.pdbx_data_cutoff_high_absF               ? 
_refine.pdbx_data_cutoff_low_absF                ? 
_refine.pdbx_data_cutoff_high_rms_absF           ? 
_refine.ls_d_res_low                             34.92 
_refine.ls_d_res_high                            1.33 
_refine.ls_percent_reflns_obs                    99.0 
_refine.ls_R_factor_obs                          0.171 
_refine.ls_R_factor_all                          ? 
_refine.ls_R_factor_R_work                       0.169 
_refine.ls_R_factor_R_free                       0.207 
_refine.ls_R_factor_R_free_error                 ? 
_refine.ls_R_factor_R_free_error_details         ? 
_refine.ls_percent_reflns_R_free                 5.100 
_refine.ls_number_reflns_R_free                  1595 
_refine.ls_number_parameters                     ? 
_refine.ls_number_restraints                     ? 
_refine.occupancy_min                            ? 
_refine.occupancy_max                            ? 
_refine.correlation_coeff_Fo_to_Fc               0.970 
_refine.correlation_coeff_Fo_to_Fc_free          0.955 
_refine.B_iso_mean                               11.75 
_refine.aniso_B[1][1]                            -0.02000 
_refine.aniso_B[2][2]                            0.11000 
_refine.aniso_B[3][3]                            0.10000 
_refine.aniso_B[1][2]                            0.00000 
_refine.aniso_B[1][3]                            0.20000 
_refine.aniso_B[2][3]                            0.00000 
_refine.solvent_model_details                    'BABINET MODEL WITH MASK' 
_refine.solvent_model_param_ksol                 ? 
_refine.solvent_model_param_bsol                 ? 
_refine.pdbx_solvent_vdw_probe_radii             1.20 
_refine.pdbx_solvent_ion_probe_radii             0.80 
_refine.pdbx_solvent_shrinkage_radii             0.80 
_refine.pdbx_ls_cross_valid_method               THROUGHOUT 
_refine.details                                  
'HYDROGENS HAVE BEEN ADDED IN THE RIDING POSITIONS. HYDROGENS HAVE BEEN ADDED IN THE RIDING POSITIONS' 
_refine.pdbx_starting_model                      ? 
_refine.pdbx_method_to_determine_struct          MIRAS 
_refine.pdbx_isotropic_thermal_model             ? 
_refine.pdbx_stereochemistry_target_values       'MAXIMUM LIKELIHOOD' 
_refine.pdbx_stereochem_target_val_spec_case     ? 
_refine.pdbx_R_Free_selection_details            RANDOM 
_refine.pdbx_overall_ESU_R                       0.056 
_refine.pdbx_overall_ESU_R_Free                  0.061 
_refine.overall_SU_ML                            0.039 
_refine.pdbx_overall_phase_error                 ? 
_refine.overall_SU_B                             0.938 
_refine.overall_SU_R_Cruickshank_DPI             ? 
_refine.pdbx_overall_SU_R_free_Cruickshank_DPI   ? 
_refine.pdbx_overall_SU_R_Blow_DPI               ? 
_refine.pdbx_overall_SU_R_free_Blow_DPI          ? 
# 
_refine_hist.pdbx_refine_id                   'X-RAY DIFFRACTION' 
_refine_hist.cycle_id                         LAST 
_refine_hist.pdbx_number_atoms_protein        1139 
_refine_hist.pdbx_number_atoms_nucleic_acid   0 
_refine_hist.pdbx_number_atoms_ligand         23 
_refine_hist.number_atoms_solvent             251 
_refine_hist.number_atoms_total               1413 
_refine_hist.d_res_high                       1.33 
_refine_hist.d_res_low                        34.92 
# 
loop_
_refine_ls_restr.type 
_refine_ls_restr.dev_ideal 
_refine_ls_restr.dev_ideal_target 
_refine_ls_restr.weight 
_refine_ls_restr.number 
_refine_ls_restr.pdbx_refine_id 
_refine_ls_restr.pdbx_restraint_function 
r_bond_refined_d             0.015  0.022  ? 1186 'X-RAY DIFFRACTION' ? 
r_bond_other_d               0.012  0.020  ? 755  'X-RAY DIFFRACTION' ? 
r_angle_refined_deg          1.494  1.968  ? 1614 'X-RAY DIFFRACTION' ? 
r_angle_other_deg            0.920  3.000  ? 1858 'X-RAY DIFFRACTION' ? 
r_dihedral_angle_1_deg       5.329  5.000  ? 141  'X-RAY DIFFRACTION' ? 
r_dihedral_angle_2_deg       35.674 24.423 ? 52   'X-RAY DIFFRACTION' ? 
r_dihedral_angle_3_deg       13.669 15.208 ? 216  'X-RAY DIFFRACTION' ? 
r_dihedral_angle_4_deg       18.616 15.000 ? 6    'X-RAY DIFFRACTION' ? 
r_chiral_restr               0.083  0.200  ? 196  'X-RAY DIFFRACTION' ? 
r_gen_planes_refined         0.007  0.020  ? 1271 'X-RAY DIFFRACTION' ? 
r_gen_planes_other           0.001  0.020  ? 222  'X-RAY DIFFRACTION' ? 
r_nbd_refined                0.266  0.200  ? 248  'X-RAY DIFFRACTION' ? 
r_nbd_other                  0.196  0.200  ? 888  'X-RAY DIFFRACTION' ? 
r_nbtor_refined              0.187  0.200  ? 628  'X-RAY DIFFRACTION' ? 
r_nbtor_other                0.085  0.200  ? 614  'X-RAY DIFFRACTION' ? 
r_xyhbond_nbd_refined        0.155  0.200  ? 59   'X-RAY DIFFRACTION' ? 
r_xyhbond_nbd_other          ?      ?      ? ?    'X-RAY DIFFRACTION' ? 
r_metal_ion_refined          ?      ?      ? ?    'X-RAY DIFFRACTION' ? 
r_metal_ion_other            ?      ?      ? ?    'X-RAY DIFFRACTION' ? 
r_symmetry_vdw_refined       0.134  0.200  ? 11   'X-RAY DIFFRACTION' ? 
r_symmetry_vdw_other         0.194  0.200  ? 33   'X-RAY DIFFRACTION' ? 
r_symmetry_hbond_refined     0.133  0.200  ? 17   'X-RAY DIFFRACTION' ? 
r_symmetry_hbond_other       ?      ?      ? ?    'X-RAY DIFFRACTION' ? 
r_symmetry_metal_ion_refined ?      ?      ? ?    'X-RAY DIFFRACTION' ? 
r_symmetry_metal_ion_other   ?      ?      ? ?    'X-RAY DIFFRACTION' ? 
r_mcbond_it                  0.101  5.000  ? 713  'X-RAY DIFFRACTION' ? 
r_mcbond_other               ?      ?      ? ?    'X-RAY DIFFRACTION' ? 
r_mcangle_it                 0.144  6.000  ? 1168 'X-RAY DIFFRACTION' ? 
r_mcangle_other              ?      ?      ? ?    'X-RAY DIFFRACTION' ? 
r_scbond_it                  0.126  6.000  ? 473  'X-RAY DIFFRACTION' ? 
r_scbond_other               ?      ?      ? ?    'X-RAY DIFFRACTION' ? 
r_scangle_it                 0.176  7.500  ? 446  'X-RAY DIFFRACTION' ? 
r_scangle_other              ?      ?      ? ?    'X-RAY DIFFRACTION' ? 
r_long_range_B_refined       ?      ?      ? ?    'X-RAY DIFFRACTION' ? 
r_long_range_B_other         ?      ?      ? ?    'X-RAY DIFFRACTION' ? 
r_rigid_bond_restr           ?      ?      ? ?    'X-RAY DIFFRACTION' ? 
r_sphericity_free            ?      ?      ? ?    'X-RAY DIFFRACTION' ? 
r_sphericity_bonded          ?      ?      ? ?    'X-RAY DIFFRACTION' ? 
# 
_refine_ls_shell.pdbx_refine_id                   'X-RAY DIFFRACTION' 
_refine_ls_shell.pdbx_total_number_of_bins_used   20 
_refine_ls_shell.d_res_high                       1.33 
_refine_ls_shell.d_res_low                        1.37 
_refine_ls_shell.number_reflns_R_work             1982 
_refine_ls_shell.R_factor_R_work                  0.3130 
_refine_ls_shell.percent_reflns_obs               ? 
_refine_ls_shell.R_factor_R_free                  0.3290 
_refine_ls_shell.R_factor_R_free_error            ? 
_refine_ls_shell.percent_reflns_R_free            ? 
_refine_ls_shell.number_reflns_R_free             95 
_refine_ls_shell.number_reflns_all                ? 
_refine_ls_shell.R_factor_all                     ? 
# 
_struct.entry_id                  2UV4 
_struct.title                     
'Crystal Structure of a CBS domain pair from the regulatory gamma1 subunit of human AMPK in complex with AMP' 
_struct.pdbx_model_details        ? 
_struct.pdbx_CASP_flag            ? 
_struct.pdbx_model_type_details   ? 
# 
_struct_keywords.entry_id        2UV4 
_struct_keywords.pdbx_keywords   TRANSFERASE 
_struct_keywords.text            
'TRANSFERASE, CBS DOMAIN, LIPID SYNTHESIS, FATTY ACID BIOSYNTHESIS, AMPK GAMMA1 SUBUNIT CBS 3 PLUS 4 AMP REGULATORY SUBUNIT' 
# 
loop_
_struct_asym.id 
_struct_asym.pdbx_blank_PDB_chainid_flag 
_struct_asym.pdbx_modified 
_struct_asym.entity_id 
_struct_asym.details 
A N N 1 ? 
B N N 2 ? 
C N N 3 ? 
# 
loop_
_struct_ref.id 
_struct_ref.db_name 
_struct_ref.db_code 
_struct_ref.entity_id 
_struct_ref.pdbx_seq_one_letter_code 
_struct_ref.pdbx_align_begin 
_struct_ref.pdbx_db_accession 
_struct_ref.pdbx_db_isoform 
1 PDB 2UV4        1 ? ? 2UV4   ? 
2 UNP AAKG1_HUMAN 1 ? ? P54619 ? 
# 
loop_
_struct_ref_seq.align_id 
_struct_ref_seq.ref_id 
_struct_ref_seq.pdbx_PDB_id_code 
_struct_ref_seq.pdbx_strand_id 
_struct_ref_seq.seq_align_beg 
_struct_ref_seq.pdbx_seq_align_beg_ins_code 
_struct_ref_seq.seq_align_end 
_struct_ref_seq.pdbx_seq_align_end_ins_code 
_struct_ref_seq.pdbx_db_accession 
_struct_ref_seq.db_align_beg 
_struct_ref_seq.pdbx_db_align_beg_ins_code 
_struct_ref_seq.db_align_end 
_struct_ref_seq.pdbx_db_align_end_ins_code 
_struct_ref_seq.pdbx_auth_seq_align_beg 
_struct_ref_seq.pdbx_auth_seq_align_end 
1 1 2UV4 A 1 ? 8   ? 2UV4   -8  ? -1  ? -8  -1  
2 2 2UV4 A 9 ? 152 ? P54619 182 ? 325 ? 182 325 
# 
_pdbx_struct_assembly.id                   1 
_pdbx_struct_assembly.details              author_and_software_defined_assembly 
_pdbx_struct_assembly.method_details       PQS 
_pdbx_struct_assembly.oligomeric_details   dimeric 
_pdbx_struct_assembly.oligomeric_count     2 
# 
_pdbx_struct_assembly_gen.assembly_id       1 
_pdbx_struct_assembly_gen.oper_expression   1,2 
_pdbx_struct_assembly_gen.asym_id_list      A,B,C 
# 
loop_
_pdbx_struct_oper_list.id 
_pdbx_struct_oper_list.type 
_pdbx_struct_oper_list.name 
_pdbx_struct_oper_list.symmetry_operation 
_pdbx_struct_oper_list.matrix[1][1] 
_pdbx_struct_oper_list.matrix[1][2] 
_pdbx_struct_oper_list.matrix[1][3] 
_pdbx_struct_oper_list.vector[1] 
_pdbx_struct_oper_list.matrix[2][1] 
_pdbx_struct_oper_list.matrix[2][2] 
_pdbx_struct_oper_list.matrix[2][3] 
_pdbx_struct_oper_list.vector[2] 
_pdbx_struct_oper_list.matrix[3][1] 
_pdbx_struct_oper_list.matrix[3][2] 
_pdbx_struct_oper_list.matrix[3][3] 
_pdbx_struct_oper_list.vector[3] 
1 'identity operation'         1_555 x,y,z       1.0000000000 0.0000000000 0.0000000000  0.0000000000  0.0000000000 1.0000000000  0.0000000000  0.0000000000  0.0000000000  0.0000000000  1.0000000000  0.0000000000   
2 'crystal symmetry operation' 2_656 -x+1,y,-z+1 0.5719289779 0.5722639332 -0.5877169684 -4.8741643493 0.5722639332 -0.7916661543 -0.2139595546 -6.7128976761 -0.5877169684 -0.2139595546 -0.7802628237 -19.5730088268 
# 
_struct_biol.id   1 
# 
loop_
_struct_conf.conf_type_id 
_struct_conf.id 
_struct_conf.pdbx_PDB_helix_id 
_struct_conf.beg_label_comp_id 
_struct_conf.beg_label_asym_id 
_struct_conf.beg_label_seq_id 
_struct_conf.pdbx_beg_PDB_ins_code 
_struct_conf.end_label_comp_id 
_struct_conf.end_label_asym_id 
_struct_conf.end_label_seq_id 
_struct_conf.pdbx_end_PDB_ins_code 
_struct_conf.beg_auth_comp_id 
_struct_conf.beg_auth_asym_id 
_struct_conf.beg_auth_seq_id 
_struct_conf.end_auth_comp_id 
_struct_conf.end_auth_asym_id 
_struct_conf.end_auth_seq_id 
_struct_conf.pdbx_PDB_helix_class 
_struct_conf.details 
_struct_conf.pdbx_PDB_helix_length 
HELX_P HELX_P1 1 LYS A 12  ? SER A 17  ? LYS A 185 SER A 190 1 ? 6  
HELX_P HELX_P2 2 SER A 19  ? GLN A 24  ? SER A 192 GLN A 197 1 ? 6  
HELX_P HELX_P3 3 PRO A 39  ? ARG A 51  ? PRO A 212 ARG A 224 1 ? 13 
HELX_P HELX_P4 4 LYS A 70  ? GLU A 79  ? LYS A 243 GLU A 252 1 ? 10 
HELX_P HELX_P5 5 VAL A 89  ? HIS A 95  ? VAL A 262 HIS A 268 5 ? 7  
HELX_P HELX_P6 6 SER A 97  ? GLY A 102 ? SER A 270 GLY A 275 1 ? 6  
HELX_P HELX_P7 7 THR A 111 ? GLU A 123 ? THR A 284 GLU A 296 1 ? 13 
HELX_P HELX_P8 8 LEU A 142 ? VAL A 150 ? LEU A 315 VAL A 323 1 ? 9  
# 
_struct_conf_type.id          HELX_P 
_struct_conf_type.criteria    ? 
_struct_conf_type.reference   ? 
# 
_struct_mon_prot_cis.pdbx_id                1 
_struct_mon_prot_cis.label_comp_id          PHE 
_struct_mon_prot_cis.label_seq_id           10 
_struct_mon_prot_cis.label_asym_id          A 
_struct_mon_prot_cis.label_alt_id           . 
_struct_mon_prot_cis.pdbx_PDB_ins_code      ? 
_struct_mon_prot_cis.auth_comp_id           PHE 
_struct_mon_prot_cis.auth_seq_id            183 
_struct_mon_prot_cis.auth_asym_id           A 
_struct_mon_prot_cis.pdbx_label_comp_id_2   PRO 
_struct_mon_prot_cis.pdbx_label_seq_id_2    11 
_struct_mon_prot_cis.pdbx_label_asym_id_2   A 
_struct_mon_prot_cis.pdbx_PDB_ins_code_2    ? 
_struct_mon_prot_cis.pdbx_auth_comp_id_2    PRO 
_struct_mon_prot_cis.pdbx_auth_seq_id_2     184 
_struct_mon_prot_cis.pdbx_auth_asym_id_2    A 
_struct_mon_prot_cis.pdbx_PDB_model_num     1 
_struct_mon_prot_cis.pdbx_omega_angle       -6.31 
# 
loop_
_struct_sheet.id 
_struct_sheet.type 
_struct_sheet.number_strands 
_struct_sheet.details 
AA ? 3 ? 
AB ? 3 ? 
# 
loop_
_struct_sheet_order.sheet_id 
_struct_sheet_order.range_id_1 
_struct_sheet_order.range_id_2 
_struct_sheet_order.offset 
_struct_sheet_order.sense 
AA 1 2 ? parallel      
AA 2 3 ? anti-parallel 
AB 1 2 ? parallel      
AB 2 3 ? anti-parallel 
# 
loop_
_struct_sheet_range.sheet_id 
_struct_sheet_range.id 
_struct_sheet_range.beg_label_comp_id 
_struct_sheet_range.beg_label_asym_id 
_struct_sheet_range.beg_label_seq_id 
_struct_sheet_range.pdbx_beg_PDB_ins_code 
_struct_sheet_range.end_label_comp_id 
_struct_sheet_range.end_label_asym_id 
_struct_sheet_range.end_label_seq_id 
_struct_sheet_range.pdbx_end_PDB_ins_code 
_struct_sheet_range.beg_auth_comp_id 
_struct_sheet_range.beg_auth_asym_id 
_struct_sheet_range.beg_auth_seq_id 
_struct_sheet_range.end_auth_comp_id 
_struct_sheet_range.end_auth_asym_id 
_struct_sheet_range.end_auth_seq_id 
AA 1 VAL A 34  ? ARG A 35  ? VAL A 207 ARG A 208 
AA 2 ALA A 54  ? VAL A 58  ? ALA A 227 VAL A 231 
AA 3 VAL A 64  ? SER A 69  ? VAL A 237 SER A 242 
AB 1 LYS A 105 ? CYS A 106 ? LYS A 278 CYS A 279 
AB 2 ARG A 126 ? VAL A 130 ? ARG A 299 VAL A 303 
AB 3 VAL A 136 ? SER A 141 ? VAL A 309 SER A 314 
# 
loop_
_pdbx_struct_sheet_hbond.sheet_id 
_pdbx_struct_sheet_hbond.range_id_1 
_pdbx_struct_sheet_hbond.range_id_2 
_pdbx_struct_sheet_hbond.range_1_label_atom_id 
_pdbx_struct_sheet_hbond.range_1_label_comp_id 
_pdbx_struct_sheet_hbond.range_1_label_asym_id 
_pdbx_struct_sheet_hbond.range_1_label_seq_id 
_pdbx_struct_sheet_hbond.range_1_PDB_ins_code 
_pdbx_struct_sheet_hbond.range_1_auth_atom_id 
_pdbx_struct_sheet_hbond.range_1_auth_comp_id 
_pdbx_struct_sheet_hbond.range_1_auth_asym_id 
_pdbx_struct_sheet_hbond.range_1_auth_seq_id 
_pdbx_struct_sheet_hbond.range_2_label_atom_id 
_pdbx_struct_sheet_hbond.range_2_label_comp_id 
_pdbx_struct_sheet_hbond.range_2_label_asym_id 
_pdbx_struct_sheet_hbond.range_2_label_seq_id 
_pdbx_struct_sheet_hbond.range_2_PDB_ins_code 
_pdbx_struct_sheet_hbond.range_2_auth_atom_id 
_pdbx_struct_sheet_hbond.range_2_auth_comp_id 
_pdbx_struct_sheet_hbond.range_2_auth_asym_id 
_pdbx_struct_sheet_hbond.range_2_auth_seq_id 
AA 1 2 N VAL A 34  ? N VAL A 207 O PRO A 56  ? O PRO A 229 
AA 2 3 O VAL A 57  ? O VAL A 230 N VAL A 65  ? N VAL A 238 
AB 1 2 N CYS A 106 ? N CYS A 279 O VAL A 128 ? O VAL A 301 
AB 2 3 O VAL A 129 ? O VAL A 302 N LYS A 137 ? N LYS A 310 
# 
_struct_site.id                   AC1 
_struct_site.pdbx_evidence_code   Software 
_struct_site.pdbx_auth_asym_id    ? 
_struct_site.pdbx_auth_comp_id    ? 
_struct_site.pdbx_auth_seq_id     ? 
_struct_site.pdbx_auth_ins_code   ? 
_struct_site.pdbx_num_residues    18 
_struct_site.details              'BINDING SITE FOR RESIDUE AMP A1324' 
# 
loop_
_struct_site_gen.id 
_struct_site_gen.site_id 
_struct_site_gen.pdbx_num_res 
_struct_site_gen.label_comp_id 
_struct_site_gen.label_asym_id 
_struct_site_gen.label_seq_id 
_struct_site_gen.pdbx_auth_ins_code 
_struct_site_gen.auth_comp_id 
_struct_site_gen.auth_asym_id 
_struct_site_gen.auth_seq_id 
_struct_site_gen.label_atom_id 
_struct_site_gen.label_alt_id 
_struct_site_gen.symmetry 
_struct_site_gen.details 
1  AC1 18 THR A 27  ? THR A 200  . ? 1_555 ? 
2  AC1 18 ILE A 31  ? ILE A 204  . ? 1_555 ? 
3  AC1 18 ALA A 32  ? ALA A 205  . ? 1_555 ? 
4  AC1 18 SER A 53  ? SER A 226  . ? 1_555 ? 
5  AC1 18 ALA A 54  ? ALA A 227  . ? 1_555 ? 
6  AC1 18 ILE A 139 ? ILE A 312  . ? 1_555 ? 
7  AC1 18 SER A 141 ? SER A 314  . ? 1_555 ? 
8  AC1 18 SER A 143 ? SER A 316  . ? 1_555 ? 
9  AC1 18 ASP A 144 ? ASP A 317  . ? 1_555 ? 
10 AC1 18 HOH C .   ? HOH A 2060 . ? 1_555 ? 
11 AC1 18 HOH C .   ? HOH A 2242 . ? 1_555 ? 
12 AC1 18 HOH C .   ? HOH A 2243 . ? 1_555 ? 
13 AC1 18 HOH C .   ? HOH A 2245 . ? 1_555 ? 
14 AC1 18 HOH C .   ? HOH A 2246 . ? 1_555 ? 
15 AC1 18 HOH C .   ? HOH A 2247 . ? 1_555 ? 
16 AC1 18 HOH C .   ? HOH A 2248 . ? 1_555 ? 
17 AC1 18 HOH C .   ? HOH A 2250 . ? 1_555 ? 
18 AC1 18 HOH C .   ? HOH A 2251 . ? 1_555 ? 
# 
loop_
_pdbx_validate_close_contact.id 
_pdbx_validate_close_contact.PDB_model_num 
_pdbx_validate_close_contact.auth_atom_id_1 
_pdbx_validate_close_contact.auth_asym_id_1 
_pdbx_validate_close_contact.auth_comp_id_1 
_pdbx_validate_close_contact.auth_seq_id_1 
_pdbx_validate_close_contact.PDB_ins_code_1 
_pdbx_validate_close_contact.label_alt_id_1 
_pdbx_validate_close_contact.auth_atom_id_2 
_pdbx_validate_close_contact.auth_asym_id_2 
_pdbx_validate_close_contact.auth_comp_id_2 
_pdbx_validate_close_contact.auth_seq_id_2 
_pdbx_validate_close_contact.PDB_ins_code_2 
_pdbx_validate_close_contact.label_alt_id_2 
_pdbx_validate_close_contact.dist 
1 1 O A HOH 2095 ? ? O A HOH 2096 ? ? 2.10 
2 1 O A HOH 2122 ? ? O A HOH 2125 ? ? 2.19 
# 
loop_
_pdbx_validate_symm_contact.id 
_pdbx_validate_symm_contact.PDB_model_num 
_pdbx_validate_symm_contact.auth_atom_id_1 
_pdbx_validate_symm_contact.auth_asym_id_1 
_pdbx_validate_symm_contact.auth_comp_id_1 
_pdbx_validate_symm_contact.auth_seq_id_1 
_pdbx_validate_symm_contact.PDB_ins_code_1 
_pdbx_validate_symm_contact.label_alt_id_1 
_pdbx_validate_symm_contact.site_symmetry_1 
_pdbx_validate_symm_contact.auth_atom_id_2 
_pdbx_validate_symm_contact.auth_asym_id_2 
_pdbx_validate_symm_contact.auth_comp_id_2 
_pdbx_validate_symm_contact.auth_seq_id_2 
_pdbx_validate_symm_contact.PDB_ins_code_2 
_pdbx_validate_symm_contact.label_alt_id_2 
_pdbx_validate_symm_contact.site_symmetry_2 
_pdbx_validate_symm_contact.dist 
1 1 O A HOH 2100 ? ? 1_555 O A HOH 2230 ? ? 4_546 2.16 
2 1 O A HOH 2037 ? ? 1_555 O A HOH 2116 ? ? 4_556 2.18 
# 
_pdbx_validate_rmsd_bond.id                        1 
_pdbx_validate_rmsd_bond.PDB_model_num             1 
_pdbx_validate_rmsd_bond.auth_atom_id_1            C 
_pdbx_validate_rmsd_bond.auth_asym_id_1            A 
_pdbx_validate_rmsd_bond.auth_comp_id_1            HIS 
_pdbx_validate_rmsd_bond.auth_seq_id_1             -1 
_pdbx_validate_rmsd_bond.PDB_ins_code_1            ? 
_pdbx_validate_rmsd_bond.label_alt_id_1            ? 
_pdbx_validate_rmsd_bond.auth_atom_id_2            N 
_pdbx_validate_rmsd_bond.auth_asym_id_2            A 
_pdbx_validate_rmsd_bond.auth_comp_id_2            GLU 
_pdbx_validate_rmsd_bond.auth_seq_id_2             182 
_pdbx_validate_rmsd_bond.PDB_ins_code_2            ? 
_pdbx_validate_rmsd_bond.label_alt_id_2            ? 
_pdbx_validate_rmsd_bond.bond_value                1.548 
_pdbx_validate_rmsd_bond.bond_target_value         1.336 
_pdbx_validate_rmsd_bond.bond_deviation            0.212 
_pdbx_validate_rmsd_bond.bond_standard_deviation   0.023 
_pdbx_validate_rmsd_bond.linker_flag               Y 
# 
loop_
_pdbx_validate_rmsd_angle.id 
_pdbx_validate_rmsd_angle.PDB_model_num 
_pdbx_validate_rmsd_angle.auth_atom_id_1 
_pdbx_validate_rmsd_angle.auth_asym_id_1 
_pdbx_validate_rmsd_angle.auth_comp_id_1 
_pdbx_validate_rmsd_angle.auth_seq_id_1 
_pdbx_validate_rmsd_angle.PDB_ins_code_1 
_pdbx_validate_rmsd_angle.label_alt_id_1 
_pdbx_validate_rmsd_angle.auth_atom_id_2 
_pdbx_validate_rmsd_angle.auth_asym_id_2 
_pdbx_validate_rmsd_angle.auth_comp_id_2 
_pdbx_validate_rmsd_angle.auth_seq_id_2 
_pdbx_validate_rmsd_angle.PDB_ins_code_2 
_pdbx_validate_rmsd_angle.label_alt_id_2 
_pdbx_validate_rmsd_angle.auth_atom_id_3 
_pdbx_validate_rmsd_angle.auth_asym_id_3 
_pdbx_validate_rmsd_angle.auth_comp_id_3 
_pdbx_validate_rmsd_angle.auth_seq_id_3 
_pdbx_validate_rmsd_angle.PDB_ins_code_3 
_pdbx_validate_rmsd_angle.label_alt_id_3 
_pdbx_validate_rmsd_angle.angle_value 
_pdbx_validate_rmsd_angle.angle_target_value 
_pdbx_validate_rmsd_angle.angle_deviation 
_pdbx_validate_rmsd_angle.angle_standard_deviation 
_pdbx_validate_rmsd_angle.linker_flag 
1 1 CA A HIS -1 ? ? C A HIS -1 ? ? N A GLU 182 ? ? 103.19 117.20 -14.01 2.20 Y 
2 1 O  A HIS -1 ? ? C A HIS -1 ? ? N A GLU 182 ? ? 134.00 122.70 11.30  1.60 Y 
# 
loop_
_pdbx_validate_torsion.id 
_pdbx_validate_torsion.PDB_model_num 
_pdbx_validate_torsion.auth_comp_id 
_pdbx_validate_torsion.auth_asym_id 
_pdbx_validate_torsion.auth_seq_id 
_pdbx_validate_torsion.PDB_ins_code 
_pdbx_validate_torsion.label_alt_id 
_pdbx_validate_torsion.phi 
_pdbx_validate_torsion.psi 
1 1 ARG A 224 ? ? 64.89   60.08  
2 1 ARG A 269 ? ? -172.34 149.12 
# 
_pdbx_distant_solvent_atoms.id                                1 
_pdbx_distant_solvent_atoms.PDB_model_num                     1 
_pdbx_distant_solvent_atoms.auth_atom_id                      O 
_pdbx_distant_solvent_atoms.label_alt_id                      ? 
_pdbx_distant_solvent_atoms.auth_asym_id                      A 
_pdbx_distant_solvent_atoms.auth_comp_id                      HOH 
_pdbx_distant_solvent_atoms.auth_seq_id                       2204 
_pdbx_distant_solvent_atoms.PDB_ins_code                      ? 
_pdbx_distant_solvent_atoms.neighbor_macromolecule_distance   6.13 
_pdbx_distant_solvent_atoms.neighbor_ligand_distance          . 
# 
loop_
_pdbx_unobs_or_zero_occ_residues.id 
_pdbx_unobs_or_zero_occ_residues.PDB_model_num 
_pdbx_unobs_or_zero_occ_residues.polymer_flag 
_pdbx_unobs_or_zero_occ_residues.occupancy_flag 
_pdbx_unobs_or_zero_occ_residues.auth_asym_id 
_pdbx_unobs_or_zero_occ_residues.auth_comp_id 
_pdbx_unobs_or_zero_occ_residues.auth_seq_id 
_pdbx_unobs_or_zero_occ_residues.PDB_ins_code 
_pdbx_unobs_or_zero_occ_residues.label_asym_id 
_pdbx_unobs_or_zero_occ_residues.label_comp_id 
_pdbx_unobs_or_zero_occ_residues.label_seq_id 
1 1 Y 1 A MET -8  ? A MET 1   
2 1 Y 1 A ALA -7  ? A ALA 2   
3 1 Y 1 A HIS -6  ? A HIS 3   
4 1 Y 1 A HIS -5  ? A HIS 4   
5 1 Y 1 A HIS -4  ? A HIS 5   
6 1 Y 1 A HIS -3  ? A HIS 6   
7 1 Y 1 A HIS -2  ? A HIS 7   
8 1 Y 1 A THR 325 ? A THR 152 
# 
loop_
_chem_comp_atom.comp_id 
_chem_comp_atom.atom_id 
_chem_comp_atom.type_symbol 
_chem_comp_atom.pdbx_aromatic_flag 
_chem_comp_atom.pdbx_stereo_config 
_chem_comp_atom.pdbx_ordinal 
ALA N      N N N 1   
ALA CA     C N S 2   
ALA C      C N N 3   
ALA O      O N N 4   
ALA CB     C N N 5   
ALA OXT    O N N 6   
ALA H      H N N 7   
ALA H2     H N N 8   
ALA HA     H N N 9   
ALA HB1    H N N 10  
ALA HB2    H N N 11  
ALA HB3    H N N 12  
ALA HXT    H N N 13  
AMP P      P N N 14  
AMP O1P    O N N 15  
AMP O2P    O N N 16  
AMP O3P    O N N 17  
AMP "O5'"  O N N 18  
AMP "C5'"  C N N 19  
AMP "C4'"  C N R 20  
AMP "O4'"  O N N 21  
AMP "C3'"  C N S 22  
AMP "O3'"  O N N 23  
AMP "C2'"  C N R 24  
AMP "O2'"  O N N 25  
AMP "C1'"  C N R 26  
AMP N9     N Y N 27  
AMP C8     C Y N 28  
AMP N7     N Y N 29  
AMP C5     C Y N 30  
AMP C6     C Y N 31  
AMP N6     N N N 32  
AMP N1     N Y N 33  
AMP C2     C Y N 34  
AMP N3     N Y N 35  
AMP C4     C Y N 36  
AMP HOP2   H N N 37  
AMP HOP3   H N N 38  
AMP "H5'1" H N N 39  
AMP "H5'2" H N N 40  
AMP "H4'"  H N N 41  
AMP "H3'"  H N N 42  
AMP "HO3'" H N N 43  
AMP "H2'"  H N N 44  
AMP "HO2'" H N N 45  
AMP "H1'"  H N N 46  
AMP H8     H N N 47  
AMP HN61   H N N 48  
AMP HN62   H N N 49  
AMP H2     H N N 50  
ARG N      N N N 51  
ARG CA     C N S 52  
ARG C      C N N 53  
ARG O      O N N 54  
ARG CB     C N N 55  
ARG CG     C N N 56  
ARG CD     C N N 57  
ARG NE     N N N 58  
ARG CZ     C N N 59  
ARG NH1    N N N 60  
ARG NH2    N N N 61  
ARG OXT    O N N 62  
ARG H      H N N 63  
ARG H2     H N N 64  
ARG HA     H N N 65  
ARG HB2    H N N 66  
ARG HB3    H N N 67  
ARG HG2    H N N 68  
ARG HG3    H N N 69  
ARG HD2    H N N 70  
ARG HD3    H N N 71  
ARG HE     H N N 72  
ARG HH11   H N N 73  
ARG HH12   H N N 74  
ARG HH21   H N N 75  
ARG HH22   H N N 76  
ARG HXT    H N N 77  
ASN N      N N N 78  
ASN CA     C N S 79  
ASN C      C N N 80  
ASN O      O N N 81  
ASN CB     C N N 82  
ASN CG     C N N 83  
ASN OD1    O N N 84  
ASN ND2    N N N 85  
ASN OXT    O N N 86  
ASN H      H N N 87  
ASN H2     H N N 88  
ASN HA     H N N 89  
ASN HB2    H N N 90  
ASN HB3    H N N 91  
ASN HD21   H N N 92  
ASN HD22   H N N 93  
ASN HXT    H N N 94  
ASP N      N N N 95  
ASP CA     C N S 96  
ASP C      C N N 97  
ASP O      O N N 98  
ASP CB     C N N 99  
ASP CG     C N N 100 
ASP OD1    O N N 101 
ASP OD2    O N N 102 
ASP OXT    O N N 103 
ASP H      H N N 104 
ASP H2     H N N 105 
ASP HA     H N N 106 
ASP HB2    H N N 107 
ASP HB3    H N N 108 
ASP HD2    H N N 109 
ASP HXT    H N N 110 
CYS N      N N N 111 
CYS CA     C N R 112 
CYS C      C N N 113 
CYS O      O N N 114 
CYS CB     C N N 115 
CYS SG     S N N 116 
CYS OXT    O N N 117 
CYS H      H N N 118 
CYS H2     H N N 119 
CYS HA     H N N 120 
CYS HB2    H N N 121 
CYS HB3    H N N 122 
CYS HG     H N N 123 
CYS HXT    H N N 124 
GLN N      N N N 125 
GLN CA     C N S 126 
GLN C      C N N 127 
GLN O      O N N 128 
GLN CB     C N N 129 
GLN CG     C N N 130 
GLN CD     C N N 131 
GLN OE1    O N N 132 
GLN NE2    N N N 133 
GLN OXT    O N N 134 
GLN H      H N N 135 
GLN H2     H N N 136 
GLN HA     H N N 137 
GLN HB2    H N N 138 
GLN HB3    H N N 139 
GLN HG2    H N N 140 
GLN HG3    H N N 141 
GLN HE21   H N N 142 
GLN HE22   H N N 143 
GLN HXT    H N N 144 
GLU N      N N N 145 
GLU CA     C N S 146 
GLU C      C N N 147 
GLU O      O N N 148 
GLU CB     C N N 149 
GLU CG     C N N 150 
GLU CD     C N N 151 
GLU OE1    O N N 152 
GLU OE2    O N N 153 
GLU OXT    O N N 154 
GLU H      H N N 155 
GLU H2     H N N 156 
GLU HA     H N N 157 
GLU HB2    H N N 158 
GLU HB3    H N N 159 
GLU HG2    H N N 160 
GLU HG3    H N N 161 
GLU HE2    H N N 162 
GLU HXT    H N N 163 
GLY N      N N N 164 
GLY CA     C N N 165 
GLY C      C N N 166 
GLY O      O N N 167 
GLY OXT    O N N 168 
GLY H      H N N 169 
GLY H2     H N N 170 
GLY HA2    H N N 171 
GLY HA3    H N N 172 
GLY HXT    H N N 173 
HIS N      N N N 174 
HIS CA     C N S 175 
HIS C      C N N 176 
HIS O      O N N 177 
HIS CB     C N N 178 
HIS CG     C Y N 179 
HIS ND1    N Y N 180 
HIS CD2    C Y N 181 
HIS CE1    C Y N 182 
HIS NE2    N Y N 183 
HIS OXT    O N N 184 
HIS H      H N N 185 
HIS H2     H N N 186 
HIS HA     H N N 187 
HIS HB2    H N N 188 
HIS HB3    H N N 189 
HIS HD1    H N N 190 
HIS HD2    H N N 191 
HIS HE1    H N N 192 
HIS HE2    H N N 193 
HIS HXT    H N N 194 
HOH O      O N N 195 
HOH H1     H N N 196 
HOH H2     H N N 197 
ILE N      N N N 198 
ILE CA     C N S 199 
ILE C      C N N 200 
ILE O      O N N 201 
ILE CB     C N S 202 
ILE CG1    C N N 203 
ILE CG2    C N N 204 
ILE CD1    C N N 205 
ILE OXT    O N N 206 
ILE H      H N N 207 
ILE H2     H N N 208 
ILE HA     H N N 209 
ILE HB     H N N 210 
ILE HG12   H N N 211 
ILE HG13   H N N 212 
ILE HG21   H N N 213 
ILE HG22   H N N 214 
ILE HG23   H N N 215 
ILE HD11   H N N 216 
ILE HD12   H N N 217 
ILE HD13   H N N 218 
ILE HXT    H N N 219 
LEU N      N N N 220 
LEU CA     C N S 221 
LEU C      C N N 222 
LEU O      O N N 223 
LEU CB     C N N 224 
LEU CG     C N N 225 
LEU CD1    C N N 226 
LEU CD2    C N N 227 
LEU OXT    O N N 228 
LEU H      H N N 229 
LEU H2     H N N 230 
LEU HA     H N N 231 
LEU HB2    H N N 232 
LEU HB3    H N N 233 
LEU HG     H N N 234 
LEU HD11   H N N 235 
LEU HD12   H N N 236 
LEU HD13   H N N 237 
LEU HD21   H N N 238 
LEU HD22   H N N 239 
LEU HD23   H N N 240 
LEU HXT    H N N 241 
LYS N      N N N 242 
LYS CA     C N S 243 
LYS C      C N N 244 
LYS O      O N N 245 
LYS CB     C N N 246 
LYS CG     C N N 247 
LYS CD     C N N 248 
LYS CE     C N N 249 
LYS NZ     N N N 250 
LYS OXT    O N N 251 
LYS H      H N N 252 
LYS H2     H N N 253 
LYS HA     H N N 254 
LYS HB2    H N N 255 
LYS HB3    H N N 256 
LYS HG2    H N N 257 
LYS HG3    H N N 258 
LYS HD2    H N N 259 
LYS HD3    H N N 260 
LYS HE2    H N N 261 
LYS HE3    H N N 262 
LYS HZ1    H N N 263 
LYS HZ2    H N N 264 
LYS HZ3    H N N 265 
LYS HXT    H N N 266 
MET N      N N N 267 
MET CA     C N S 268 
MET C      C N N 269 
MET O      O N N 270 
MET CB     C N N 271 
MET CG     C N N 272 
MET SD     S N N 273 
MET CE     C N N 274 
MET OXT    O N N 275 
MET H      H N N 276 
MET H2     H N N 277 
MET HA     H N N 278 
MET HB2    H N N 279 
MET HB3    H N N 280 
MET HG2    H N N 281 
MET HG3    H N N 282 
MET HE1    H N N 283 
MET HE2    H N N 284 
MET HE3    H N N 285 
MET HXT    H N N 286 
PHE N      N N N 287 
PHE CA     C N S 288 
PHE C      C N N 289 
PHE O      O N N 290 
PHE CB     C N N 291 
PHE CG     C Y N 292 
PHE CD1    C Y N 293 
PHE CD2    C Y N 294 
PHE CE1    C Y N 295 
PHE CE2    C Y N 296 
PHE CZ     C Y N 297 
PHE OXT    O N N 298 
PHE H      H N N 299 
PHE H2     H N N 300 
PHE HA     H N N 301 
PHE HB2    H N N 302 
PHE HB3    H N N 303 
PHE HD1    H N N 304 
PHE HD2    H N N 305 
PHE HE1    H N N 306 
PHE HE2    H N N 307 
PHE HZ     H N N 308 
PHE HXT    H N N 309 
PRO N      N N N 310 
PRO CA     C N S 311 
PRO C      C N N 312 
PRO O      O N N 313 
PRO CB     C N N 314 
PRO CG     C N N 315 
PRO CD     C N N 316 
PRO OXT    O N N 317 
PRO H      H N N 318 
PRO HA     H N N 319 
PRO HB2    H N N 320 
PRO HB3    H N N 321 
PRO HG2    H N N 322 
PRO HG3    H N N 323 
PRO HD2    H N N 324 
PRO HD3    H N N 325 
PRO HXT    H N N 326 
SER N      N N N 327 
SER CA     C N S 328 
SER C      C N N 329 
SER O      O N N 330 
SER CB     C N N 331 
SER OG     O N N 332 
SER OXT    O N N 333 
SER H      H N N 334 
SER H2     H N N 335 
SER HA     H N N 336 
SER HB2    H N N 337 
SER HB3    H N N 338 
SER HG     H N N 339 
SER HXT    H N N 340 
THR N      N N N 341 
THR CA     C N S 342 
THR C      C N N 343 
THR O      O N N 344 
THR CB     C N R 345 
THR OG1    O N N 346 
THR CG2    C N N 347 
THR OXT    O N N 348 
THR H      H N N 349 
THR H2     H N N 350 
THR HA     H N N 351 
THR HB     H N N 352 
THR HG1    H N N 353 
THR HG21   H N N 354 
THR HG22   H N N 355 
THR HG23   H N N 356 
THR HXT    H N N 357 
TYR N      N N N 358 
TYR CA     C N S 359 
TYR C      C N N 360 
TYR O      O N N 361 
TYR CB     C N N 362 
TYR CG     C Y N 363 
TYR CD1    C Y N 364 
TYR CD2    C Y N 365 
TYR CE1    C Y N 366 
TYR CE2    C Y N 367 
TYR CZ     C Y N 368 
TYR OH     O N N 369 
TYR OXT    O N N 370 
TYR H      H N N 371 
TYR H2     H N N 372 
TYR HA     H N N 373 
TYR HB2    H N N 374 
TYR HB3    H N N 375 
TYR HD1    H N N 376 
TYR HD2    H N N 377 
TYR HE1    H N N 378 
TYR HE2    H N N 379 
TYR HH     H N N 380 
TYR HXT    H N N 381 
VAL N      N N N 382 
VAL CA     C N S 383 
VAL C      C N N 384 
VAL O      O N N 385 
VAL CB     C N N 386 
VAL CG1    C N N 387 
VAL CG2    C N N 388 
VAL OXT    O N N 389 
VAL H      H N N 390 
VAL H2     H N N 391 
VAL HA     H N N 392 
VAL HB     H N N 393 
VAL HG11   H N N 394 
VAL HG12   H N N 395 
VAL HG13   H N N 396 
VAL HG21   H N N 397 
VAL HG22   H N N 398 
VAL HG23   H N N 399 
VAL HXT    H N N 400 
# 
loop_
_chem_comp_bond.comp_id 
_chem_comp_bond.atom_id_1 
_chem_comp_bond.atom_id_2 
_chem_comp_bond.value_order 
_chem_comp_bond.pdbx_aromatic_flag 
_chem_comp_bond.pdbx_stereo_config 
_chem_comp_bond.pdbx_ordinal 
ALA N     CA     sing N N 1   
ALA N     H      sing N N 2   
ALA N     H2     sing N N 3   
ALA CA    C      sing N N 4   
ALA CA    CB     sing N N 5   
ALA CA    HA     sing N N 6   
ALA C     O      doub N N 7   
ALA C     OXT    sing N N 8   
ALA CB    HB1    sing N N 9   
ALA CB    HB2    sing N N 10  
ALA CB    HB3    sing N N 11  
ALA OXT   HXT    sing N N 12  
AMP P     O1P    doub N N 13  
AMP P     O2P    sing N N 14  
AMP P     O3P    sing N N 15  
AMP P     "O5'"  sing N N 16  
AMP O2P   HOP2   sing N N 17  
AMP O3P   HOP3   sing N N 18  
AMP "O5'" "C5'"  sing N N 19  
AMP "C5'" "C4'"  sing N N 20  
AMP "C5'" "H5'1" sing N N 21  
AMP "C5'" "H5'2" sing N N 22  
AMP "C4'" "O4'"  sing N N 23  
AMP "C4'" "C3'"  sing N N 24  
AMP "C4'" "H4'"  sing N N 25  
AMP "O4'" "C1'"  sing N N 26  
AMP "C3'" "O3'"  sing N N 27  
AMP "C3'" "C2'"  sing N N 28  
AMP "C3'" "H3'"  sing N N 29  
AMP "O3'" "HO3'" sing N N 30  
AMP "C2'" "O2'"  sing N N 31  
AMP "C2'" "C1'"  sing N N 32  
AMP "C2'" "H2'"  sing N N 33  
AMP "O2'" "HO2'" sing N N 34  
AMP "C1'" N9     sing N N 35  
AMP "C1'" "H1'"  sing N N 36  
AMP N9    C8     sing Y N 37  
AMP N9    C4     sing Y N 38  
AMP C8    N7     doub Y N 39  
AMP C8    H8     sing N N 40  
AMP N7    C5     sing Y N 41  
AMP C5    C6     sing Y N 42  
AMP C5    C4     doub Y N 43  
AMP C6    N6     sing N N 44  
AMP C6    N1     doub Y N 45  
AMP N6    HN61   sing N N 46  
AMP N6    HN62   sing N N 47  
AMP N1    C2     sing Y N 48  
AMP C2    N3     doub Y N 49  
AMP C2    H2     sing N N 50  
AMP N3    C4     sing Y N 51  
ARG N     CA     sing N N 52  
ARG N     H      sing N N 53  
ARG N     H2     sing N N 54  
ARG CA    C      sing N N 55  
ARG CA    CB     sing N N 56  
ARG CA    HA     sing N N 57  
ARG C     O      doub N N 58  
ARG C     OXT    sing N N 59  
ARG CB    CG     sing N N 60  
ARG CB    HB2    sing N N 61  
ARG CB    HB3    sing N N 62  
ARG CG    CD     sing N N 63  
ARG CG    HG2    sing N N 64  
ARG CG    HG3    sing N N 65  
ARG CD    NE     sing N N 66  
ARG CD    HD2    sing N N 67  
ARG CD    HD3    sing N N 68  
ARG NE    CZ     sing N N 69  
ARG NE    HE     sing N N 70  
ARG CZ    NH1    sing N N 71  
ARG CZ    NH2    doub N N 72  
ARG NH1   HH11   sing N N 73  
ARG NH1   HH12   sing N N 74  
ARG NH2   HH21   sing N N 75  
ARG NH2   HH22   sing N N 76  
ARG OXT   HXT    sing N N 77  
ASN N     CA     sing N N 78  
ASN N     H      sing N N 79  
ASN N     H2     sing N N 80  
ASN CA    C      sing N N 81  
ASN CA    CB     sing N N 82  
ASN CA    HA     sing N N 83  
ASN C     O      doub N N 84  
ASN C     OXT    sing N N 85  
ASN CB    CG     sing N N 86  
ASN CB    HB2    sing N N 87  
ASN CB    HB3    sing N N 88  
ASN CG    OD1    doub N N 89  
ASN CG    ND2    sing N N 90  
ASN ND2   HD21   sing N N 91  
ASN ND2   HD22   sing N N 92  
ASN OXT   HXT    sing N N 93  
ASP N     CA     sing N N 94  
ASP N     H      sing N N 95  
ASP N     H2     sing N N 96  
ASP CA    C      sing N N 97  
ASP CA    CB     sing N N 98  
ASP CA    HA     sing N N 99  
ASP C     O      doub N N 100 
ASP C     OXT    sing N N 101 
ASP CB    CG     sing N N 102 
ASP CB    HB2    sing N N 103 
ASP CB    HB3    sing N N 104 
ASP CG    OD1    doub N N 105 
ASP CG    OD2    sing N N 106 
ASP OD2   HD2    sing N N 107 
ASP OXT   HXT    sing N N 108 
CYS N     CA     sing N N 109 
CYS N     H      sing N N 110 
CYS N     H2     sing N N 111 
CYS CA    C      sing N N 112 
CYS CA    CB     sing N N 113 
CYS CA    HA     sing N N 114 
CYS C     O      doub N N 115 
CYS C     OXT    sing N N 116 
CYS CB    SG     sing N N 117 
CYS CB    HB2    sing N N 118 
CYS CB    HB3    sing N N 119 
CYS SG    HG     sing N N 120 
CYS OXT   HXT    sing N N 121 
GLN N     CA     sing N N 122 
GLN N     H      sing N N 123 
GLN N     H2     sing N N 124 
GLN CA    C      sing N N 125 
GLN CA    CB     sing N N 126 
GLN CA    HA     sing N N 127 
GLN C     O      doub N N 128 
GLN C     OXT    sing N N 129 
GLN CB    CG     sing N N 130 
GLN CB    HB2    sing N N 131 
GLN CB    HB3    sing N N 132 
GLN CG    CD     sing N N 133 
GLN CG    HG2    sing N N 134 
GLN CG    HG3    sing N N 135 
GLN CD    OE1    doub N N 136 
GLN CD    NE2    sing N N 137 
GLN NE2   HE21   sing N N 138 
GLN NE2   HE22   sing N N 139 
GLN OXT   HXT    sing N N 140 
GLU N     CA     sing N N 141 
GLU N     H      sing N N 142 
GLU N     H2     sing N N 143 
GLU CA    C      sing N N 144 
GLU CA    CB     sing N N 145 
GLU CA    HA     sing N N 146 
GLU C     O      doub N N 147 
GLU C     OXT    sing N N 148 
GLU CB    CG     sing N N 149 
GLU CB    HB2    sing N N 150 
GLU CB    HB3    sing N N 151 
GLU CG    CD     sing N N 152 
GLU CG    HG2    sing N N 153 
GLU CG    HG3    sing N N 154 
GLU CD    OE1    doub N N 155 
GLU CD    OE2    sing N N 156 
GLU OE2   HE2    sing N N 157 
GLU OXT   HXT    sing N N 158 
GLY N     CA     sing N N 159 
GLY N     H      sing N N 160 
GLY N     H2     sing N N 161 
GLY CA    C      sing N N 162 
GLY CA    HA2    sing N N 163 
GLY CA    HA3    sing N N 164 
GLY C     O      doub N N 165 
GLY C     OXT    sing N N 166 
GLY OXT   HXT    sing N N 167 
HIS N     CA     sing N N 168 
HIS N     H      sing N N 169 
HIS N     H2     sing N N 170 
HIS CA    C      sing N N 171 
HIS CA    CB     sing N N 172 
HIS CA    HA     sing N N 173 
HIS C     O      doub N N 174 
HIS C     OXT    sing N N 175 
HIS CB    CG     sing N N 176 
HIS CB    HB2    sing N N 177 
HIS CB    HB3    sing N N 178 
HIS CG    ND1    sing Y N 179 
HIS CG    CD2    doub Y N 180 
HIS ND1   CE1    doub Y N 181 
HIS ND1   HD1    sing N N 182 
HIS CD2   NE2    sing Y N 183 
HIS CD2   HD2    sing N N 184 
HIS CE1   NE2    sing Y N 185 
HIS CE1   HE1    sing N N 186 
HIS NE2   HE2    sing N N 187 
HIS OXT   HXT    sing N N 188 
HOH O     H1     sing N N 189 
HOH O     H2     sing N N 190 
ILE N     CA     sing N N 191 
ILE N     H      sing N N 192 
ILE N     H2     sing N N 193 
ILE CA    C      sing N N 194 
ILE CA    CB     sing N N 195 
ILE CA    HA     sing N N 196 
ILE C     O      doub N N 197 
ILE C     OXT    sing N N 198 
ILE CB    CG1    sing N N 199 
ILE CB    CG2    sing N N 200 
ILE CB    HB     sing N N 201 
ILE CG1   CD1    sing N N 202 
ILE CG1   HG12   sing N N 203 
ILE CG1   HG13   sing N N 204 
ILE CG2   HG21   sing N N 205 
ILE CG2   HG22   sing N N 206 
ILE CG2   HG23   sing N N 207 
ILE CD1   HD11   sing N N 208 
ILE CD1   HD12   sing N N 209 
ILE CD1   HD13   sing N N 210 
ILE OXT   HXT    sing N N 211 
LEU N     CA     sing N N 212 
LEU N     H      sing N N 213 
LEU N     H2     sing N N 214 
LEU CA    C      sing N N 215 
LEU CA    CB     sing N N 216 
LEU CA    HA     sing N N 217 
LEU C     O      doub N N 218 
LEU C     OXT    sing N N 219 
LEU CB    CG     sing N N 220 
LEU CB    HB2    sing N N 221 
LEU CB    HB3    sing N N 222 
LEU CG    CD1    sing N N 223 
LEU CG    CD2    sing N N 224 
LEU CG    HG     sing N N 225 
LEU CD1   HD11   sing N N 226 
LEU CD1   HD12   sing N N 227 
LEU CD1   HD13   sing N N 228 
LEU CD2   HD21   sing N N 229 
LEU CD2   HD22   sing N N 230 
LEU CD2   HD23   sing N N 231 
LEU OXT   HXT    sing N N 232 
LYS N     CA     sing N N 233 
LYS N     H      sing N N 234 
LYS N     H2     sing N N 235 
LYS CA    C      sing N N 236 
LYS CA    CB     sing N N 237 
LYS CA    HA     sing N N 238 
LYS C     O      doub N N 239 
LYS C     OXT    sing N N 240 
LYS CB    CG     sing N N 241 
LYS CB    HB2    sing N N 242 
LYS CB    HB3    sing N N 243 
LYS CG    CD     sing N N 244 
LYS CG    HG2    sing N N 245 
LYS CG    HG3    sing N N 246 
LYS CD    CE     sing N N 247 
LYS CD    HD2    sing N N 248 
LYS CD    HD3    sing N N 249 
LYS CE    NZ     sing N N 250 
LYS CE    HE2    sing N N 251 
LYS CE    HE3    sing N N 252 
LYS NZ    HZ1    sing N N 253 
LYS NZ    HZ2    sing N N 254 
LYS NZ    HZ3    sing N N 255 
LYS OXT   HXT    sing N N 256 
MET N     CA     sing N N 257 
MET N     H      sing N N 258 
MET N     H2     sing N N 259 
MET CA    C      sing N N 260 
MET CA    CB     sing N N 261 
MET CA    HA     sing N N 262 
MET C     O      doub N N 263 
MET C     OXT    sing N N 264 
MET CB    CG     sing N N 265 
MET CB    HB2    sing N N 266 
MET CB    HB3    sing N N 267 
MET CG    SD     sing N N 268 
MET CG    HG2    sing N N 269 
MET CG    HG3    sing N N 270 
MET SD    CE     sing N N 271 
MET CE    HE1    sing N N 272 
MET CE    HE2    sing N N 273 
MET CE    HE3    sing N N 274 
MET OXT   HXT    sing N N 275 
PHE N     CA     sing N N 276 
PHE N     H      sing N N 277 
PHE N     H2     sing N N 278 
PHE CA    C      sing N N 279 
PHE CA    CB     sing N N 280 
PHE CA    HA     sing N N 281 
PHE C     O      doub N N 282 
PHE C     OXT    sing N N 283 
PHE CB    CG     sing N N 284 
PHE CB    HB2    sing N N 285 
PHE CB    HB3    sing N N 286 
PHE CG    CD1    doub Y N 287 
PHE CG    CD2    sing Y N 288 
PHE CD1   CE1    sing Y N 289 
PHE CD1   HD1    sing N N 290 
PHE CD2   CE2    doub Y N 291 
PHE CD2   HD2    sing N N 292 
PHE CE1   CZ     doub Y N 293 
PHE CE1   HE1    sing N N 294 
PHE CE2   CZ     sing Y N 295 
PHE CE2   HE2    sing N N 296 
PHE CZ    HZ     sing N N 297 
PHE OXT   HXT    sing N N 298 
PRO N     CA     sing N N 299 
PRO N     CD     sing N N 300 
PRO N     H      sing N N 301 
PRO CA    C      sing N N 302 
PRO CA    CB     sing N N 303 
PRO CA    HA     sing N N 304 
PRO C     O      doub N N 305 
PRO C     OXT    sing N N 306 
PRO CB    CG     sing N N 307 
PRO CB    HB2    sing N N 308 
PRO CB    HB3    sing N N 309 
PRO CG    CD     sing N N 310 
PRO CG    HG2    sing N N 311 
PRO CG    HG3    sing N N 312 
PRO CD    HD2    sing N N 313 
PRO CD    HD3    sing N N 314 
PRO OXT   HXT    sing N N 315 
SER N     CA     sing N N 316 
SER N     H      sing N N 317 
SER N     H2     sing N N 318 
SER CA    C      sing N N 319 
SER CA    CB     sing N N 320 
SER CA    HA     sing N N 321 
SER C     O      doub N N 322 
SER C     OXT    sing N N 323 
SER CB    OG     sing N N 324 
SER CB    HB2    sing N N 325 
SER CB    HB3    sing N N 326 
SER OG    HG     sing N N 327 
SER OXT   HXT    sing N N 328 
THR N     CA     sing N N 329 
THR N     H      sing N N 330 
THR N     H2     sing N N 331 
THR CA    C      sing N N 332 
THR CA    CB     sing N N 333 
THR CA    HA     sing N N 334 
THR C     O      doub N N 335 
THR C     OXT    sing N N 336 
THR CB    OG1    sing N N 337 
THR CB    CG2    sing N N 338 
THR CB    HB     sing N N 339 
THR OG1   HG1    sing N N 340 
THR CG2   HG21   sing N N 341 
THR CG2   HG22   sing N N 342 
THR CG2   HG23   sing N N 343 
THR OXT   HXT    sing N N 344 
TYR N     CA     sing N N 345 
TYR N     H      sing N N 346 
TYR N     H2     sing N N 347 
TYR CA    C      sing N N 348 
TYR CA    CB     sing N N 349 
TYR CA    HA     sing N N 350 
TYR C     O      doub N N 351 
TYR C     OXT    sing N N 352 
TYR CB    CG     sing N N 353 
TYR CB    HB2    sing N N 354 
TYR CB    HB3    sing N N 355 
TYR CG    CD1    doub Y N 356 
TYR CG    CD2    sing Y N 357 
TYR CD1   CE1    sing Y N 358 
TYR CD1   HD1    sing N N 359 
TYR CD2   CE2    doub Y N 360 
TYR CD2   HD2    sing N N 361 
TYR CE1   CZ     doub Y N 362 
TYR CE1   HE1    sing N N 363 
TYR CE2   CZ     sing Y N 364 
TYR CE2   HE2    sing N N 365 
TYR CZ    OH     sing N N 366 
TYR OH    HH     sing N N 367 
TYR OXT   HXT    sing N N 368 
VAL N     CA     sing N N 369 
VAL N     H      sing N N 370 
VAL N     H2     sing N N 371 
VAL CA    C      sing N N 372 
VAL CA    CB     sing N N 373 
VAL CA    HA     sing N N 374 
VAL C     O      doub N N 375 
VAL C     OXT    sing N N 376 
VAL CB    CG1    sing N N 377 
VAL CB    CG2    sing N N 378 
VAL CB    HB     sing N N 379 
VAL CG1   HG11   sing N N 380 
VAL CG1   HG12   sing N N 381 
VAL CG1   HG13   sing N N 382 
VAL CG2   HG21   sing N N 383 
VAL CG2   HG22   sing N N 384 
VAL CG2   HG23   sing N N 385 
VAL OXT   HXT    sing N N 386 
# 
_atom_sites.entry_id                    2UV4 
_atom_sites.fract_transf_matrix[1][1]   -0.00774343 
_atom_sites.fract_transf_matrix[1][2]   0.01337225 
_atom_sites.fract_transf_matrix[1][3]   -0.00769021 
_atom_sites.fract_transf_matrix[2][1]   -0.02026024 
_atom_sites.fract_transf_matrix[2][2]   -0.00737578 
_atom_sites.fract_transf_matrix[2][3]   0.00757495 
_atom_sites.fract_transf_matrix[3][1]   -0.00240656 
_atom_sites.fract_transf_matrix[3][2]   0.01743138 
_atom_sites.fract_transf_matrix[3][3]   0.01053639 
_atom_sites.fract_transf_vector[1]      0.450739 
_atom_sites.fract_transf_vector[2]      0.356450 
_atom_sites.fract_transf_vector[3]      0.655749 
# 
loop_
_atom_type.symbol 
C 
N 
O 
P 
S 
# 
loop_
_atom_site.group_PDB 
_atom_site.id 
_atom_site.type_symbol 
_atom_site.label_atom_id 
_atom_site.label_alt_id 
_atom_site.label_comp_id 
_atom_site.label_asym_id 
_atom_site.label_entity_id 
_atom_site.label_seq_id 
_atom_site.pdbx_PDB_ins_code 
_atom_site.Cartn_x 
_atom_site.Cartn_y 
_atom_site.Cartn_z 
_atom_site.occupancy 
_atom_site.B_iso_or_equiv 
_atom_site.pdbx_formal_charge 
_atom_site.auth_seq_id 
_atom_site.auth_comp_id 
_atom_site.auth_asym_id 
_atom_site.auth_atom_id 
_atom_site.pdbx_PDB_model_num 
ATOM   1    N N     . HIS A 1 8   ? -14.823 21.471  -18.022 1.00 31.96 ? -1   HIS A N     1 
ATOM   2    C CA    . HIS A 1 8   ? -14.895 20.142  -17.320 1.00 25.01 ? -1   HIS A CA    1 
ATOM   3    C C     . HIS A 1 8   ? -13.550 19.436  -17.364 1.00 18.21 ? -1   HIS A C     1 
ATOM   4    O O     . HIS A 1 8   ? -13.456 18.279  -17.765 1.00 20.06 ? -1   HIS A O     1 
ATOM   5    C CB    . HIS A 1 8   ? -15.969 19.259  -17.921 1.00 22.25 ? -1   HIS A CB    1 
ATOM   6    C CG    . HIS A 1 8   ? -15.869 19.099  -19.394 1.00 26.14 ? -1   HIS A CG    1 
ATOM   7    N ND1   . HIS A 1 8   ? -16.480 18.065  -20.072 1.00 32.66 ? -1   HIS A ND1   1 
ATOM   8    C CD2   . HIS A 1 8   ? -15.221 19.833  -20.326 1.00 27.23 ? -1   HIS A CD2   1 
ATOM   9    C CE1   . HIS A 1 8   ? -16.214 18.169  -21.360 1.00 36.88 ? -1   HIS A CE1   1 
ATOM   10   N NE2   . HIS A 1 8   ? -15.458 19.238  -21.543 1.00 37.76 ? -1   HIS A NE2   1 
ATOM   11   N N     . GLU A 1 9   ? -12.641 20.358  -16.516 1.00 16.26 ? 182  GLU A N     1 
ATOM   12   C CA    . GLU A 1 9   ? -11.272 19.867  -16.399 1.00 14.85 ? 182  GLU A CA    1 
ATOM   13   C C     . GLU A 1 9   ? -11.262 18.560  -15.620 1.00 17.28 ? 182  GLU A C     1 
ATOM   14   O O     . GLU A 1 9   ? -12.029 18.398  -14.660 1.00 17.11 ? 182  GLU A O     1 
ATOM   15   C CB    . GLU A 1 9   ? -10.396 20.886  -15.707 1.00 16.83 ? 182  GLU A CB    1 
ATOM   16   C CG    . GLU A 1 9   ? -8.968  20.446  -15.671 1.00 15.91 ? 182  GLU A CG    1 
ATOM   17   C CD    . GLU A 1 9   ? -8.016  21.458  -15.142 1.00 18.91 ? 182  GLU A CD    1 
ATOM   18   O OE1   . GLU A 1 9   ? -8.445  22.582  -14.808 1.00 19.50 ? 182  GLU A OE1   1 
ATOM   19   O OE2   . GLU A 1 9   ? -6.824  21.136  -15.077 1.00 21.24 ? 182  GLU A OE2   1 
ATOM   20   N N     . PHE A 1 10  ? -10.415 17.624  -16.055 1.00 15.10 ? 183  PHE A N     1 
ATOM   21   C CA    . PHE A 1 10  ? -10.181 16.388  -15.322 1.00 14.59 ? 183  PHE A CA    1 
ATOM   22   C C     . PHE A 1 10  ? -8.764  16.293  -14.824 1.00 13.44 ? 183  PHE A C     1 
ATOM   23   O O     . PHE A 1 10  ? -7.838  16.410  -15.647 1.00 17.49 ? 183  PHE A O     1 
ATOM   24   C CB    . PHE A 1 10  ? -10.428 15.177  -16.191 1.00 11.47 ? 183  PHE A CB    1 
ATOM   25   C CG    . PHE A 1 10  ? -10.178 13.890  -15.475 1.00 12.27 ? 183  PHE A CG    1 
ATOM   26   C CD1   . PHE A 1 10  ? -11.072 13.461  -14.500 1.00 15.07 ? 183  PHE A CD1   1 
ATOM   27   C CD2   . PHE A 1 10  ? -9.075  13.117  -15.738 1.00 12.41 ? 183  PHE A CD2   1 
ATOM   28   C CE1   . PHE A 1 10  ? -10.839 12.266  -13.800 1.00 13.21 ? 183  PHE A CE1   1 
ATOM   29   C CE2   . PHE A 1 10  ? -8.835  11.960  -15.033 1.00 11.70 ? 183  PHE A CE2   1 
ATOM   30   C CZ    . PHE A 1 10  ? -9.739  11.538  -14.074 1.00 12.50 ? 183  PHE A CZ    1 
ATOM   31   N N     . PRO A 1 11  ? -8.573  16.127  -13.509 1.00 16.11 ? 184  PRO A N     1 
ATOM   32   C CA    . PRO A 1 11  ? -9.642  16.164  -12.520 1.00 13.48 ? 184  PRO A CA    1 
ATOM   33   C C     . PRO A 1 11  ? -10.016 17.593  -12.216 1.00 15.68 ? 184  PRO A C     1 
ATOM   34   O O     . PRO A 1 11  ? -9.283  18.516  -12.590 1.00 15.02 ? 184  PRO A O     1 
ATOM   35   C CB    . PRO A 1 11  ? -8.994  15.535  -11.260 1.00 19.71 ? 184  PRO A CB    1 
ATOM   36   C CG    . PRO A 1 11  ? -7.728  15.036  -11.708 1.00 21.80 ? 184  PRO A CG    1 
ATOM   37   C CD    . PRO A 1 11  ? -7.290  15.888  -12.833 1.00 22.05 ? 184  PRO A CD    1 
ATOM   38   N N     . LYS A 1 12  ? -11.113 17.820  -11.491 1.00 16.46 ? 185  LYS A N     1 
ATOM   39   C CA    . LYS A 1 12  ? -11.443 19.217  -11.172 1.00 18.24 ? 185  LYS A CA    1 
ATOM   40   C C     . LYS A 1 12  ? -10.430 19.767  -10.210 1.00 17.01 ? 185  LYS A C     1 
ATOM   41   O O     . LYS A 1 12  ? -10.075 19.063  -9.253  1.00 16.26 ? 185  LYS A O     1 
ATOM   42   C CB    . LYS A 1 12  ? -12.833 19.353  -10.546 1.00 23.03 ? 185  LYS A CB    1 
ATOM   43   C CG    . LYS A 1 12  ? -13.916 19.609  -11.540 1.00 28.38 ? 185  LYS A CG    1 
ATOM   44   C CD    . LYS A 1 12  ? -15.282 19.730  -10.852 1.00 36.31 ? 185  LYS A CD    1 
ATOM   45   C CE    . LYS A 1 12  ? -16.206 18.601  -11.247 1.00 39.71 ? 185  LYS A CE    1 
ATOM   46   N NZ    . LYS A 1 12  ? -16.591 18.742  -12.680 1.00 41.54 ? 185  LYS A NZ    1 
ATOM   47   N N     . PRO A 1 13  ? -9.927  20.993  -10.427 1.00 15.94 ? 186  PRO A N     1 
ATOM   48   C CA    . PRO A 1 13  ? -8.994  21.540  -9.496  1.00 16.52 ? 186  PRO A CA    1 
ATOM   49   C C     . PRO A 1 13  ? -9.443  21.553  -8.046  1.00 16.79 ? 186  PRO A C     1 
ATOM   50   O O     . PRO A 1 13  ? -8.607  21.385  -7.169  1.00 17.09 ? 186  PRO A O     1 
ATOM   51   C CB    . PRO A 1 13  ? -8.747  22.957  -10.030 1.00 18.30 ? 186  PRO A CB    1 
ATOM   52   C CG    . PRO A 1 13  ? -8.948  22.781  -11.496 1.00 19.35 ? 186  PRO A CG    1 
ATOM   53   C CD    . PRO A 1 13  ? -10.074 21.870  -11.615 1.00 15.53 ? 186  PRO A CD    1 
ATOM   54   N N     . GLU A 1 14  ? -10.732 21.762  -7.804  1.00 19.56 ? 187  GLU A N     1 
ATOM   55   C CA    . GLU A 1 14  ? -11.240 21.819  -6.433  1.00 21.07 ? 187  GLU A CA    1 
ATOM   56   C C     . GLU A 1 14  ? -11.117 20.466  -5.751  1.00 20.20 ? 187  GLU A C     1 
ATOM   57   O O     . GLU A 1 14  ? -10.924 20.386  -4.534  1.00 24.63 ? 187  GLU A O     1 
ATOM   58   C CB    . GLU A 1 14  ? -12.682 22.320  -6.406  1.00 23.40 ? 187  GLU A CB    1 
ATOM   59   C CG    . GLU A 1 14  ? -13.628 21.670  -7.425  1.00 30.35 ? 187  GLU A CG    1 
ATOM   60   C CD    . GLU A 1 14  ? -13.873 22.528  -8.688  1.00 35.15 ? 187  GLU A CD    1 
ATOM   61   O OE1   . GLU A 1 14  ? -15.010 23.040  -8.814  1.00 41.78 ? 187  GLU A OE1   1 
ATOM   62   O OE2   . GLU A 1 14  ? -12.955 22.697  -9.543  1.00 28.23 ? 187  GLU A OE2   1 
ATOM   63   N N     . PHE A 1 15  ? -11.175 19.398  -6.517  1.00 14.94 ? 188  PHE A N     1 
ATOM   64   C CA    . PHE A 1 15  ? -10.937 18.055  -5.973  1.00 14.46 ? 188  PHE A CA    1 
ATOM   65   C C     . PHE A 1 15  ? -9.491  17.866  -5.602  1.00 13.32 ? 188  PHE A C     1 
ATOM   66   O O     . PHE A 1 15  ? -9.160  17.353  -4.534  1.00 12.82 ? 188  PHE A O     1 
ATOM   67   C CB    . PHE A 1 15  ? -11.330 17.042  -7.059  1.00 17.74 ? 188  PHE A CB    1 
ATOM   68   C CG    . PHE A 1 15  ? -11.022 15.616  -6.714  1.00 18.25 ? 188  PHE A CG    1 
ATOM   69   C CD1   . PHE A 1 15  ? -11.995 14.823  -6.160  1.00 18.61 ? 188  PHE A CD1   1 
ATOM   70   C CD2   . PHE A 1 15  ? -9.784  15.062  -7.000  1.00 18.93 ? 188  PHE A CD2   1 
ATOM   71   C CE1   . PHE A 1 15  ? -11.738 13.515  -5.836  1.00 19.21 ? 188  PHE A CE1   1 
ATOM   72   C CE2   . PHE A 1 15  ? -9.524  13.738  -6.683  1.00 20.72 ? 188  PHE A CE2   1 
ATOM   73   C CZ    . PHE A 1 15  ? -10.520 12.971  -6.115  1.00 18.44 ? 188  PHE A CZ    1 
ATOM   74   N N     . MET A 1 16  ? -8.602  18.274  -6.482  1.00 12.46 ? 189  MET A N     1 
ATOM   75   C CA    . MET A 1 16  ? -7.190  18.097  -6.294  1.00 11.90 ? 189  MET A CA    1 
ATOM   76   C C     . MET A 1 16  ? -6.675  18.843  -5.087  1.00 13.30 ? 189  MET A C     1 
ATOM   77   O O     . MET A 1 16  ? -5.685  18.410  -4.476  1.00 13.27 ? 189  MET A O     1 
ATOM   78   C CB    . MET A 1 16  ? -6.407  18.520  -7.543  1.00 13.62 ? 189  MET A CB    1 
ATOM   79   C CG    . MET A 1 16  ? -6.691  17.661  -8.748  1.00 14.46 ? 189  MET A CG    1 
ATOM   80   S SD    . MET A 1 16  ? -6.125  15.938  -8.518  1.00 14.93 ? 189  MET A SD    1 
ATOM   81   C CE    . MET A 1 16  ? -4.530  15.972  -9.334  1.00 16.36 ? 189  MET A CE    1 
ATOM   82   N N     . SER A 1 17  ? -7.306  19.971  -4.730  1.00 13.46 ? 190  SER A N     1 
ATOM   83   C CA    . SER A 1 17  ? -6.805  20.771  -3.621  1.00 14.18 ? 190  SER A CA    1 
ATOM   84   C C     . SER A 1 17  ? -7.334  20.305  -2.259  1.00 12.10 ? 190  SER A C     1 
ATOM   85   O O     . SER A 1 17  ? -6.879  20.818  -1.212  1.00 13.52 ? 190  SER A O     1 
ATOM   86   C CB    . SER A 1 17  ? -7.224  22.234  -3.823  1.00 14.37 ? 190  SER A CB    1 
ATOM   87   O OG    . SER A 1 17  ? -8.624  22.303  -3.715  1.00 22.97 ? 190  SER A OG    1 
ATOM   88   N N     . LYS A 1 18  ? -8.258  19.363  -2.249  1.00 11.47 ? 191  LYS A N     1 
ATOM   89   C CA    . LYS A 1 18  ? -8.853  18.875  -1.021  1.00 11.22 ? 191  LYS A CA    1 
ATOM   90   C C     . LYS A 1 18  ? -8.031  17.721  -0.450  1.00 12.57 ? 191  LYS A C     1 
ATOM   91   O O     . LYS A 1 18  ? -7.343  17.023  -1.184  1.00 11.49 ? 191  LYS A O     1 
ATOM   92   C CB    . LYS A 1 18  ? -10.283 18.439  -1.223  1.00 12.62 ? 191  LYS A CB    1 
ATOM   93   C CG    . LYS A 1 18  ? -11.249 19.597  -1.443  1.00 14.53 ? 191  LYS A CG    1 
ATOM   94   C CD    . LYS A 1 18  ? -12.667 19.134  -1.616  1.00 21.51 ? 191  LYS A CD    1 
ATOM   95   C CE    . LYS A 1 18  ? -13.600 20.310  -2.027  1.00 23.23 ? 191  LYS A CE    1 
ATOM   96   N NZ    . LYS A 1 18  ? -13.520 21.439  -1.066  1.00 32.39 ? 191  LYS A NZ    1 
ATOM   97   N N     . SER A 1 19  ? -8.143  17.510  0.852   1.00 10.48 ? 192  SER A N     1 
ATOM   98   C CA    . SER A 1 19  ? -7.383  16.462  1.482   1.00 10.04 ? 192  SER A CA    1 
ATOM   99   C C     . SER A 1 19  ? -8.130  15.137  1.464   1.00 9.60  ? 192  SER A C     1 
ATOM   100  O O     . SER A 1 19  ? -9.331  15.055  1.243   1.00 10.22 ? 192  SER A O     1 
ATOM   101  C CB    . SER A 1 19  ? -7.093  16.826  2.925   1.00 12.62 ? 192  SER A CB    1 
ATOM   102  O OG    . SER A 1 19  ? -8.298  16.824  3.667   1.00 13.47 ? 192  SER A OG    1 
ATOM   103  N N     . LEU A 1 20  ? -7.385  14.061  1.753   1.00 9.54  ? 193  LEU A N     1 
ATOM   104  C CA    . LEU A 1 20  ? -7.998  12.758  1.884   1.00 9.58  ? 193  LEU A CA    1 
ATOM   105  C C     . LEU A 1 20  ? -9.118  12.767  2.923   1.00 11.43 ? 193  LEU A C     1 
ATOM   106  O O     . LEU A 1 20  ? -10.167 12.181  2.715   1.00 11.94 ? 193  LEU A O     1 
ATOM   107  C CB    . LEU A 1 20  ? -6.973  11.695  2.301   1.00 10.23 ? 193  LEU A CB    1 
ATOM   108  C CG    . LEU A 1 20  ? -6.001  11.240  1.226   1.00 13.10 ? 193  LEU A CG    1 
ATOM   109  C CD1   . LEU A 1 20  ? -4.899  10.350  1.852   1.00 13.98 ? 193  LEU A CD1   1 
ATOM   110  C CD2   . LEU A 1 20  ? -6.752  10.497  0.113   1.00 14.76 ? 193  LEU A CD2   1 
ATOM   111  N N     . GLU A 1 21  ? -8.895  13.430  4.053   1.00 11.30 ? 194  GLU A N     1 
ATOM   112  C CA    . GLU A 1 21  ? -9.910  13.525  5.098   1.00 13.27 ? 194  GLU A CA    1 
ATOM   113  C C     . GLU A 1 21  ? -11.133 14.279  4.604   1.00 11.92 ? 194  GLU A C     1 
ATOM   114  O O     . GLU A 1 21  ? -12.247 13.835  4.802   1.00 12.15 ? 194  GLU A O     1 
ATOM   115  C CB    . GLU A 1 21  ? -9.320  14.192  6.335   1.00 13.81 ? 194  GLU A CB    1 
ATOM   116  C CG    . GLU A 1 21  ? -10.281 14.215  7.520   1.00 21.44 ? 194  GLU A CG    1 
ATOM   117  C CD    . GLU A 1 21  ? -9.602  14.398  8.871   1.00 28.02 ? 194  GLU A CD    1 
ATOM   118  O OE1   . GLU A 1 21  ? -8.347  14.516  8.960   1.00 25.60 ? 194  GLU A OE1   1 
ATOM   119  O OE2   . GLU A 1 21  ? -10.355 14.401  9.866   1.00 33.51 ? 194  GLU A OE2   1 
ATOM   120  N N     . GLU A 1 22  ? -10.908 15.394  3.933   1.00 11.87 ? 195  GLU A N     1 
ATOM   121  C CA    . GLU A 1 22  ? -12.039 16.195  3.419   1.00 11.41 ? 195  GLU A CA    1 
ATOM   122  C C     . GLU A 1 22  ? -12.882 15.383  2.448   1.00 14.24 ? 195  GLU A C     1 
ATOM   123  O O     . GLU A 1 22  ? -14.120 15.494  2.441   1.00 16.92 ? 195  GLU A O     1 
ATOM   124  C CB    . GLU A 1 22  ? -11.490 17.487  2.768   1.00 13.55 ? 195  GLU A CB    1 
ATOM   125  C CG    . GLU A 1 22  ? -10.984 18.513  3.784   1.00 17.30 ? 195  GLU A CG    1 
ATOM   126  C CD    . GLU A 1 22  ? -10.232 19.711  3.208   1.00 24.31 ? 195  GLU A CD    1 
ATOM   127  O OE1   . GLU A 1 22  ? -9.540  19.598  2.179   1.00 17.00 ? 195  GLU A OE1   1 
ATOM   128  O OE2   . GLU A 1 22  ? -10.293 20.804  3.841   1.00 28.15 ? 195  GLU A OE2   1 
ATOM   129  N N     . LEU A 1 23  ? -12.244 14.600  1.589   1.00 13.45 ? 196  LEU A N     1 
ATOM   130  C CA    . LEU A 1 23  ? -12.980 13.860  0.572   1.00 13.20 ? 196  LEU A CA    1 
ATOM   131  C C     . LEU A 1 23  ? -13.451 12.496  1.053   1.00 12.90 ? 196  LEU A C     1 
ATOM   132  O O     . LEU A 1 23  ? -14.106 11.775  0.312   1.00 14.17 ? 196  LEU A O     1 
ATOM   133  C CB    . LEU A 1 23  ? -12.105 13.710  -0.671  1.00 16.12 ? 196  LEU A CB    1 
ATOM   134  C CG    . LEU A 1 23  ? -11.980 15.033  -1.447  1.00 17.63 ? 196  LEU A CG    1 
ATOM   135  C CD1   . LEU A 1 23  ? -10.957 14.949  -2.555  1.00 21.04 ? 196  LEU A CD1   1 
ATOM   136  C CD2   . LEU A 1 23  ? -13.329 15.497  -2.017  1.00 22.87 ? 196  LEU A CD2   1 
ATOM   137  N N     . GLN A 1 24  ? -13.075 12.111  2.269   1.00 12.04 ? 197  GLN A N     1 
ATOM   138  C CA    . GLN A 1 24  ? -13.495 10.829  2.857   1.00 12.73 ? 197  GLN A CA    1 
ATOM   139  C C     . GLN A 1 24  ? -13.102 9.637   1.969   1.00 14.09 ? 197  GLN A C     1 
ATOM   140  O O     . GLN A 1 24  ? -13.885 8.752   1.725   1.00 17.40 ? 197  GLN A O     1 
ATOM   141  C CB    . GLN A 1 24  ? -14.999 10.840  3.107   1.00 18.71 ? 197  GLN A CB    1 
ATOM   142  C CG    . GLN A 1 24  ? -15.375 11.758  4.222   1.00 20.14 ? 197  GLN A CG    1 
ATOM   143  C CD    . GLN A 1 24  ? -16.846 11.645  4.561   1.00 29.87 ? 197  GLN A CD    1 
ATOM   144  O OE1   . GLN A 1 24  ? -17.707 11.887  3.719   1.00 37.75 ? 197  GLN A OE1   1 
ATOM   145  N NE2   . GLN A 1 24  ? -17.138 11.280  5.801   1.00 35.50 ? 197  GLN A NE2   1 
ATOM   146  N N     . ILE A 1 25  ? -11.834 9.645   1.559   1.00 11.59 ? 198  ILE A N     1 
ATOM   147  C CA    . ILE A 1 25  ? -11.258 8.663   0.641   1.00 13.07 ? 198  ILE A CA    1 
ATOM   148  C C     . ILE A 1 25  ? -10.383 7.701   1.443   1.00 10.36 ? 198  ILE A C     1 
ATOM   149  O O     . ILE A 1 25  ? -9.485  8.163   2.122   1.00 13.57 ? 198  ILE A O     1 
ATOM   150  C CB    . ILE A 1 25  ? -10.380 9.379   -0.467  1.00 11.32 ? 198  ILE A CB    1 
ATOM   151  C CG1   . ILE A 1 25  ? -11.257 10.263  -1.351  1.00 14.77 ? 198  ILE A CG1   1 
ATOM   152  C CG2   . ILE A 1 25  ? -9.621  8.396   -1.284  1.00 14.63 ? 198  ILE A CG2   1 
ATOM   153  C CD1   . ILE A 1 25  ? -10.469 11.174  -2.261  1.00 17.41 ? 198  ILE A CD1   1 
ATOM   154  N N     . GLY A 1 26  ? -10.617 6.397   1.241   1.00 12.03 ? 199  GLY A N     1 
ATOM   155  C CA    . GLY A 1 26  ? -9.806  5.338   1.797   1.00 9.42  ? 199  GLY A CA    1 
ATOM   156  C C     . GLY A 1 26  ? -10.596 4.348   2.625   1.00 8.08  ? 199  GLY A C     1 
ATOM   157  O O     . GLY A 1 26  ? -11.760 4.565   2.944   1.00 10.77 ? 199  GLY A O     1 
ATOM   158  N N     . THR A 1 27  ? -9.931  3.259   3.015   1.00 6.90  ? 200  THR A N     1 
ATOM   159  C CA    . THR A 1 27  ? -10.495 2.256   3.935   1.00 8.95  ? 200  THR A CA    1 
ATOM   160  C C     . THR A 1 27  ? -9.791  2.387   5.279   1.00 7.77  ? 200  THR A C     1 
ATOM   161  O O     . THR A 1 27  ? -8.557  2.405   5.324   1.00 8.71  ? 200  THR A O     1 
ATOM   162  C CB    . THR A 1 27  ? -10.237 0.871   3.399   1.00 9.21  ? 200  THR A CB    1 
ATOM   163  O OG1   . THR A 1 27  ? -10.916 0.747   2.143   1.00 10.37 ? 200  THR A OG1   1 
ATOM   164  C CG2   . THR A 1 27  ? -10.756 -0.195  4.309   1.00 11.69 ? 200  THR A CG2   1 
ATOM   165  N N     . TYR A 1 28  ? -10.576 2.513   6.358   1.00 8.77  ? 201  TYR A N     1 
ATOM   166  C CA    . TYR A 1 28  ? -10.068 2.823   7.697   1.00 9.38  ? 201  TYR A CA    1 
ATOM   167  C C     . TYR A 1 28  ? -10.558 1.845   8.733   1.00 10.12 ? 201  TYR A C     1 
ATOM   168  O O     . TYR A 1 28  ? -10.462 2.118   9.924   1.00 13.88 ? 201  TYR A O     1 
ATOM   169  C CB    . TYR A 1 28  ? -10.440 4.269   8.096   1.00 10.41 ? 201  TYR A CB    1 
ATOM   170  C CG    . TYR A 1 28  ? -9.857  5.249   7.108   1.00 9.37  ? 201  TYR A CG    1 
ATOM   171  C CD1   . TYR A 1 28  ? -8.538  5.615   7.191   1.00 9.58  ? 201  TYR A CD1   1 
ATOM   172  C CD2   . TYR A 1 28  ? -10.586 5.695   6.023   1.00 10.12 ? 201  TYR A CD2   1 
ATOM   173  C CE1   . TYR A 1 28  ? -7.957  6.445   6.249   1.00 10.21 ? 201  TYR A CE1   1 
ATOM   174  C CE2   . TYR A 1 28  ? -9.999  6.547   5.059   1.00 9.91  ? 201  TYR A CE2   1 
ATOM   175  C CZ    . TYR A 1 28  ? -8.689  6.886   5.191   1.00 9.37  ? 201  TYR A CZ    1 
ATOM   176  O OH    . TYR A 1 28  ? -8.051  7.732   4.256   1.00 11.57 ? 201  TYR A OH    1 
ATOM   177  N N     . ALA A 1 29  ? -11.101 0.732   8.289   1.00 9.00  ? 202  ALA A N     1 
ATOM   178  C CA    . ALA A 1 29  ? -11.526 -0.348  9.188   1.00 10.35 ? 202  ALA A CA    1 
ATOM   179  C C     . ALA A 1 29  ? -11.166 -1.666  8.577   1.00 9.06  ? 202  ALA A C     1 
ATOM   180  O O     . ALA A 1 29  ? -11.189 -1.836  7.361   1.00 8.84  ? 202  ALA A O     1 
ATOM   181  C CB    . ALA A 1 29  ? -13.018 -0.279  9.401   1.00 12.89 ? 202  ALA A CB    1 
ATOM   182  N N     . ASN A 1 30  ? -10.877 -2.634  9.429   1.00 8.99  ? 203  ASN A N     1 
ATOM   183  C CA    . ASN A 1 30  ? -10.710 -4.037  9.016   1.00 11.06 ? 203  ASN A CA    1 
ATOM   184  C C     . ASN A 1 30  ? -9.548  -4.230  8.068   1.00 8.88  ? 203  ASN A C     1 
ATOM   185  O O     . ASN A 1 30  ? -9.573  -5.079  7.187   1.00 10.68 ? 203  ASN A O     1 
ATOM   186  C CB    . ASN A 1 30  ? -11.999 -4.573  8.406   1.00 10.12 ? 203  ASN A CB    1 
ATOM   187  C CG    . ASN A 1 30  ? -13.153 -4.572  9.388   1.00 10.73 ? 203  ASN A CG    1 
ATOM   188  O OD1   . ASN A 1 30  ? -12.953 -4.462  10.589  1.00 11.33 ? 203  ASN A OD1   1 
ATOM   189  N ND2   . ASN A 1 30  ? -14.365 -4.638  8.866   1.00 11.82 ? 203  ASN A ND2   1 
ATOM   190  N N     . ILE A 1 31  ? -8.490  -3.449  8.285   1.00 8.94  ? 204  ILE A N     1 
ATOM   191  C CA    . ILE A 1 31  ? -7.310  -3.534  7.420   1.00 8.45  ? 204  ILE A CA    1 
ATOM   192  C C     . ILE A 1 31  ? -6.569  -4.840  7.698   1.00 9.11  ? 204  ILE A C     1 
ATOM   193  O O     . ILE A 1 31  ? -6.185  -5.118  8.845   1.00 10.51 ? 204  ILE A O     1 
ATOM   194  C CB    . ILE A 1 31  ? -6.325  -2.373  7.602   1.00 11.57 ? 204  ILE A CB    1 
ATOM   195  C CG1   . ILE A 1 31  ? -7.004  -1.035  7.278   1.00 12.84 ? 204  ILE A CG1   1 
ATOM   196  C CG2   . ILE A 1 31  ? -5.059  -2.575  6.756   1.00 10.89 ? 204  ILE A CG2   1 
ATOM   197  C CD1   . ILE A 1 31  ? -7.569  -0.926  5.874   1.00 15.54 ? 204  ILE A CD1   1 
ATOM   198  N N     . ALA A 1 32  ? -6.325  -5.627  6.645   1.00 8.38  ? 205  ALA A N     1 
ATOM   199  C CA    . ALA A 1 32  ? -5.534  -6.830  6.753   1.00 9.06  ? 205  ALA A CA    1 
ATOM   200  C C     . ALA A 1 32  ? -4.066  -6.473  6.564   1.00 9.32  ? 205  ALA A C     1 
ATOM   201  O O     . ALA A 1 32  ? -3.744  -5.711  5.641   1.00 8.32  ? 205  ALA A O     1 
ATOM   202  C CB    . ALA A 1 32  ? -5.989  -7.859  5.679   1.00 11.40 ? 205  ALA A CB    1 
ATOM   203  N N     . MET A 1 33  ? -3.192  -7.000  7.419   1.00 8.85  ? 206  MET A N     1 
ATOM   204  C CA    . MET A 1 33  ? -1.777  -6.631  7.420   1.00 8.59  ? 206  MET A CA    1 
ATOM   205  C C     . MET A 1 33  ? -0.942  -7.751  7.966   1.00 8.76  ? 206  MET A C     1 
ATOM   206  O O     . MET A 1 33  ? -1.441  -8.635  8.640   1.00 9.64  ? 206  MET A O     1 
ATOM   207  C CB    . MET A 1 33  ? -1.545  -5.353  8.221   1.00 11.71 ? 206  MET A CB    1 
ATOM   208  C CG    A MET A 1 33  ? -2.075  -5.375  9.642   0.50 14.39 ? 206  MET A CG    1 
ATOM   209  C CG    B MET A 1 33  ? -2.283  -5.335  9.566   0.50 13.01 ? 206  MET A CG    1 
ATOM   210  S SD    A MET A 1 33  ? -1.664  -3.866  10.561  0.50 18.02 ? 206  MET A SD    1 
ATOM   211  S SD    B MET A 1 33  ? -2.579  -3.693  10.298  0.50 10.83 ? 206  MET A SD    1 
ATOM   212  C CE    A MET A 1 33  ? -1.671  -2.750  9.195   0.50 13.65 ? 206  MET A CE    1 
ATOM   213  C CE    B MET A 1 33  ? -0.911  -3.389  10.911  0.50 14.15 ? 206  MET A CE    1 
ATOM   214  N N     . VAL A 1 34  ? 0.343   -7.696  7.700   1.00 7.70  ? 207  VAL A N     1 
ATOM   215  C CA    . VAL A 1 34  ? 1.289   -8.732  8.135   1.00 8.69  ? 207  VAL A CA    1 
ATOM   216  C C     . VAL A 1 34  ? 2.519   -8.096  8.757   1.00 9.34  ? 207  VAL A C     1 
ATOM   217  O O     . VAL A 1 34  ? 2.610   -6.876  8.818   1.00 10.87 ? 207  VAL A O     1 
ATOM   218  C CB    . VAL A 1 34  ? 1.668   -9.653  7.002   1.00 9.21  ? 207  VAL A CB    1 
ATOM   219  C CG1   . VAL A 1 34  ? 0.430   -10.380 6.450   1.00 11.15 ? 207  VAL A CG1   1 
ATOM   220  C CG2   . VAL A 1 34  ? 2.412   -8.912  5.879   1.00 9.60  ? 207  VAL A CG2   1 
ATOM   221  N N     . ARG A 1 35  ? 3.426   -8.947  9.237   1.00 10.41 ? 208  ARG A N     1 
ATOM   222  C CA    . ARG A 1 35  ? 4.643   -8.508  9.907   1.00 12.77 ? 208  ARG A CA    1 
ATOM   223  C C     . ARG A 1 35  ? 5.839   -8.746  9.030   1.00 9.97  ? 208  ARG A C     1 
ATOM   224  O O     . ARG A 1 35  ? 5.800   -9.551  8.094   1.00 9.78  ? 208  ARG A O     1 
ATOM   225  C CB    . ARG A 1 35  ? 4.808   -9.315  11.206  1.00 14.10 ? 208  ARG A CB    1 
ATOM   226  C CG    . ARG A 1 35  ? 3.723   -9.053  12.253  1.00 17.93 ? 208  ARG A CG    1 
ATOM   227  C CD    . ARG A 1 35  ? 4.084   -7.917  13.226  1.00 28.00 ? 208  ARG A CD    1 
ATOM   228  N NE    . ARG A 1 35  ? 5.441   -8.023  13.778  1.00 37.03 ? 208  ARG A NE    1 
ATOM   229  C CZ    . ARG A 1 35  ? 5.792   -8.726  14.859  1.00 41.89 ? 208  ARG A CZ    1 
ATOM   230  N NH1   . ARG A 1 35  ? 4.893   -9.401  15.577  1.00 46.54 ? 208  ARG A NH1   1 
ATOM   231  N NH2   . ARG A 1 35  ? 7.069   -8.745  15.241  1.00 42.60 ? 208  ARG A NH2   1 
ATOM   232  N N     . THR A 1 36  ? 6.961   -8.108  9.371   1.00 12.27 ? 209  THR A N     1 
ATOM   233  C CA    . THR A 1 36  ? 8.162   -8.364  8.612   1.00 11.70 ? 209  THR A CA    1 
ATOM   234  C C     . THR A 1 36  ? 8.615   -9.826  8.702   1.00 15.92 ? 209  THR A C     1 
ATOM   235  O O     . THR A 1 36  ? 9.354   -10.292 7.839   1.00 17.43 ? 209  THR A O     1 
ATOM   236  C CB    . THR A 1 36  ? 9.337   -7.501  9.078   1.00 11.51 ? 209  THR A CB    1 
ATOM   237  O OG1   . THR A 1 36  ? 9.465   -7.696  10.497  1.00 14.55 ? 209  THR A OG1   1 
ATOM   238  C CG2   . THR A 1 36  ? 9.122   -6.036  8.735   1.00 12.52 ? 209  THR A CG2   1 
ATOM   239  N N     . THR A 1 37  ? 8.208   -10.531 9.750   1.00 12.42 ? 210  THR A N     1 
ATOM   240  C CA    . THR A 1 37  ? 8.589   -11.944 9.935   1.00 15.22 ? 210  THR A CA    1 
ATOM   241  C C     . THR A 1 37  ? 7.559   -12.931 9.353   1.00 15.43 ? 210  THR A C     1 
ATOM   242  O O     . THR A 1 37  ? 7.669   -14.168 9.502   1.00 16.60 ? 210  THR A O     1 
ATOM   243  C CB    . THR A 1 37  ? 8.749   -12.220 11.426  1.00 19.90 ? 210  THR A CB    1 
ATOM   244  O OG1   . THR A 1 37  ? 7.587   -11.754 12.113  1.00 18.63 ? 210  THR A OG1   1 
ATOM   245  C CG2   . THR A 1 37  ? 9.999   -11.472 11.978  1.00 20.74 ? 210  THR A CG2   1 
ATOM   246  N N     . THR A 1 38  ? 6.538   -12.418 8.693   1.00 11.17 ? 211  THR A N     1 
ATOM   247  C CA    . THR A 1 38  ? 5.515   -13.274 8.137   1.00 10.75 ? 211  THR A CA    1 
ATOM   248  C C     . THR A 1 38  ? 5.990   -13.979 6.880   1.00 11.60 ? 211  THR A C     1 
ATOM   249  O O     . THR A 1 38  ? 6.498   -13.322 5.987   1.00 10.97 ? 211  THR A O     1 
ATOM   250  C CB    . THR A 1 38  ? 4.295   -12.399 7.760   1.00 9.57  ? 211  THR A CB    1 
ATOM   251  O OG1   . THR A 1 38  ? 3.763   -11.794 8.934   1.00 11.50 ? 211  THR A OG1   1 
ATOM   252  C CG2   . THR A 1 38  ? 3.229   -13.228 7.044   1.00 10.24 ? 211  THR A CG2   1 
ATOM   253  N N     . PRO A 1 39  ? 5.805   -15.322 6.772   1.00 9.11  ? 212  PRO A N     1 
ATOM   254  C CA    . PRO A 1 39  ? 6.171   -16.029 5.592   1.00 9.75  ? 212  PRO A CA    1 
ATOM   255  C C     . PRO A 1 39  ? 5.273   -15.731 4.390   1.00 9.97  ? 212  PRO A C     1 
ATOM   256  O O     . PRO A 1 39  ? 4.079   -15.438 4.559   1.00 10.00 ? 212  PRO A O     1 
ATOM   257  C CB    . PRO A 1 39  ? 6.071   -17.507 5.992   1.00 11.81 ? 212  PRO A CB    1 
ATOM   258  C CG    . PRO A 1 39  ? 5.623   -17.550 7.351   1.00 15.75 ? 212  PRO A CG    1 
ATOM   259  C CD    . PRO A 1 39  ? 5.305   -16.211 7.836   1.00 11.21 ? 212  PRO A CD    1 
ATOM   260  N N     . VAL A 1 40  ? 5.809   -15.879 3.187   1.00 9.50  ? 213  VAL A N     1 
ATOM   261  C CA    . VAL A 1 40  ? 5.013   -15.627 2.016   1.00 10.52 ? 213  VAL A CA    1 
ATOM   262  C C     . VAL A 1 40  ? 3.784   -16.528 1.996   1.00 11.24 ? 213  VAL A C     1 
ATOM   263  O O     . VAL A 1 40  ? 2.737   -16.101 1.530   1.00 11.32 ? 213  VAL A O     1 
ATOM   264  C CB    . VAL A 1 40  ? 5.833   -15.779 0.722   1.00 8.83  ? 213  VAL A CB    1 
ATOM   265  C CG1   . VAL A 1 40  ? 4.947   -15.615 -0.511  1.00 11.03 ? 213  VAL A CG1   1 
ATOM   266  C CG2   . VAL A 1 40  ? 6.906   -14.664 0.720   1.00 13.11 ? 213  VAL A CG2   1 
ATOM   267  N N     . TYR A 1 41  ? 3.864   -17.750 2.509   1.00 10.78 ? 214  TYR A N     1 
ATOM   268  C CA    . TYR A 1 41  ? 2.671   -18.595 2.451   1.00 9.96  ? 214  TYR A CA    1 
ATOM   269  C C     . TYR A 1 41  ? 1.501   -17.969 3.189   1.00 10.23 ? 214  TYR A C     1 
ATOM   270  O O     . TYR A 1 41  ? 0.351   -18.174 2.798   1.00 10.81 ? 214  TYR A O     1 
ATOM   271  C CB    . TYR A 1 41  ? 2.921   -20.050 2.949   1.00 9.99  ? 214  TYR A CB    1 
ATOM   272  C CG    . TYR A 1 41  ? 3.424   -20.272 4.354   1.00 11.52 ? 214  TYR A CG    1 
ATOM   273  C CD1   . TYR A 1 41  ? 2.567   -20.205 5.447   1.00 10.45 ? 214  TYR A CD1   1 
ATOM   274  C CD2   . TYR A 1 41  ? 4.766   -20.585 4.596   1.00 12.59 ? 214  TYR A CD2   1 
ATOM   275  C CE1   . TYR A 1 41  ? 3.030   -20.455 6.738   1.00 11.81 ? 214  TYR A CE1   1 
ATOM   276  C CE2   . TYR A 1 41  ? 5.239   -20.826 5.878   1.00 12.42 ? 214  TYR A CE2   1 
ATOM   277  C CZ    . TYR A 1 41  ? 4.374   -20.749 6.943   1.00 14.30 ? 214  TYR A CZ    1 
ATOM   278  O OH    . TYR A 1 41  ? 4.850   -20.980 8.214   1.00 14.42 ? 214  TYR A OH    1 
ATOM   279  N N     . VAL A 1 42  ? 1.764   -17.228 4.246   1.00 10.14 ? 215  VAL A N     1 
ATOM   280  C CA    . VAL A 1 42  ? 0.678   -16.595 4.972   1.00 9.06  ? 215  VAL A CA    1 
ATOM   281  C C     . VAL A 1 42  ? 0.040   -15.541 4.060   1.00 11.22 ? 215  VAL A C     1 
ATOM   282  O O     . VAL A 1 42  ? -1.185  -15.445 3.970   1.00 9.97  ? 215  VAL A O     1 
ATOM   283  C CB    . VAL A 1 42  ? 1.191   -15.955 6.270   1.00 10.76 ? 215  VAL A CB    1 
ATOM   284  C CG1   . VAL A 1 42  ? 0.184   -14.980 6.902   1.00 12.04 ? 215  VAL A CG1   1 
ATOM   285  C CG2   . VAL A 1 42  ? 1.577   -17.032 7.287   1.00 13.49 ? 215  VAL A CG2   1 
ATOM   286  N N     . ALA A 1 43  ? 0.863   -14.728 3.390   1.00 10.09 ? 216  ALA A N     1 
ATOM   287  C CA    . ALA A 1 43  ? 0.352   -13.704 2.497   1.00 9.31  ? 216  ALA A CA    1 
ATOM   288  C C     . ALA A 1 43  ? -0.425  -14.321 1.348   1.00 9.57  ? 216  ALA A C     1 
ATOM   289  O O     . ALA A 1 43  ? -1.499  -13.809 0.972   1.00 9.14  ? 216  ALA A O     1 
ATOM   290  C CB    . ALA A 1 43  ? 1.517   -12.817 1.935   1.00 10.97 ? 216  ALA A CB    1 
ATOM   291  N N     . LEU A 1 44  ? 0.106   -15.376 0.745   1.00 9.47  ? 217  LEU A N     1 
ATOM   292  C CA    . LEU A 1 44  ? -0.610  -16.062 -0.322  1.00 11.24 ? 217  LEU A CA    1 
ATOM   293  C C     . LEU A 1 44  ? -2.004  -16.507 0.114   1.00 10.60 ? 217  LEU A C     1 
ATOM   294  O O     . LEU A 1 44  ? -3.003  -16.297 -0.602  1.00 11.35 ? 217  LEU A O     1 
ATOM   295  C CB    . LEU A 1 44  ? 0.192   -17.249 -0.821  1.00 13.61 ? 217  LEU A CB    1 
ATOM   296  C CG    . LEU A 1 44  ? -0.398  -18.045 -1.961  1.00 14.02 ? 217  LEU A CG    1 
ATOM   297  C CD1   . LEU A 1 44  ? -0.701  -17.146 -3.164  1.00 14.24 ? 217  LEU A CD1   1 
ATOM   298  C CD2   . LEU A 1 44  ? 0.554   -19.171 -2.324  1.00 17.34 ? 217  LEU A CD2   1 
ATOM   299  N N     . GLY A 1 45  ? -2.100  -17.092 1.291   1.00 10.01 ? 218  GLY A N     1 
ATOM   300  C CA    . GLY A 1 45  ? -3.394  -17.525 1.789   1.00 9.93  ? 218  GLY A CA    1 
ATOM   301  C C     . GLY A 1 45  ? -4.345  -16.362 2.009   1.00 10.50 ? 218  GLY A C     1 
ATOM   302  O O     . GLY A 1 45  ? -5.545  -16.454 1.678   1.00 11.01 ? 218  GLY A O     1 
ATOM   303  N N     . ILE A 1 46  ? -3.882  -15.249 2.550   1.00 9.03  ? 219  ILE A N     1 
ATOM   304  C CA    . ILE A 1 46  ? -4.724  -14.045 2.703   1.00 9.32  ? 219  ILE A CA    1 
ATOM   305  C C     . ILE A 1 46  ? -5.183  -13.594 1.335   1.00 8.83  ? 219  ILE A C     1 
ATOM   306  O O     . ILE A 1 46  ? -6.366  -13.266 1.113   1.00 9.20  ? 219  ILE A O     1 
ATOM   307  C CB    . ILE A 1 46  ? -3.915  -12.856 3.389   1.00 10.03 ? 219  ILE A CB    1 
ATOM   308  C CG1   . ILE A 1 46  ? -3.516  -13.220 4.800   1.00 15.85 ? 219  ILE A CG1   1 
ATOM   309  C CG2   . ILE A 1 46  ? -4.715  -11.530 3.365   1.00 13.55 ? 219  ILE A CG2   1 
ATOM   310  C CD1   . ILE A 1 46  ? -2.275  -12.453 5.274   1.00 20.09 ? 219  ILE A CD1   1 
ATOM   311  N N     . PHE A 1 47  ? -4.274  -13.483 0.367   1.00 8.66  ? 220  PHE A N     1 
ATOM   312  C CA    . PHE A 1 47  ? -4.700  -12.956 -0.921  1.00 7.50  ? 220  PHE A CA    1 
ATOM   313  C C     . PHE A 1 47  ? -5.791  -13.815 -1.541  1.00 9.68  ? 220  PHE A C     1 
ATOM   314  O O     . PHE A 1 47  ? -6.739  -13.248 -2.114  1.00 11.82 ? 220  PHE A O     1 
ATOM   315  C CB    . PHE A 1 47  ? -3.513  -12.876 -1.890  1.00 9.58  ? 220  PHE A CB    1 
ATOM   316  C CG    . PHE A 1 47  ? -2.501  -11.776 -1.564  1.00 7.69  ? 220  PHE A CG    1 
ATOM   317  C CD1   . PHE A 1 47  ? -2.905  -10.527 -1.182  1.00 9.11  ? 220  PHE A CD1   1 
ATOM   318  C CD2   . PHE A 1 47  ? -1.148  -11.997 -1.744  1.00 9.33  ? 220  PHE A CD2   1 
ATOM   319  C CE1   . PHE A 1 47  ? -2.009  -9.549  -0.927  1.00 9.56  ? 220  PHE A CE1   1 
ATOM   320  C CE2   . PHE A 1 47  ? -0.241  -10.987 -1.476  1.00 8.61  ? 220  PHE A CE2   1 
ATOM   321  C CZ    . PHE A 1 47  ? -0.666  -9.779  -1.068  1.00 9.54  ? 220  PHE A CZ    1 
ATOM   322  N N     . VAL A 1 48  ? -5.670  -15.127 -1.480  1.00 8.56  ? 221  VAL A N     1 
ATOM   323  C CA    . VAL A 1 48  ? -6.649  -15.989 -2.171  1.00 10.85 ? 221  VAL A CA    1 
ATOM   324  C C     . VAL A 1 48  ? -7.949  -16.109 -1.379  1.00 12.94 ? 221  VAL A C     1 
ATOM   325  O O     . VAL A 1 48  ? -9.053  -15.997 -1.961  1.00 15.68 ? 221  VAL A O     1 
ATOM   326  C CB    . VAL A 1 48  ? -6.059  -17.313 -2.484  1.00 11.60 ? 221  VAL A CB    1 
ATOM   327  C CG1   . VAL A 1 48  ? -7.107  -18.231 -3.069  1.00 14.71 ? 221  VAL A CG1   1 
ATOM   328  C CG2   . VAL A 1 48  ? -4.877  -17.121 -3.508  1.00 12.24 ? 221  VAL A CG2   1 
ATOM   329  N N     . GLN A 1 49  ? -7.859  -16.239 -0.066  1.00 8.98  ? 222  GLN A N     1 
ATOM   330  C CA    . GLN A 1 49  ? -9.069  -16.510 0.729   1.00 8.70  ? 222  GLN A CA    1 
ATOM   331  C C     . GLN A 1 49  ? -9.728  -15.281 1.277   1.00 10.65 ? 222  GLN A C     1 
ATOM   332  O O     . GLN A 1 49  ? -10.941 -15.269 1.435   1.00 12.08 ? 222  GLN A O     1 
ATOM   333  C CB    . GLN A 1 49  ? -8.773  -17.464 1.884   1.00 10.54 ? 222  GLN A CB    1 
ATOM   334  C CG    . GLN A 1 49  ? -8.144  -18.741 1.555   1.00 10.53 ? 222  GLN A CG    1 
ATOM   335  C CD    . GLN A 1 49  ? -8.969  -19.581 0.623   1.00 14.20 ? 222  GLN A CD    1 
ATOM   336  O OE1   . GLN A 1 49  ? -10.151 -19.374 0.474   1.00 13.61 ? 222  GLN A OE1   1 
ATOM   337  N NE2   . GLN A 1 49  ? -8.337  -20.530 -0.014  1.00 16.51 ? 222  GLN A NE2   1 
ATOM   338  N N     . HIS A 1 50  ? -8.969  -14.247 1.602   1.00 10.69 ? 223  HIS A N     1 
ATOM   339  C CA    . HIS A 1 50  ? -9.536  -13.037 2.173   1.00 11.32 ? 223  HIS A CA    1 
ATOM   340  C C     . HIS A 1 50  ? -9.809  -11.963 1.154   1.00 13.15 ? 223  HIS A C     1 
ATOM   341  O O     . HIS A 1 50  ? -10.578 -11.038 1.424   1.00 14.40 ? 223  HIS A O     1 
ATOM   342  C CB    . HIS A 1 50  ? -8.622  -12.521 3.289   1.00 10.43 ? 223  HIS A CB    1 
ATOM   343  C CG    . HIS A 1 50  ? -9.221  -11.427 4.119   1.00 11.33 ? 223  HIS A CG    1 
ATOM   344  N ND1   . HIS A 1 50  ? -10.314 -11.637 4.932   1.00 11.79 ? 223  HIS A ND1   1 
ATOM   345  C CD2   . HIS A 1 50  ? -8.889  -10.123 4.254   1.00 14.25 ? 223  HIS A CD2   1 
ATOM   346  C CE1   . HIS A 1 50  ? -10.615 -10.505 5.549   1.00 12.97 ? 223  HIS A CE1   1 
ATOM   347  N NE2   . HIS A 1 50  ? -9.763  -9.571  5.157   1.00 14.68 ? 223  HIS A NE2   1 
ATOM   348  N N     . ARG A 1 51  ? -9.156  -12.053 -0.002  1.00 15.19 ? 224  ARG A N     1 
ATOM   349  C CA    . ARG A 1 51  ? -9.488  -11.249 -1.154  1.00 18.41 ? 224  ARG A CA    1 
ATOM   350  C C     . ARG A 1 51  ? -9.229  -9.760  -0.882  1.00 18.99 ? 224  ARG A C     1 
ATOM   351  O O     . ARG A 1 51  ? -10.122 -8.952  -0.943  1.00 17.92 ? 224  ARG A O     1 
ATOM   352  C CB    . ARG A 1 51  ? -10.949 -11.470 -1.582  1.00 23.02 ? 224  ARG A CB    1 
ATOM   353  C CG    . ARG A 1 51  ? -11.420 -12.923 -1.637  1.00 34.09 ? 224  ARG A CG    1 
ATOM   354  C CD    . ARG A 1 51  ? -11.576 -13.442 -3.052  1.00 40.46 ? 224  ARG A CD    1 
ATOM   355  N NE    . ARG A 1 51  ? -12.530 -14.549 -3.113  1.00 48.19 ? 224  ARG A NE    1 
ATOM   356  C CZ    . ARG A 1 51  ? -12.789 -15.270 -4.202  1.00 51.17 ? 224  ARG A CZ    1 
ATOM   357  N NH1   . ARG A 1 51  ? -12.177 -15.014 -5.358  1.00 54.66 ? 224  ARG A NH1   1 
ATOM   358  N NH2   . ARG A 1 51  ? -13.674 -16.259 -4.131  1.00 54.18 ? 224  ARG A NH2   1 
ATOM   359  N N     . VAL A 1 52  ? -7.985  -9.428  -0.581  1.00 14.49 ? 225  VAL A N     1 
ATOM   360  C CA    . VAL A 1 52  ? -7.494  -8.044  -0.550  1.00 14.34 ? 225  VAL A CA    1 
ATOM   361  C C     . VAL A 1 52  ? -6.292  -7.982  -1.467  1.00 13.04 ? 225  VAL A C     1 
ATOM   362  O O     . VAL A 1 52  ? -5.698  -9.014  -1.747  1.00 13.27 ? 225  VAL A O     1 
ATOM   363  C CB    . VAL A 1 52  ? -7.106  -7.576  0.850   1.00 15.48 ? 225  VAL A CB    1 
ATOM   364  C CG1   . VAL A 1 52  ? -8.377  -7.324  1.713   1.00 17.86 ? 225  VAL A CG1   1 
ATOM   365  C CG2   . VAL A 1 52  ? -6.162  -8.606  1.509   1.00 18.48 ? 225  VAL A CG2   1 
ATOM   366  N N     . SER A 1 53  ? -5.961  -6.782  -1.937  1.00 11.68 ? 226  SER A N     1 
ATOM   367  C CA    . SER A 1 53  ? -4.968  -6.644  -3.011  1.00 15.72 ? 226  SER A CA    1 
ATOM   368  C C     . SER A 1 53  ? -3.528  -6.446  -2.514  1.00 13.17 ? 226  SER A C     1 
ATOM   369  O O     . SER A 1 53  ? -2.552  -6.786  -3.222  1.00 13.10 ? 226  SER A O     1 
ATOM   370  C CB    . SER A 1 53  ? -5.374  -5.506  -3.943  1.00 16.55 ? 226  SER A CB    1 
ATOM   371  O OG    . SER A 1 53  ? -5.590  -4.309  -3.219  1.00 16.90 ? 226  SER A OG    1 
ATOM   372  N N     . ALA A 1 54  ? -3.391  -5.982  -1.289  1.00 9.85  ? 227  ALA A N     1 
ATOM   373  C CA    . ALA A 1 54  ? -2.054  -5.665  -0.753  1.00 9.79  ? 227  ALA A CA    1 
ATOM   374  C C     . ALA A 1 54  ? -2.139  -5.584  0.759   1.00 10.31 ? 227  ALA A C     1 
ATOM   375  O O     . ALA A 1 54  ? -3.212  -5.385  1.317   1.00 11.23 ? 227  ALA A O     1 
ATOM   376  C CB    . ALA A 1 54  ? -1.573  -4.399  -1.324  1.00 14.27 ? 227  ALA A CB    1 
ATOM   377  N N     . LEU A 1 55  ? -0.991  -5.758  1.393   1.00 8.26  ? 228  LEU A N     1 
ATOM   378  C CA    . LEU A 1 55  ? -0.893  -5.930  2.844   1.00 7.94  ? 228  LEU A CA    1 
ATOM   379  C C     . LEU A 1 55  ? 0.200   -5.030  3.373   1.00 8.27  ? 228  LEU A C     1 
ATOM   380  O O     . LEU A 1 55  ? 1.362   -5.232  3.052   1.00 8.29  ? 228  LEU A O     1 
ATOM   381  C CB    . LEU A 1 55  ? -0.520  -7.357  3.174   1.00 9.47  ? 228  LEU A CB    1 
ATOM   382  C CG    . LEU A 1 55  ? -1.477  -8.444  2.679   1.00 9.97  ? 228  LEU A CG    1 
ATOM   383  C CD1   . LEU A 1 55  ? -0.844  -9.837  2.650   1.00 9.20  ? 228  LEU A CD1   1 
ATOM   384  C CD2   . LEU A 1 55  ? -2.750  -8.434  3.569   1.00 12.74 ? 228  LEU A CD2   1 
ATOM   385  N N     . PRO A 1 56  ? -0.136  -4.048  4.195   1.00 7.29  ? 229  PRO A N     1 
ATOM   386  C CA    . PRO A 1 56  ? 0.940   -3.354  4.914   1.00 8.02  ? 229  PRO A CA    1 
ATOM   387  C C     . PRO A 1 56  ? 1.802   -4.381  5.658   1.00 7.54  ? 229  PRO A C     1 
ATOM   388  O O     . PRO A 1 56  ? 1.244   -5.335  6.210   1.00 8.36  ? 229  PRO A O     1 
ATOM   389  C CB    . PRO A 1 56  ? 0.180   -2.481  5.910   1.00 8.22  ? 229  PRO A CB    1 
ATOM   390  C CG    . PRO A 1 56  ? -1.186  -2.259  5.256   1.00 8.54  ? 229  PRO A CG    1 
ATOM   391  C CD    . PRO A 1 56  ? -1.465  -3.549  4.565   1.00 8.76  ? 229  PRO A CD    1 
ATOM   392  N N     . VAL A 1 57  ? 3.120   -4.143  5.707   1.00 7.03  ? 230  VAL A N     1 
ATOM   393  C CA    . VAL A 1 57  ? 4.043   -4.959  6.451   1.00 8.21  ? 230  VAL A CA    1 
ATOM   394  C C     . VAL A 1 57  ? 4.625   -4.103  7.566   1.00 7.45  ? 230  VAL A C     1 
ATOM   395  O O     . VAL A 1 57  ? 5.232   -3.053  7.288   1.00 9.53  ? 230  VAL A O     1 
ATOM   396  C CB    . VAL A 1 57  ? 5.190   -5.409  5.543   1.00 8.35  ? 230  VAL A CB    1 
ATOM   397  C CG1   . VAL A 1 57  ? 6.193   -6.282  6.276   1.00 7.56  ? 230  VAL A CG1   1 
ATOM   398  C CG2   . VAL A 1 57  ? 4.672   -6.107  4.251   1.00 8.18  ? 230  VAL A CG2   1 
ATOM   399  N N     . VAL A 1 58  ? 4.441   -4.551  8.803   1.00 9.99  ? 231  VAL A N     1 
ATOM   400  C CA    . VAL A 1 58  ? 4.856   -3.755  9.937   1.00 10.72 ? 231  VAL A CA    1 
ATOM   401  C C     . VAL A 1 58  ? 5.954   -4.447  10.723  1.00 12.23 ? 231  VAL A C     1 
ATOM   402  O O     . VAL A 1 58  ? 6.074   -5.662  10.758  1.00 12.08 ? 231  VAL A O     1 
ATOM   403  C CB    . VAL A 1 58  ? 3.640   -3.448  10.832  1.00 13.73 ? 231  VAL A CB    1 
ATOM   404  C CG1   . VAL A 1 58  ? 2.552   -2.749  10.005  1.00 15.03 ? 231  VAL A CG1   1 
ATOM   405  C CG2   . VAL A 1 58  ? 3.074   -4.696  11.416  1.00 14.01 ? 231  VAL A CG2   1 
ATOM   406  N N     . ASP A 1 59  ? 6.770   -3.613  11.359  1.00 11.74 ? 232  ASP A N     1 
ATOM   407  C CA    . ASP A 1 59  ? 7.887   -4.100  12.158  1.00 13.53 ? 232  ASP A CA    1 
ATOM   408  C C     . ASP A 1 59  ? 7.418   -4.427  13.556  1.00 15.78 ? 232  ASP A C     1 
ATOM   409  O O     . ASP A 1 59  ? 6.241   -4.413  13.861  1.00 14.57 ? 232  ASP A O     1 
ATOM   410  C CB    . ASP A 1 59  ? 9.053   -3.099  12.099  1.00 13.51 ? 232  ASP A CB    1 
ATOM   411  C CG    . ASP A 1 59  ? 8.784   -1.769  12.836  1.00 13.03 ? 232  ASP A CG    1 
ATOM   412  O OD1   . ASP A 1 59  ? 7.786   -1.671  13.585  1.00 13.29 ? 232  ASP A OD1   1 
ATOM   413  O OD2   . ASP A 1 59  ? 9.579   -0.827  12.611  1.00 16.46 ? 232  ASP A OD2   1 
ATOM   414  N N     . GLU A 1 60  ? 8.374   -4.765  14.405  1.00 20.33 ? 233  GLU A N     1 
ATOM   415  C CA    . GLU A 1 60  ? 8.059   -5.191  15.770  1.00 23.80 ? 233  GLU A CA    1 
ATOM   416  C C     . GLU A 1 60  ? 7.370   -4.109  16.587  1.00 26.89 ? 233  GLU A C     1 
ATOM   417  O O     . GLU A 1 60  ? 6.624   -4.407  17.525  1.00 27.75 ? 233  GLU A O     1 
ATOM   418  C CB    . GLU A 1 60  ? 9.333   -5.666  16.487  1.00 29.05 ? 233  GLU A CB    1 
ATOM   419  C CG    . GLU A 1 60  ? 10.458  -4.629  16.616  1.00 35.54 ? 233  GLU A CG    1 
ATOM   420  C CD    . GLU A 1 60  ? 11.048  -4.192  15.278  1.00 41.99 ? 233  GLU A CD    1 
ATOM   421  O OE1   . GLU A 1 60  ? 11.149  -5.045  14.346  1.00 41.65 ? 233  GLU A OE1   1 
ATOM   422  O OE2   . GLU A 1 60  ? 11.398  -2.987  15.164  1.00 43.32 ? 233  GLU A OE2   1 
ATOM   423  N N     . LYS A 1 61  ? 7.604   -2.854  16.218  1.00 23.37 ? 234  LYS A N     1 
ATOM   424  C CA    . LYS A 1 61  ? 6.922   -1.719  16.862  1.00 27.26 ? 234  LYS A CA    1 
ATOM   425  C C     . LYS A 1 61  ? 5.543   -1.375  16.267  1.00 22.24 ? 234  LYS A C     1 
ATOM   426  O O     . LYS A 1 61  ? 4.878   -0.445  16.731  1.00 24.37 ? 234  LYS A O     1 
ATOM   427  C CB    . LYS A 1 61  ? 7.823   -0.486  16.803  1.00 30.20 ? 234  LYS A CB    1 
ATOM   428  C CG    . LYS A 1 61  ? 9.230   -0.710  17.367  1.00 37.12 ? 234  LYS A CG    1 
ATOM   429  C CD    . LYS A 1 61  ? 9.230   -0.705  18.886  1.00 42.15 ? 234  LYS A CD    1 
ATOM   430  C CE    . LYS A 1 61  ? 9.192   0.716   19.450  1.00 45.70 ? 234  LYS A CE    1 
ATOM   431  N NZ    . LYS A 1 61  ? 10.428  1.498   19.139  1.00 47.24 ? 234  LYS A NZ    1 
ATOM   432  N N     . GLY A 1 62  ? 5.102   -2.112  15.250  1.00 20.00 ? 235  GLY A N     1 
ATOM   433  C CA    . GLY A 1 62  ? 3.823   -1.809  14.587  1.00 17.66 ? 235  GLY A CA    1 
ATOM   434  C C     . GLY A 1 62  ? 3.933   -0.766  13.499  1.00 16.08 ? 235  GLY A C     1 
ATOM   435  O O     . GLY A 1 62  ? 2.944   -0.327  12.910  1.00 17.38 ? 235  GLY A O     1 
ATOM   436  N N     . ARG A 1 63  ? 5.152   -0.384  13.171  1.00 14.14 ? 236  ARG A N     1 
ATOM   437  C CA    . ARG A 1 63  ? 5.358   0.665   12.190  1.00 12.39 ? 236  ARG A CA    1 
ATOM   438  C C     . ARG A 1 63  ? 5.475   0.102   10.789  1.00 12.11 ? 236  ARG A C     1 
ATOM   439  O O     . ARG A 1 63  ? 6.083   -0.929  10.590  1.00 11.43 ? 236  ARG A O     1 
ATOM   440  C CB    . ARG A 1 63  ? 6.615   1.453   12.508  1.00 13.95 ? 236  ARG A CB    1 
ATOM   441  C CG    . ARG A 1 63  ? 6.602   2.057   13.876  1.00 16.50 ? 236  ARG A CG    1 
ATOM   442  C CD    . ARG A 1 63  ? 7.765   2.978   14.027  1.00 19.93 ? 236  ARG A CD    1 
ATOM   443  N NE    . ARG A 1 63  ? 7.655   3.728   15.278  1.00 23.15 ? 236  ARG A NE    1 
ATOM   444  C CZ    . ARG A 1 63  ? 8.512   3.635   16.291  1.00 28.35 ? 236  ARG A CZ    1 
ATOM   445  N NH1   . ARG A 1 63  ? 9.572   2.823   16.228  1.00 30.28 ? 236  ARG A NH1   1 
ATOM   446  N NH2   . ARG A 1 63  ? 8.307   4.370   17.375  1.00 26.50 ? 236  ARG A NH2   1 
ATOM   447  N N     . VAL A 1 64  ? 4.931   0.813   9.806   1.00 11.58 ? 237  VAL A N     1 
ATOM   448  C CA    . VAL A 1 64  ? 4.856   0.275   8.454   1.00 10.26 ? 237  VAL A CA    1 
ATOM   449  C C     . VAL A 1 64  ? 6.202   0.453   7.792   1.00 12.35 ? 237  VAL A C     1 
ATOM   450  O O     . VAL A 1 64  ? 6.712   1.562   7.722   1.00 12.73 ? 237  VAL A O     1 
ATOM   451  C CB    . VAL A 1 64  ? 3.753   1.051   7.629   1.00 14.29 ? 237  VAL A CB    1 
ATOM   452  C CG1   A VAL A 1 64  ? 3.609   0.444   6.200   0.50 17.66 ? 237  VAL A CG1   1 
ATOM   453  C CG2   A VAL A 1 64  ? 2.458   0.961   8.312   0.50 17.21 ? 237  VAL A CG2   1 
ATOM   454  N N     . VAL A 1 65  ? 6.753   -0.632  7.246   1.00 9.20  ? 238  VAL A N     1 
ATOM   455  C CA    . VAL A 1 65  ? 8.032   -0.584  6.563   1.00 9.41  ? 238  VAL A CA    1 
ATOM   456  C C     . VAL A 1 65  ? 7.942   -1.055  5.104   1.00 8.39  ? 238  VAL A C     1 
ATOM   457  O O     . VAL A 1 65  ? 8.864   -0.842  4.341   1.00 10.56 ? 238  VAL A O     1 
ATOM   458  C CB    . VAL A 1 65  ? 9.119   -1.361  7.316   1.00 12.50 ? 238  VAL A CB    1 
ATOM   459  C CG1   . VAL A 1 65  ? 9.372   -0.743  8.707   1.00 15.93 ? 238  VAL A CG1   1 
ATOM   460  C CG2   . VAL A 1 65  ? 8.754   -2.795  7.435   1.00 13.50 ? 238  VAL A CG2   1 
ATOM   461  N N     . ASP A 1 66  ? 6.809   -1.626  4.695   1.00 9.16  ? 239  ASP A N     1 
ATOM   462  C CA    . ASP A 1 66  ? 6.626   -2.041  3.309   1.00 8.45  ? 239  ASP A CA    1 
ATOM   463  C C     . ASP A 1 66  ? 5.156   -2.282  3.072   1.00 7.68  ? 239  ASP A C     1 
ATOM   464  O O     . ASP A 1 66  ? 4.361   -2.234  3.993   1.00 7.85  ? 239  ASP A O     1 
ATOM   465  C CB    . ASP A 1 66  ? 7.453   -3.284  3.003   1.00 7.74  ? 239  ASP A CB    1 
ATOM   466  C CG    . ASP A 1 66  ? 7.602   -3.540  1.514   1.00 10.28 ? 239  ASP A CG    1 
ATOM   467  O OD1   . ASP A 1 66  ? 7.666   -2.576  0.731   1.00 9.93  ? 239  ASP A OD1   1 
ATOM   468  O OD2   . ASP A 1 66  ? 7.652   -4.718  1.111   1.00 12.59 ? 239  ASP A OD2   1 
ATOM   469  N N     . ILE A 1 67  ? 4.814   -2.515  1.823   1.00 7.50  ? 240  ILE A N     1 
ATOM   470  C CA    . ILE A 1 67  ? 3.498   -3.052  1.477   1.00 8.39  ? 240  ILE A CA    1 
ATOM   471  C C     . ILE A 1 67  ? 3.710   -4.186  0.496   1.00 9.29  ? 240  ILE A C     1 
ATOM   472  O O     . ILE A 1 67  ? 4.492   -4.060  -0.476  1.00 10.04 ? 240  ILE A O     1 
ATOM   473  C CB    . ILE A 1 67  ? 2.544   -1.963  0.917   1.00 12.10 ? 240  ILE A CB    1 
ATOM   474  C CG1   . ILE A 1 67  ? 1.164   -2.568  0.635   1.00 14.81 ? 240  ILE A CG1   1 
ATOM   475  C CG2   . ILE A 1 67  ? 3.151   -1.295  -0.276  1.00 15.72 ? 240  ILE A CG2   1 
ATOM   476  C CD1   . ILE A 1 67  ? 0.009   -1.594  0.970   1.00 18.19 ? 240  ILE A CD1   1 
ATOM   477  N N     . TYR A 1 68  ? 3.060   -5.314  0.780   1.00 7.65  ? 241  TYR A N     1 
ATOM   478  C CA    . TYR A 1 68  ? 3.293   -6.547  0.032   1.00 8.01  ? 241  TYR A CA    1 
ATOM   479  C C     . TYR A 1 68  ? 2.080   -6.823  -0.807  1.00 9.71  ? 241  TYR A C     1 
ATOM   480  O O     . TYR A 1 68  ? 0.984   -6.885  -0.282  1.00 9.26  ? 241  TYR A O     1 
ATOM   481  C CB    . TYR A 1 68  ? 3.553   -7.691  1.018   1.00 8.50  ? 241  TYR A CB    1 
ATOM   482  C CG    . TYR A 1 68  ? 4.087   -8.927  0.364   1.00 7.66  ? 241  TYR A CG    1 
ATOM   483  C CD1   . TYR A 1 68  ? 5.435   -9.074  0.103   1.00 7.93  ? 241  TYR A CD1   1 
ATOM   484  C CD2   . TYR A 1 68  ? 3.264   -9.978  0.075   1.00 9.29  ? 241  TYR A CD2   1 
ATOM   485  C CE1   . TYR A 1 68  ? 5.916   -10.198 -0.477  1.00 8.36  ? 241  TYR A CE1   1 
ATOM   486  C CE2   . TYR A 1 68  ? 3.762   -11.105 -0.528  1.00 8.60  ? 241  TYR A CE2   1 
ATOM   487  C CZ    . TYR A 1 68  ? 5.105   -11.224 -0.815  1.00 8.98  ? 241  TYR A CZ    1 
ATOM   488  O OH    . TYR A 1 68  ? 5.591   -12.358 -1.430  1.00 9.58  ? 241  TYR A OH    1 
ATOM   489  N N     . SER A 1 69  ? 2.260   -6.987  -2.114  1.00 7.31  ? 242  SER A N     1 
ATOM   490  C CA    . SER A 1 69  ? 1.157   -7.071  -3.073  1.00 8.73  ? 242  SER A CA    1 
ATOM   491  C C     . SER A 1 69  ? 1.163   -8.378  -3.830  1.00 7.82  ? 242  SER A C     1 
ATOM   492  O O     . SER A 1 69  ? 2.096   -9.176  -3.738  1.00 8.40  ? 242  SER A O     1 
ATOM   493  C CB    . SER A 1 69  ? 1.277   -5.975  -4.076  1.00 9.77  ? 242  SER A CB    1 
ATOM   494  O OG    . SER A 1 69  ? 2.352   -6.268  -4.961  1.00 12.38 ? 242  SER A OG    1 
ATOM   495  N N     . LYS A 1 70  ? 0.055   -8.626  -4.538  1.00 9.45  ? 243  LYS A N     1 
ATOM   496  C CA    . LYS A 1 70  ? -0.036  -9.828  -5.361  1.00 7.85  ? 243  LYS A CA    1 
ATOM   497  C C     . LYS A 1 70  ? 1.114   -9.876  -6.351  1.00 9.22  ? 243  LYS A C     1 
ATOM   498  O O     . LYS A 1 70  ? 1.658   -10.950 -6.666  1.00 9.27  ? 243  LYS A O     1 
ATOM   499  C CB    . LYS A 1 70  ? -1.391  -9.888  -6.078  1.00 8.11  ? 243  LYS A CB    1 
ATOM   500  C CG    . LYS A 1 70  ? -2.520  -10.145 -5.105  1.00 9.96  ? 243  LYS A CG    1 
ATOM   501  C CD    . LYS A 1 70  ? -3.908  -10.133 -5.774  1.00 11.33 ? 243  LYS A CD    1 
ATOM   502  C CE    . LYS A 1 70  ? -5.026  -10.407 -4.809  1.00 12.76 ? 243  LYS A CE    1 
ATOM   503  N NZ    . LYS A 1 70  ? -6.390  -10.246 -5.492  1.00 14.10 ? 243  LYS A NZ    1 
ATOM   504  N N     . PHE A 1 71  ? 1.484   -8.726  -6.906  1.00 8.21  ? 244  PHE A N     1 
ATOM   505  C CA    . PHE A 1 71  ? 2.572   -8.697  -7.842  1.00 8.10  ? 244  PHE A CA    1 
ATOM   506  C C     . PHE A 1 71  ? 3.869   -9.161  -7.187  1.00 8.71  ? 244  PHE A C     1 
ATOM   507  O O     . PHE A 1 71  ? 4.670   -9.826  -7.833  1.00 10.17 ? 244  PHE A O     1 
ATOM   508  C CB    . PHE A 1 71  ? 2.753   -7.322  -8.495  1.00 8.20  ? 244  PHE A CB    1 
ATOM   509  C CG    . PHE A 1 71  ? 3.873   -7.311  -9.507  1.00 11.25 ? 244  PHE A CG    1 
ATOM   510  C CD1   . PHE A 1 71  ? 3.678   -7.838  -10.775 1.00 12.68 ? 244  PHE A CD1   1 
ATOM   511  C CD2   . PHE A 1 71  ? 5.144   -6.910  -9.154  1.00 13.42 ? 244  PHE A CD2   1 
ATOM   512  C CE1   . PHE A 1 71  ? 4.716   -7.902  -11.696 1.00 15.08 ? 244  PHE A CE1   1 
ATOM   513  C CE2   . PHE A 1 71  ? 6.182   -6.968  -10.068 1.00 14.13 ? 244  PHE A CE2   1 
ATOM   514  C CZ    . PHE A 1 71  ? 5.973   -7.475  -11.330 1.00 14.38 ? 244  PHE A CZ    1 
ATOM   515  N N     . ASP A 1 72  ? 4.066   -8.851  -5.917  1.00 10.32 ? 245  ASP A N     1 
ATOM   516  C CA    . ASP A 1 72  ? 5.286   -9.309  -5.252  1.00 9.11  ? 245  ASP A CA    1 
ATOM   517  C C     . ASP A 1 72  ? 5.345   -10.804 -5.218  1.00 9.62  ? 245  ASP A C     1 
ATOM   518  O O     . ASP A 1 72  ? 6.431   -11.391 -5.304  1.00 9.45  ? 245  ASP A O     1 
ATOM   519  C CB    . ASP A 1 72  ? 5.364   -8.743  -3.839  1.00 7.27  ? 245  ASP A CB    1 
ATOM   520  C CG    . ASP A 1 72  ? 5.555   -7.247  -3.828  1.00 10.88 ? 245  ASP A CG    1 
ATOM   521  O OD1   . ASP A 1 72  ? 6.342   -6.718  -4.650  1.00 10.78 ? 245  ASP A OD1   1 
ATOM   522  O OD2   . ASP A 1 72  ? 4.962   -6.535  -2.994  1.00 10.04 ? 245  ASP A OD2   1 
ATOM   523  N N     . VAL A 1 73  ? 4.215   -11.481 -5.088  1.00 8.35  ? 246  VAL A N     1 
ATOM   524  C CA    . VAL A 1 73  ? 4.232   -12.920 -5.083  1.00 8.16  ? 246  VAL A CA    1 
ATOM   525  C C     . VAL A 1 73  ? 4.610   -13.440 -6.446  1.00 9.19  ? 246  VAL A C     1 
ATOM   526  O O     . VAL A 1 73  ? 5.361   -14.409 -6.566  1.00 9.77  ? 246  VAL A O     1 
ATOM   527  C CB    . VAL A 1 73  ? 2.855   -13.545 -4.665  1.00 11.19 ? 246  VAL A CB    1 
ATOM   528  C CG1   . VAL A 1 73  ? 2.872   -15.071 -4.742  1.00 12.77 ? 246  VAL A CG1   1 
ATOM   529  C CG2   . VAL A 1 73  ? 2.531   -13.122 -3.266  1.00 11.27 ? 246  VAL A CG2   1 
ATOM   530  N N     . ILE A 1 74  ? 4.079   -12.829 -7.497  1.00 8.55  ? 247  ILE A N     1 
ATOM   531  C CA    . ILE A 1 74  ? 4.356   -13.253 -8.852  1.00 10.43 ? 247  ILE A CA    1 
ATOM   532  C C     . ILE A 1 74  ? 5.810   -12.991 -9.200  1.00 10.57 ? 247  ILE A C     1 
ATOM   533  O O     . ILE A 1 74  ? 6.454   -13.795 -9.867  1.00 9.87  ? 247  ILE A O     1 
ATOM   534  C CB    . ILE A 1 74  ? 3.406   -12.547 -9.835  1.00 11.05 ? 247  ILE A CB    1 
ATOM   535  C CG1   . ILE A 1 74  ? 1.954   -12.968 -9.535  1.00 14.13 ? 247  ILE A CG1   1 
ATOM   536  C CG2   . ILE A 1 74  ? 3.824   -12.826 -11.322 1.00 15.63 ? 247  ILE A CG2   1 
ATOM   537  C CD1   . ILE A 1 74  ? 1.697   -14.414 -9.667  1.00 18.52 ? 247  ILE A CD1   1 
ATOM   538  N N     . ASN A 1 75  ? 6.345   -11.878 -8.707  1.00 8.89  ? 248  ASN A N     1 
ATOM   539  C CA    . ASN A 1 75  ? 7.754   -11.575 -8.884  1.00 8.89  ? 248  ASN A CA    1 
ATOM   540  C C     . ASN A 1 75  ? 8.623   -12.635 -8.199  1.00 8.78  ? 248  ASN A C     1 
ATOM   541  O O     . ASN A 1 75  ? 9.588   -13.082 -8.798  1.00 10.21 ? 248  ASN A O     1 
ATOM   542  C CB    . ASN A 1 75  ? 8.045   -10.150 -8.384  1.00 11.75 ? 248  ASN A CB    1 
ATOM   543  C CG    . ASN A 1 75  ? 9.199   -9.474  -9.094  1.00 14.83 ? 248  ASN A CG    1 
ATOM   544  O OD1   . ASN A 1 75  ? 9.694   -9.945  -10.116 1.00 18.28 ? 248  ASN A OD1   1 
ATOM   545  N ND2   . ASN A 1 75  ? 9.618   -8.353  -8.557  1.00 19.18 ? 248  ASN A ND2   1 
ATOM   546  N N     . LEU A 1 76  ? 8.283   -13.029 -6.981  1.00 8.40  ? 249  LEU A N     1 
ATOM   547  C CA    . LEU A 1 76  ? 8.972   -14.118 -6.338  1.00 7.46  ? 249  LEU A CA    1 
ATOM   548  C C     . LEU A 1 76  ? 8.902   -15.375 -7.206  1.00 9.07  ? 249  LEU A C     1 
ATOM   549  O O     . LEU A 1 76  ? 9.909   -16.103 -7.379  1.00 9.07  ? 249  LEU A O     1 
ATOM   550  C CB    . LEU A 1 76  ? 8.348   -14.379 -4.960  1.00 9.75  ? 249  LEU A CB    1 
ATOM   551  C CG    . LEU A 1 76  ? 8.945   -15.533 -4.157  1.00 10.12 ? 249  LEU A CG    1 
ATOM   552  C CD1   . LEU A 1 76  ? 10.379  -15.252 -3.694  1.00 9.95  ? 249  LEU A CD1   1 
ATOM   553  C CD2   . LEU A 1 76  ? 8.061   -15.788 -2.925  1.00 10.45 ? 249  LEU A CD2   1 
ATOM   554  N N     . ALA A 1 77  ? 7.729   -15.694 -7.731  1.00 8.39  ? 250  ALA A N     1 
ATOM   555  C CA    . ALA A 1 77  ? 7.564   -16.891 -8.518  1.00 8.32  ? 250  ALA A CA    1 
ATOM   556  C C     . ALA A 1 77  ? 8.453   -16.903 -9.721  1.00 9.55  ? 250  ALA A C     1 
ATOM   557  O O     . ALA A 1 77  ? 8.862   -17.976 -10.158 1.00 10.73 ? 250  ALA A O     1 
ATOM   558  C CB    . ALA A 1 77  ? 6.064   -17.066 -8.930  1.00 8.70  ? 250  ALA A CB    1 
ATOM   559  N N     . ALA A 1 78  ? 8.727   -15.730 -10.283 1.00 9.06  ? 251  ALA A N     1 
ATOM   560  C CA    . ALA A 1 78  ? 9.532   -15.629 -11.506 1.00 9.06  ? 251  ALA A CA    1 
ATOM   561  C C     . ALA A 1 78  ? 11.027  -15.668 -11.218 1.00 10.62 ? 251  ALA A C     1 
ATOM   562  O O     . ALA A 1 78  ? 11.820  -15.834 -12.138 1.00 12.20 ? 251  ALA A O     1 
ATOM   563  C CB    . ALA A 1 78  ? 9.215   -14.333 -12.278 1.00 10.52 ? 251  ALA A CB    1 
ATOM   564  N N     . GLU A 1 79  ? 11.456  -15.524 -9.980  1.00 10.12 ? 252  GLU A N     1 
ATOM   565  C CA    . GLU A 1 79  ? 12.902  -15.562 -9.692  1.00 10.00 ? 252  GLU A CA    1 
ATOM   566  C C     . GLU A 1 79  ? 13.486  -16.870 -10.175 1.00 11.64 ? 252  GLU A C     1 
ATOM   567  O O     . GLU A 1 79  ? 12.929  -17.916 -9.911  1.00 12.39 ? 252  GLU A O     1 
ATOM   568  C CB    . GLU A 1 79  ? 13.128  -15.418 -8.191  1.00 11.90 ? 252  GLU A CB    1 
ATOM   569  C CG    . GLU A 1 79  ? 12.783  -14.027 -7.683  1.00 11.50 ? 252  GLU A CG    1 
ATOM   570  C CD    . GLU A 1 79  ? 13.029  -13.812 -6.218  1.00 12.04 ? 252  GLU A CD    1 
ATOM   571  O OE1   . GLU A 1 79  ? 13.733  -14.627 -5.588  1.00 12.10 ? 252  GLU A OE1   1 
ATOM   572  O OE2   . GLU A 1 79  ? 12.539  -12.807 -5.670  1.00 13.38 ? 252  GLU A OE2   1 
ATOM   573  N N     . LYS A 1 80  ? 14.645  -16.815 -10.840 1.00 14.12 ? 253  LYS A N     1 
ATOM   574  C CA    . LYS A 1 80  ? 15.252  -18.034 -11.383 1.00 17.12 ? 253  LYS A CA    1 
ATOM   575  C C     . LYS A 1 80  ? 15.929  -18.872 -10.308 1.00 14.97 ? 253  LYS A C     1 
ATOM   576  O O     . LYS A 1 80  ? 16.106  -20.067 -10.475 1.00 18.32 ? 253  LYS A O     1 
ATOM   577  C CB    . LYS A 1 80  ? 16.201  -17.684 -12.538 1.00 21.32 ? 253  LYS A CB    1 
ATOM   578  C CG    . LYS A 1 80  ? 15.449  -17.106 -13.734 1.00 28.72 ? 253  LYS A CG    1 
ATOM   579  C CD    . LYS A 1 80  ? 16.320  -16.844 -14.947 1.00 32.67 ? 253  LYS A CD    1 
ATOM   580  C CE    . LYS A 1 80  ? 15.494  -16.218 -16.068 1.00 36.58 ? 253  LYS A CE    1 
ATOM   581  N NZ    . LYS A 1 80  ? 14.393  -17.128 -16.498 1.00 40.33 ? 253  LYS A NZ    1 
ATOM   582  N N     . THR A 1 81  ? 16.273  -18.256 -9.190  1.00 13.58 ? 254  THR A N     1 
ATOM   583  C CA    . THR A 1 81  ? 16.866  -18.986 -8.081  1.00 12.45 ? 254  THR A CA    1 
ATOM   584  C C     . THR A 1 81  ? 15.790  -19.769 -7.316  1.00 13.03 ? 254  THR A C     1 
ATOM   585  O O     . THR A 1 81  ? 14.577  -19.484 -7.445  1.00 13.07 ? 254  THR A O     1 
ATOM   586  C CB    . THR A 1 81  ? 17.586  -18.039 -7.134  1.00 18.47 ? 254  THR A CB    1 
ATOM   587  O OG1   . THR A 1 81  ? 16.728  -16.926 -6.846  1.00 21.10 ? 254  THR A OG1   1 
ATOM   588  C CG2   . THR A 1 81  ? 18.862  -17.525 -7.783  1.00 21.54 ? 254  THR A CG2   1 
ATOM   589  N N     . TYR A 1 82  ? 16.200  -20.742 -6.517  1.00 12.09 ? 255  TYR A N     1 
ATOM   590  C CA    . TYR A 1 82  ? 15.289  -21.626 -5.829  1.00 10.94 ? 255  TYR A CA    1 
ATOM   591  C C     . TYR A 1 82  ? 14.717  -20.974 -4.611  1.00 10.73 ? 255  TYR A C     1 
ATOM   592  O O     . TYR A 1 82  ? 15.473  -20.522 -3.749  1.00 10.94 ? 255  TYR A O     1 
ATOM   593  C CB    . TYR A 1 82  ? 16.033  -22.902 -5.425  1.00 12.28 ? 255  TYR A CB    1 
ATOM   594  C CG    . TYR A 1 82  ? 15.164  -23.919 -4.764  1.00 12.93 ? 255  TYR A CG    1 
ATOM   595  C CD1   . TYR A 1 82  ? 14.692  -25.004 -5.489  1.00 15.48 ? 255  TYR A CD1   1 
ATOM   596  C CD2   . TYR A 1 82  ? 14.789  -23.806 -3.441  1.00 15.58 ? 255  TYR A CD2   1 
ATOM   597  C CE1   . TYR A 1 82  ? 13.873  -25.956 -4.893  1.00 14.34 ? 255  TYR A CE1   1 
ATOM   598  C CE2   . TYR A 1 82  ? 13.978  -24.744 -2.828  1.00 16.12 ? 255  TYR A CE2   1 
ATOM   599  C CZ    . TYR A 1 82  ? 13.520  -25.821 -3.575  1.00 15.69 ? 255  TYR A CZ    1 
ATOM   600  O OH    . TYR A 1 82  ? 12.709  -26.746 -2.970  1.00 20.17 ? 255  TYR A OH    1 
ATOM   601  N N     . ASN A 1 83  ? 13.388  -20.901 -4.531  1.00 10.23 ? 256  ASN A N     1 
ATOM   602  C CA    . ASN A 1 83  ? 12.696  -20.425 -3.362  1.00 9.09  ? 256  ASN A CA    1 
ATOM   603  C C     . ASN A 1 83  ? 11.642  -21.406 -2.941  1.00 11.28 ? 256  ASN A C     1 
ATOM   604  O O     . ASN A 1 83  ? 11.200  -22.209 -3.762  1.00 11.79 ? 256  ASN A O     1 
ATOM   605  C CB    . ASN A 1 83  ? 11.982  -19.109 -3.643  1.00 10.66 ? 256  ASN A CB    1 
ATOM   606  C CG    . ASN A 1 83  ? 12.922  -17.993 -3.992  1.00 12.25 ? 256  ASN A CG    1 
ATOM   607  O OD1   . ASN A 1 83  ? 13.760  -17.600 -3.188  1.00 14.08 ? 256  ASN A OD1   1 
ATOM   608  N ND2   . ASN A 1 83  ? 12.756  -17.435 -5.184  1.00 11.75 ? 256  ASN A ND2   1 
ATOM   609  N N     . ASN A 1 84  ? 11.264  -21.332 -1.677  1.00 11.14 ? 257  ASN A N     1 
ATOM   610  C CA    . ASN A 1 84  ? 10.024  -21.954 -1.196  1.00 12.00 ? 257  ASN A CA    1 
ATOM   611  C C     . ASN A 1 84  ? 9.195   -20.882 -0.509  1.00 12.11 ? 257  ASN A C     1 
ATOM   612  O O     . ASN A 1 84  ? 9.593   -19.742 -0.448  1.00 12.54 ? 257  ASN A O     1 
ATOM   613  C CB    . ASN A 1 84  ? 10.320  -23.102 -0.256  1.00 13.40 ? 257  ASN A CB    1 
ATOM   614  C CG    . ASN A 1 84  ? 11.186  -22.713 0.907   1.00 14.50 ? 257  ASN A CG    1 
ATOM   615  O OD1   . ASN A 1 84  ? 10.921  -21.746 1.606   1.00 13.17 ? 257  ASN A OD1   1 
ATOM   616  N ND2   . ASN A 1 84  ? 12.260  -23.494 1.134   1.00 17.81 ? 257  ASN A ND2   1 
ATOM   617  N N     . LEU A 1 85  ? 8.004   -21.224 -0.044  1.00 13.89 ? 258  LEU A N     1 
ATOM   618  C CA    . LEU A 1 85  ? 7.140   -20.169 0.493   1.00 12.42 ? 258  LEU A CA    1 
ATOM   619  C C     . LEU A 1 85  ? 7.428   -19.858 1.938   1.00 13.92 ? 258  LEU A C     1 
ATOM   620  O O     . LEU A 1 85  ? 6.742   -19.007 2.501   1.00 13.27 ? 258  LEU A O     1 
ATOM   621  C CB    . LEU A 1 85  ? 5.676   -20.576 0.385   1.00 14.01 ? 258  LEU A CB    1 
ATOM   622  C CG    . LEU A 1 85  ? 5.023   -20.538 -0.965  1.00 13.89 ? 258  LEU A CG    1 
ATOM   623  C CD1   . LEU A 1 85  ? 3.735   -21.311 -0.868  1.00 13.73 ? 258  LEU A CD1   1 
ATOM   624  C CD2   . LEU A 1 85  ? 4.737   -19.084 -1.406  1.00 16.53 ? 258  LEU A CD2   1 
ATOM   625  N N     . ASP A 1 86  ? 8.411   -20.538 2.554   1.00 11.73 ? 259  ASP A N     1 
ATOM   626  C CA    . ASP A 1 86  ? 8.796   -20.211 3.897   1.00 12.89 ? 259  ASP A CA    1 
ATOM   627  C C     . ASP A 1 86  ? 9.624   -18.907 3.981   1.00 14.08 ? 259  ASP A C     1 
ATOM   628  O O     . ASP A 1 86  ? 9.863   -18.390 5.057   1.00 19.18 ? 259  ASP A O     1 
ATOM   629  C CB    . ASP A 1 86  ? 9.567   -21.388 4.509   1.00 14.31 ? 259  ASP A CB    1 
ATOM   630  C CG    . ASP A 1 86  ? 9.440   -21.464 6.010   1.00 18.52 ? 259  ASP A CG    1 
ATOM   631  O OD1   . ASP A 1 86  ? 8.734   -20.657 6.624   1.00 18.71 ? 259  ASP A OD1   1 
ATOM   632  O OD2   . ASP A 1 86  ? 10.057  -22.386 6.581   1.00 30.46 ? 259  ASP A OD2   1 
ATOM   633  N N     . VAL A 1 87  ? 9.931   -18.302 2.867   1.00 14.70 ? 260  VAL A N     1 
ATOM   634  C CA    . VAL A 1 87  ? 10.708  -17.072 2.947   1.00 17.59 ? 260  VAL A CA    1 
ATOM   635  C C     . VAL A 1 87  ? 9.852   -15.909 3.464   1.00 16.60 ? 260  VAL A C     1 
ATOM   636  O O     . VAL A 1 87  ? 8.653   -15.930 3.238   1.00 13.47 ? 260  VAL A O     1 
ATOM   637  C CB    . VAL A 1 87  ? 11.291  -16.768 1.619   1.00 17.31 ? 260  VAL A CB    1 
ATOM   638  C CG1   . VAL A 1 87  ? 10.206  -16.488 0.598   1.00 18.13 ? 260  VAL A CG1   1 
ATOM   639  C CG2   . VAL A 1 87  ? 12.302  -15.629 1.762   1.00 21.28 ? 260  VAL A CG2   1 
ATOM   640  N N     . SER A 1 88  ? 10.418  -14.956 4.216   1.00 15.84 ? 261  SER A N     1 
ATOM   641  C CA    . SER A 1 88  ? 9.636   -13.826 4.758   1.00 14.15 ? 261  SER A CA    1 
ATOM   642  C C     . SER A 1 88  ? 9.226   -12.925 3.606   1.00 12.75 ? 261  SER A C     1 
ATOM   643  O O     . SER A 1 88  ? 9.886   -12.830 2.554   1.00 12.52 ? 261  SER A O     1 
ATOM   644  C CB    . SER A 1 88  ? 10.374  -12.982 5.850   1.00 13.96 ? 261  SER A CB    1 
ATOM   645  O OG    . SER A 1 88  ? 10.652  -13.765 7.054   1.00 19.84 ? 261  SER A OG    1 
ATOM   646  N N     . VAL A 1 89  ? 8.124   -12.223 3.821   1.00 10.27 ? 262  VAL A N     1 
ATOM   647  C CA    . VAL A 1 89  ? 7.632   -11.257 2.865   1.00 9.15  ? 262  VAL A CA    1 
ATOM   648  C C     . VAL A 1 89  ? 8.655   -10.157 2.608   1.00 8.94  ? 262  VAL A C     1 
ATOM   649  O O     . VAL A 1 89  ? 8.617   -9.531  1.570   1.00 8.86  ? 262  VAL A O     1 
ATOM   650  C CB    . VAL A 1 89  ? 6.327   -10.646 3.347   1.00 8.57  ? 262  VAL A CB    1 
ATOM   651  C CG1   . VAL A 1 89  ? 5.175   -11.670 3.268   1.00 9.92  ? 262  VAL A CG1   1 
ATOM   652  C CG2   . VAL A 1 89  ? 6.468   -9.990  4.704   1.00 9.60  ? 262  VAL A CG2   1 
ATOM   653  N N     . THR A 1 90  ? 9.574   -9.962  3.531   1.00 9.86  ? 263  THR A N     1 
ATOM   654  C CA    . THR A 1 90  ? 10.622  -8.957  3.331   1.00 8.64  ? 263  THR A CA    1 
ATOM   655  C C     . THR A 1 90  ? 11.594  -9.322  2.228   1.00 8.84  ? 263  THR A C     1 
ATOM   656  O O     . THR A 1 90  ? 12.347  -8.446  1.791   1.00 9.04  ? 263  THR A O     1 
ATOM   657  C CB    . THR A 1 90  ? 11.378  -8.696  4.637   1.00 8.85  ? 263  THR A CB    1 
ATOM   658  O OG1   . THR A 1 90  ? 11.722  -9.935  5.257   1.00 10.74 ? 263  THR A OG1   1 
ATOM   659  C CG2   . THR A 1 90  ? 10.491  -7.947  5.614   1.00 12.53 ? 263  THR A CG2   1 
ATOM   660  N N     . LYS A 1 91  ? 11.570  -10.528 1.674   1.00 9.62  ? 264  LYS A N     1 
ATOM   661  C CA    . LYS A 1 91  ? 12.441  -10.751 0.518   1.00 9.77  ? 264  LYS A CA    1 
ATOM   662  C C     . LYS A 1 91  ? 12.026  -9.879  -0.668  1.00 9.85  ? 264  LYS A C     1 
ATOM   663  O O     . LYS A 1 91  ? 12.841  -9.586  -1.547  1.00 11.48 ? 264  LYS A O     1 
ATOM   664  C CB    . LYS A 1 91  ? 12.517  -12.226 0.099   1.00 13.34 ? 264  LYS A CB    1 
ATOM   665  C CG    . LYS A 1 91  ? 13.975  -12.530 -0.404  1.00 16.48 ? 264  LYS A CG    1 
ATOM   666  C CD    . LYS A 1 91  ? 14.429  -13.958 -0.528  1.00 22.05 ? 264  LYS A CD    1 
ATOM   667  C CE    . LYS A 1 91  ? 14.075  -14.508 -1.862  1.00 16.23 ? 264  LYS A CE    1 
ATOM   668  N NZ    . LYS A 1 91  ? 14.842  -13.966 -3.050  1.00 16.32 ? 264  LYS A NZ    1 
ATOM   669  N N     . ALA A 1 92  ? 10.783  -9.383  -0.684  1.00 9.03  ? 265  ALA A N     1 
ATOM   670  C CA    . ALA A 1 92  ? 10.372  -8.514  -1.780  1.00 8.11  ? 265  ALA A CA    1 
ATOM   671  C C     . ALA A 1 92  ? 11.185  -7.236  -1.815  1.00 7.62  ? 265  ALA A C     1 
ATOM   672  O O     . ALA A 1 92  ? 11.279  -6.589  -2.869  1.00 10.04 ? 265  ALA A O     1 
ATOM   673  C CB    . ALA A 1 92  ? 8.868   -8.193  -1.714  1.00 11.23 ? 265  ALA A CB    1 
ATOM   674  N N     . LEU A 1 93  ? 11.756  -6.878  -0.684  1.00 8.56  ? 266  LEU A N     1 
ATOM   675  C CA    . LEU A 1 93  ? 12.563  -5.653  -0.578  1.00 7.87  ? 266  LEU A CA    1 
ATOM   676  C C     . LEU A 1 93  ? 13.818  -5.740  -1.408  1.00 11.81 ? 266  LEU A C     1 
ATOM   677  O O     . LEU A 1 93  ? 14.426  -4.699  -1.643  1.00 11.41 ? 266  LEU A O     1 
ATOM   678  C CB    . LEU A 1 93  ? 12.949  -5.430  0.864   1.00 9.57  ? 266  LEU A CB    1 
ATOM   679  C CG    . LEU A 1 93  ? 11.814  -5.092  1.822   1.00 10.05 ? 266  LEU A CG    1 
ATOM   680  C CD1   . LEU A 1 93  ? 12.335  -5.001  3.263   1.00 12.30 ? 266  LEU A CD1   1 
ATOM   681  C CD2   . LEU A 1 93  ? 11.199  -3.787  1.379   1.00 13.68 ? 266  LEU A CD2   1 
ATOM   682  N N     . GLN A 1 94  ? 14.195  -6.919  -1.906  1.00 10.35 ? 267  GLN A N     1 
ATOM   683  C CA    . GLN A 1 94  ? 15.350  -6.945  -2.815  1.00 10.44 ? 267  GLN A CA    1 
ATOM   684  C C     . GLN A 1 94  ? 15.042  -6.302  -4.140  1.00 11.85 ? 267  GLN A C     1 
ATOM   685  O O     . GLN A 1 94  ? 15.988  -5.864  -4.832  1.00 12.84 ? 267  GLN A O     1 
ATOM   686  C CB    . GLN A 1 94  ? 15.880  -8.377  -2.984  1.00 11.06 ? 267  GLN A CB    1 
ATOM   687  C CG    . GLN A 1 94  ? 15.125  -9.185  -4.018  1.00 11.74 ? 267  GLN A CG    1 
ATOM   688  C CD    . GLN A 1 94  ? 15.653  -10.622 -4.168  1.00 12.05 ? 267  GLN A CD    1 
ATOM   689  O OE1   . GLN A 1 94  ? 16.035  -11.251 -3.206  1.00 13.08 ? 267  GLN A OE1   1 
ATOM   690  N NE2   . GLN A 1 94  ? 15.736  -11.117 -5.404  1.00 13.43 ? 267  GLN A NE2   1 
ATOM   691  N N     . HIS A 1 95  ? 13.759  -6.212  -4.514  1.00 11.72 ? 268  HIS A N     1 
ATOM   692  C CA    . HIS A 1 95  ? 13.318  -5.722  -5.814  1.00 12.57 ? 268  HIS A CA    1 
ATOM   693  C C     . HIS A 1 95  ? 12.980  -4.238  -5.835  1.00 11.50 ? 268  HIS A C     1 
ATOM   694  O O     . HIS A 1 95  ? 13.043  -3.606  -6.888  1.00 14.91 ? 268  HIS A O     1 
ATOM   695  C CB    . HIS A 1 95  ? 12.105  -6.522  -6.319  1.00 11.69 ? 268  HIS A CB    1 
ATOM   696  C CG    . HIS A 1 95  ? 12.389  -7.966  -6.607  1.00 12.00 ? 268  HIS A CG    1 
ATOM   697  N ND1   . HIS A 1 95  ? 13.220  -8.368  -7.634  1.00 13.65 ? 268  HIS A ND1   1 
ATOM   698  C CD2   . HIS A 1 95  ? 11.981  -9.099  -5.985  1.00 12.59 ? 268  HIS A CD2   1 
ATOM   699  C CE1   . HIS A 1 95  ? 13.296  -9.692  -7.636  1.00 12.91 ? 268  HIS A CE1   1 
ATOM   700  N NE2   . HIS A 1 95  ? 12.563  -10.163 -6.647  1.00 11.67 ? 268  HIS A NE2   1 
ATOM   701  N N     . ARG A 1 96  ? 12.625  -3.678  -4.694  1.00 11.67 ? 269  ARG A N     1 
ATOM   702  C CA    . ARG A 1 96  ? 12.085  -2.328  -4.612  1.00 11.92 ? 269  ARG A CA    1 
ATOM   703  C C     . ARG A 1 96  ? 11.962  -1.928  -3.164  1.00 11.84 ? 269  ARG A C     1 
ATOM   704  O O     . ARG A 1 96  ? 11.694  -2.778  -2.281  1.00 9.36  ? 269  ARG A O     1 
ATOM   705  C CB    . ARG A 1 96  ? 10.708  -2.206  -5.299  1.00 13.21 ? 269  ARG A CB    1 
ATOM   706  C CG    . ARG A 1 96  ? 9.469   -2.720  -4.557  1.00 12.87 ? 269  ARG A CG    1 
ATOM   707  C CD    . ARG A 1 96  ? 9.471   -4.249  -4.348  1.00 11.34 ? 269  ARG A CD    1 
ATOM   708  N NE    . ARG A 1 96  ? 8.287   -4.692  -3.621  1.00 10.85 ? 269  ARG A NE    1 
ATOM   709  C CZ    . ARG A 1 96  ? 8.130   -4.517  -2.322  1.00 11.34 ? 269  ARG A CZ    1 
ATOM   710  N NH1   . ARG A 1 96  ? 9.043   -3.898  -1.592  1.00 12.79 ? 269  ARG A NH1   1 
ATOM   711  N NH2   . ARG A 1 96  ? 7.052   -4.946  -1.727  1.00 11.39 ? 269  ARG A NH2   1 
ATOM   712  N N     . SER A 1 97  ? 12.111  -0.633  -2.912  1.00 11.42 ? 270  SER A N     1 
ATOM   713  C CA    . SER A 1 97  ? 11.886  -0.070  -1.606  1.00 9.95  ? 270  SER A CA    1 
ATOM   714  C C     . SER A 1 97  ? 10.923  1.079   -1.689  1.00 13.47 ? 270  SER A C     1 
ATOM   715  O O     . SER A 1 97  ? 11.314  2.211   -1.954  1.00 16.58 ? 270  SER A O     1 
ATOM   716  C CB    . SER A 1 97  ? 13.191  0.449   -0.999  1.00 14.44 ? 270  SER A CB    1 
ATOM   717  O OG    . SER A 1 97  ? 12.917  1.095   0.269   1.00 14.25 ? 270  SER A OG    1 
ATOM   718  N N     . HIS A 1 98  ? 9.663   0.784   -1.414  1.00 10.69 ? 271  HIS A N     1 
ATOM   719  C CA    . HIS A 1 98  ? 8.625   1.810   -1.366  1.00 12.10 ? 271  HIS A CA    1 
ATOM   720  C C     . HIS A 1 98  ? 8.959   2.809   -0.266  1.00 10.20 ? 271  HIS A C     1 
ATOM   721  O O     . HIS A 1 98  ? 8.789   4.021   -0.421  1.00 12.58 ? 271  HIS A O     1 
ATOM   722  C CB    . HIS A 1 98  ? 7.266   1.125   -1.134  1.00 13.21 ? 271  HIS A CB    1 
ATOM   723  C CG    . HIS A 1 98  ? 6.875   0.204   -2.247  1.00 15.57 ? 271  HIS A CG    1 
ATOM   724  N ND1   . HIS A 1 98  ? 6.437   -1.095  -2.059  1.00 20.67 ? 271  HIS A ND1   1 
ATOM   725  C CD2   . HIS A 1 98  ? 6.882   0.414   -3.580  1.00 13.16 ? 271  HIS A CD2   1 
ATOM   726  C CE1   . HIS A 1 98  ? 6.174   -1.630  -3.246  1.00 15.60 ? 271  HIS A CE1   1 
ATOM   727  N NE2   . HIS A 1 98  ? 6.437   -0.734  -4.181  1.00 19.40 ? 271  HIS A NE2   1 
ATOM   728  N N     . TYR A 1 99  ? 9.481   2.300   0.837   1.00 11.43 ? 272  TYR A N     1 
ATOM   729  C CA    . TYR A 1 99  ? 9.840   3.118   1.976   1.00 11.81 ? 272  TYR A CA    1 
ATOM   730  C C     . TYR A 1 99  ? 10.827  4.226   1.641   1.00 11.69 ? 272  TYR A C     1 
ATOM   731  O O     . TYR A 1 99  ? 10.552  5.411   1.845   1.00 14.21 ? 272  TYR A O     1 
ATOM   732  C CB    . TYR A 1 99  ? 10.398  2.182   3.059   1.00 12.86 ? 272  TYR A CB    1 
ATOM   733  C CG    . TYR A 1 99  ? 10.810  2.879   4.321   1.00 16.55 ? 272  TYR A CG    1 
ATOM   734  C CD1   . TYR A 1 99  ? 9.911   3.031   5.355   1.00 19.20 ? 272  TYR A CD1   1 
ATOM   735  C CD2   . TYR A 1 99  ? 12.117  3.341   4.492   1.00 17.99 ? 272  TYR A CD2   1 
ATOM   736  C CE1   . TYR A 1 99  ? 10.285  3.650   6.524   1.00 22.97 ? 272  TYR A CE1   1 
ATOM   737  C CE2   . TYR A 1 99  ? 12.494  3.977   5.641   1.00 21.69 ? 272  TYR A CE2   1 
ATOM   738  C CZ    . TYR A 1 99  ? 11.568  4.124   6.656   1.00 24.09 ? 272  TYR A CZ    1 
ATOM   739  O OH    . TYR A 1 99  ? 11.937  4.736   7.824   1.00 30.22 ? 272  TYR A OH    1 
ATOM   740  N N     . PHE A 1 100 ? 11.985  3.854   1.099   1.00 14.22 ? 273  PHE A N     1 
ATOM   741  C CA    . PHE A 1 100 ? 13.024  4.849   0.872   1.00 12.97 ? 273  PHE A CA    1 
ATOM   742  C C     . PHE A 1 100 ? 12.742  5.725   -0.345  1.00 14.86 ? 273  PHE A C     1 
ATOM   743  O O     . PHE A 1 100 ? 13.322  6.816   -0.455  1.00 16.82 ? 273  PHE A O     1 
ATOM   744  C CB    . PHE A 1 100 ? 14.392  4.175   0.720   1.00 15.42 ? 273  PHE A CB    1 
ATOM   745  C CG    . PHE A 1 100 ? 14.983  3.729   2.015   1.00 15.01 ? 273  PHE A CG    1 
ATOM   746  C CD1   . PHE A 1 100 ? 15.445  4.656   2.935   1.00 19.35 ? 273  PHE A CD1   1 
ATOM   747  C CD2   . PHE A 1 100 ? 15.107  2.390   2.309   1.00 17.24 ? 273  PHE A CD2   1 
ATOM   748  C CE1   . PHE A 1 100 ? 15.998  4.235   4.146   1.00 21.47 ? 273  PHE A CE1   1 
ATOM   749  C CE2   . PHE A 1 100 ? 15.676  1.968   3.504   1.00 19.33 ? 273  PHE A CE2   1 
ATOM   750  C CZ    . PHE A 1 100 ? 16.119  2.897   4.417   1.00 19.91 ? 273  PHE A CZ    1 
ATOM   751  N N     . GLU A 1 101 ? 11.874  5.292   -1.243  1.00 12.79 ? 274  GLU A N     1 
ATOM   752  C CA    . GLU A 1 101 ? 11.421  6.157   -2.335  1.00 14.28 ? 274  GLU A CA    1 
ATOM   753  C C     . GLU A 1 101 ? 10.314  7.100   -1.929  1.00 15.70 ? 274  GLU A C     1 
ATOM   754  O O     . GLU A 1 101 ? 9.938   7.966   -2.720  1.00 17.66 ? 274  GLU A O     1 
ATOM   755  C CB    . GLU A 1 101 ? 11.002  5.345   -3.528  1.00 15.21 ? 274  GLU A CB    1 
ATOM   756  C CG    . GLU A 1 101 ? 12.218  4.680   -4.107  1.00 16.89 ? 274  GLU A CG    1 
ATOM   757  C CD    . GLU A 1 101 ? 11.946  3.897   -5.323  1.00 21.03 ? 274  GLU A CD    1 
ATOM   758  O OE1   . GLU A 1 101 ? 10.774  3.828   -5.761  1.00 23.55 ? 274  GLU A OE1   1 
ATOM   759  O OE2   . GLU A 1 101 ? 12.918  3.338   -5.870  1.00 20.69 ? 274  GLU A OE2   1 
ATOM   760  N N     . GLY A 1 102 ? 9.791   6.961   -0.718  1.00 13.41 ? 275  GLY A N     1 
ATOM   761  C CA    . GLY A 1 102 ? 8.736   7.872   -0.264  1.00 14.07 ? 275  GLY A CA    1 
ATOM   762  C C     . GLY A 1 102 ? 7.430   7.652   -1.005  1.00 14.49 ? 275  GLY A C     1 
ATOM   763  O O     . GLY A 1 102 ? 6.655   8.614   -1.208  1.00 16.40 ? 275  GLY A O     1 
ATOM   764  N N     . VAL A 1 103 ? 7.177   6.402   -1.395  1.00 12.55 ? 276  VAL A N     1 
ATOM   765  C CA    . VAL A 1 103 ? 5.955   6.022   -2.111  1.00 12.53 ? 276  VAL A CA    1 
ATOM   766  C C     . VAL A 1 103 ? 5.219   4.879   -1.408  1.00 10.97 ? 276  VAL A C     1 
ATOM   767  O O     . VAL A 1 103 ? 4.610   4.007   -2.043  1.00 14.08 ? 276  VAL A O     1 
ATOM   768  C CB    . VAL A 1 103 ? 6.238   5.683   -3.588  1.00 13.76 ? 276  VAL A CB    1 
ATOM   769  C CG1   . VAL A 1 103 ? 6.766   6.909   -4.315  1.00 16.22 ? 276  VAL A CG1   1 
ATOM   770  C CG2   . VAL A 1 103 ? 7.222   4.491   -3.751  1.00 14.21 ? 276  VAL A CG2   1 
ATOM   771  N N     . LEU A 1 104 ? 5.297   4.891   -0.078  1.00 10.36 ? 277  LEU A N     1 
ATOM   772  C CA    . LEU A 1 104 ? 4.653   3.903   0.753   1.00 10.27 ? 277  LEU A CA    1 
ATOM   773  C C     . LEU A 1 104 ? 3.495   4.468   1.554   1.00 11.10 ? 277  LEU A C     1 
ATOM   774  O O     . LEU A 1 104 ? 2.459   3.803   1.681   1.00 9.93  ? 277  LEU A O     1 
ATOM   775  C CB    . LEU A 1 104 ? 5.668   3.291   1.715   1.00 11.14 ? 277  LEU A CB    1 
ATOM   776  C CG    . LEU A 1 104 ? 5.234   2.349   2.835   1.00 12.89 ? 277  LEU A CG    1 
ATOM   777  C CD1   . LEU A 1 104 ? 4.603   1.090   2.259   1.00 13.71 ? 277  LEU A CD1   1 
ATOM   778  C CD2   . LEU A 1 104 ? 6.421   1.995   3.726   1.00 13.00 ? 277  LEU A CD2   1 
ATOM   779  N N     . LYS A 1 105 ? 3.675   5.667   2.126   1.00 9.38  ? 278  LYS A N     1 
ATOM   780  C CA    . LYS A 1 105 ? 2.806   6.195   3.167   1.00 11.46 ? 278  LYS A CA    1 
ATOM   781  C C     . LYS A 1 105 ? 2.172   7.484   2.745   1.00 10.49 ? 278  LYS A C     1 
ATOM   782  O O     . LYS A 1 105 ? 2.668   8.165   1.846   1.00 10.27 ? 278  LYS A O     1 
ATOM   783  C CB    . LYS A 1 105 ? 3.628   6.470   4.426   1.00 15.75 ? 278  LYS A CB    1 
ATOM   784  C CG    . LYS A 1 105 ? 4.275   5.257   5.054   1.00 18.46 ? 278  LYS A CG    1 
ATOM   785  C CD    . LYS A 1 105 ? 5.042   5.633   6.277   1.00 20.12 ? 278  LYS A CD    1 
ATOM   786  C CE    . LYS A 1 105 ? 6.271   6.418   5.949   1.00 23.58 ? 278  LYS A CE    1 
ATOM   787  N NZ    . LYS A 1 105 ? 7.222   6.387   7.101   1.00 26.99 ? 278  LYS A NZ    1 
ATOM   788  N N     . CYS A 1 106 ? 1.086   7.836   3.414   1.00 9.17  ? 279  CYS A N     1 
ATOM   789  C CA    . CYS A 1 106 ? 0.522   9.153   3.272   1.00 8.79  ? 279  CYS A CA    1 
ATOM   790  C C     . CYS A 1 106 ? -0.184  9.533   4.575   1.00 9.28  ? 279  CYS A C     1 
ATOM   791  O O     . CYS A 1 106 ? -0.348  8.713   5.493   1.00 8.26  ? 279  CYS A O     1 
ATOM   792  C CB    . CYS A 1 106 ? -0.420  9.249   2.093   1.00 10.09 ? 279  CYS A CB    1 
ATOM   793  S SG    . CYS A 1 106 ? -1.915  8.246   2.259   1.00 10.52 ? 279  CYS A SG    1 
ATOM   794  N N     . TYR A 1 107 ? -0.618  10.790  4.628   1.00 8.29  ? 280  TYR A N     1 
ATOM   795  C CA    . TYR A 1 107 ? -1.364  11.280  5.765   1.00 7.65  ? 280  TYR A CA    1 
ATOM   796  C C     . TYR A 1 107 ? -2.702  11.813  5.325   1.00 8.75  ? 280  TYR A C     1 
ATOM   797  O O     . TYR A 1 107 ? -2.874  12.299  4.198   1.00 9.66  ? 280  TYR A O     1 
ATOM   798  C CB    . TYR A 1 107 ? -0.661  12.449  6.443   1.00 7.75  ? 280  TYR A CB    1 
ATOM   799  C CG    . TYR A 1 107 ? 0.701   12.183  6.981   1.00 8.80  ? 280  TYR A CG    1 
ATOM   800  C CD1   . TYR A 1 107 ? 0.928   11.203  7.910   1.00 9.50  ? 280  TYR A CD1   1 
ATOM   801  C CD2   . TYR A 1 107 ? 1.750   13.030  6.672   1.00 13.82 ? 280  TYR A CD2   1 
ATOM   802  C CE1   . TYR A 1 107 ? 2.195   10.987  8.464   1.00 11.55 ? 280  TYR A CE1   1 
ATOM   803  C CE2   . TYR A 1 107 ? 3.027   12.828  7.229   1.00 15.15 ? 280  TYR A CE2   1 
ATOM   804  C CZ    . TYR A 1 107 ? 3.216   11.826  8.151   1.00 14.75 ? 280  TYR A CZ    1 
ATOM   805  O OH    . TYR A 1 107 ? 4.465   11.604  8.713   1.00 19.62 ? 280  TYR A OH    1 
ATOM   806  N N     . LEU A 1 108 ? -3.662  11.767  6.246   1.00 8.03  ? 281  LEU A N     1 
ATOM   807  C CA    . LEU A 1 108 ? -5.023  12.211  5.951   1.00 9.45  ? 281  LEU A CA    1 
ATOM   808  C C     . LEU A 1 108 ? -5.085  13.659  5.485   1.00 9.75  ? 281  LEU A C     1 
ATOM   809  O O     . LEU A 1 108 ? -6.017  14.044  4.777   1.00 9.73  ? 281  LEU A O     1 
ATOM   810  C CB    . LEU A 1 108 ? -5.935  12.091  7.160   1.00 9.50  ? 281  LEU A CB    1 
ATOM   811  C CG    . LEU A 1 108 ? -6.361  10.664  7.501   1.00 11.56 ? 281  LEU A CG    1 
ATOM   812  C CD1   . LEU A 1 108 ? -7.032  10.617  8.902   1.00 15.32 ? 281  LEU A CD1   1 
ATOM   813  C CD2   . LEU A 1 108 ? -7.264  10.138  6.465   1.00 14.03 ? 281  LEU A CD2   1 
ATOM   814  N N     . HIS A 1 109 ? -4.159  14.485  5.938   1.00 9.52  ? 282  HIS A N     1 
ATOM   815  C CA    . HIS A 1 109 ? -4.223  15.912  5.620   1.00 8.96  ? 282  HIS A CA    1 
ATOM   816  C C     . HIS A 1 109 ? -3.597  16.257  4.267   1.00 10.66 ? 282  HIS A C     1 
ATOM   817  O O     . HIS A 1 109 ? -3.626  17.414  3.844   1.00 11.73 ? 282  HIS A O     1 
ATOM   818  C CB    . HIS A 1 109 ? -3.533  16.734  6.730   1.00 11.13 ? 282  HIS A CB    1 
ATOM   819  C CG    . HIS A 1 109 ? -2.070  16.456  6.894   1.00 10.26 ? 282  HIS A CG    1 
ATOM   820  N ND1   . HIS A 1 109 ? -1.582  15.573  7.834   1.00 10.86 ? 282  HIS A ND1   1 
ATOM   821  C CD2   . HIS A 1 109 ? -0.980  16.959  6.258   1.00 10.78 ? 282  HIS A CD2   1 
ATOM   822  C CE1   . HIS A 1 109 ? -0.261  15.539  7.757   1.00 11.02 ? 282  HIS A CE1   1 
ATOM   823  N NE2   . HIS A 1 109 ? 0.132   16.354  6.790   1.00 13.02 ? 282  HIS A NE2   1 
ATOM   824  N N     . GLU A 1 110 ? -2.991  15.284  3.592   1.00 9.08  ? 283  GLU A N     1 
ATOM   825  C CA    . GLU A 1 110 ? -2.375  15.530  2.294   1.00 8.45  ? 283  GLU A CA    1 
ATOM   826  C C     . GLU A 1 110 ? -3.440  15.669  1.218   1.00 9.93  ? 283  GLU A C     1 
ATOM   827  O O     . GLU A 1 110 ? -4.495  15.068  1.299   1.00 9.56  ? 283  GLU A O     1 
ATOM   828  C CB    . GLU A 1 110 ? -1.357  14.451  1.951   1.00 10.85 ? 283  GLU A CB    1 
ATOM   829  C CG    . GLU A 1 110 ? -0.196  14.480  2.912   1.00 10.89 ? 283  GLU A CG    1 
ATOM   830  C CD    . GLU A 1 110 ? 0.903   13.549  2.520   1.00 11.15 ? 283  GLU A CD    1 
ATOM   831  O OE1   . GLU A 1 110 ? 0.664   12.319  2.562   1.00 11.39 ? 283  GLU A OE1   1 
ATOM   832  O OE2   . GLU A 1 110 ? 1.994   14.045  2.172   1.00 15.64 ? 283  GLU A OE2   1 
ATOM   833  N N     . THR A 1 111 ? -3.148  16.478  0.210   1.00 10.81 ? 284  THR A N     1 
ATOM   834  C CA    . THR A 1 111 ? -4.109  16.756  -0.836  1.00 9.53  ? 284  THR A CA    1 
ATOM   835  C C     . THR A 1 111 ? -4.142  15.641  -1.852  1.00 10.11 ? 284  THR A C     1 
ATOM   836  O O     . THR A 1 111 ? -3.172  14.884  -1.997  1.00 10.08 ? 284  THR A O     1 
ATOM   837  C CB    . THR A 1 111 ? -3.767  18.034  -1.595  1.00 11.19 ? 284  THR A CB    1 
ATOM   838  O OG1   . THR A 1 111 ? -2.501  17.901  -2.244  1.00 13.12 ? 284  THR A OG1   1 
ATOM   839  C CG2   . THR A 1 111 ? -3.739  19.255  -0.653  1.00 11.58 ? 284  THR A CG2   1 
ATOM   840  N N     . LEU A 1 112 ? -5.246  15.571  -2.574  1.00 9.46  ? 285  LEU A N     1 
ATOM   841  C CA    . LEU A 1 112 ? -5.359  14.597  -3.643  1.00 9.28  ? 285  LEU A CA    1 
ATOM   842  C C     . LEU A 1 112 ? -4.311  14.800  -4.709  1.00 12.47 ? 285  LEU A C     1 
ATOM   843  O O     . LEU A 1 112 ? -3.813  13.832  -5.281  1.00 11.04 ? 285  LEU A O     1 
ATOM   844  C CB    . LEU A 1 112 ? -6.774  14.534  -4.187  1.00 11.84 ? 285  LEU A CB    1 
ATOM   845  C CG    . LEU A 1 112 ? -7.579  13.461  -3.496  1.00 17.38 ? 285  LEU A CG    1 
ATOM   846  C CD1   . LEU A 1 112 ? -7.050  12.098  -4.020  1.00 14.55 ? 285  LEU A CD1   1 
ATOM   847  C CD2   . LEU A 1 112 ? -7.464  13.575  -1.984  1.00 15.79 ? 285  LEU A CD2   1 
ATOM   848  N N     . GLU A 1 113 ? -3.951  16.041  -4.993  1.00 10.19 ? 286  GLU A N     1 
ATOM   849  C CA    . GLU A 1 113 ? -2.867  16.283  -5.913  1.00 11.20 ? 286  GLU A CA    1 
ATOM   850  C C     . GLU A 1 113 ? -1.571  15.601  -5.452  1.00 10.11 ? 286  GLU A C     1 
ATOM   851  O O     . GLU A 1 113 ? -0.878  14.951  -6.225  1.00 11.25 ? 286  GLU A O     1 
ATOM   852  C CB    . GLU A 1 113 ? -2.658  17.794  -6.084  1.00 14.24 ? 286  GLU A CB    1 
ATOM   853  C CG    . GLU A 1 113 ? -1.518  18.177  -7.013  1.00 18.56 ? 286  GLU A CG    1 
ATOM   854  C CD    . GLU A 1 113 ? -1.274  19.643  -6.952  1.00 29.05 ? 286  GLU A CD    1 
ATOM   855  O OE1   . GLU A 1 113 ? -1.974  20.360  -7.685  1.00 30.67 ? 286  GLU A OE1   1 
ATOM   856  O OE2   . GLU A 1 113 ? -0.418  20.073  -6.144  1.00 34.23 ? 286  GLU A OE2   1 
ATOM   857  N N     . THR A 1 114 ? -1.244  15.773  -4.169  1.00 10.01 ? 287  THR A N     1 
ATOM   858  C CA    . THR A 1 114 ? -0.049  15.156  -3.611  1.00 10.45 ? 287  THR A CA    1 
ATOM   859  C C     . THR A 1 114 ? -0.109  13.616  -3.684  1.00 9.47  ? 287  THR A C     1 
ATOM   860  O O     . THR A 1 114 ? 0.837   12.944  -4.086  1.00 10.00 ? 287  THR A O     1 
ATOM   861  C CB    . THR A 1 114 ? 0.114   15.597  -2.142  1.00 10.76 ? 287  THR A CB    1 
ATOM   862  O OG1   . THR A 1 114 ? 0.425   16.991  -2.117  1.00 13.32 ? 287  THR A OG1   1 
ATOM   863  C CG2   . THR A 1 114 ? 1.211   14.832  -1.435  1.00 12.62 ? 287  THR A CG2   1 
ATOM   864  N N     . ILE A 1 115 ? -1.278  13.078  -3.339  1.00 9.12  ? 288  ILE A N     1 
ATOM   865  C CA    . ILE A 1 115 ? -1.418  11.604  -3.335  1.00 9.88  ? 288  ILE A CA    1 
ATOM   866  C C     . ILE A 1 115 ? -1.334  11.027  -4.733  1.00 8.15  ? 288  ILE A C     1 
ATOM   867  O O     . ILE A 1 115 ? -0.601  10.063  -4.970  1.00 10.02 ? 288  ILE A O     1 
ATOM   868  C CB    . ILE A 1 115 ? -2.767  11.259  -2.686  1.00 9.60  ? 288  ILE A CB    1 
ATOM   869  C CG1   . ILE A 1 115 ? -2.797  11.678  -1.221  1.00 12.79 ? 288  ILE A CG1   1 
ATOM   870  C CG2   . ILE A 1 115 ? -3.107  9.794   -2.861  1.00 11.26 ? 288  ILE A CG2   1 
ATOM   871  C CD1   . ILE A 1 115 ? -1.758  11.087  -0.377  1.00 14.27 ? 288  ILE A CD1   1 
ATOM   872  N N     . ILE A 1 116 ? -2.022  11.654  -5.678  1.00 9.23  ? 289  ILE A N     1 
ATOM   873  C CA    . ILE A 1 116 ? -2.001  11.178  -7.051  1.00 7.90  ? 289  ILE A CA    1 
ATOM   874  C C     . ILE A 1 116 ? -0.600  11.292  -7.623  1.00 9.78  ? 289  ILE A C     1 
ATOM   875  O O     . ILE A 1 116 ? -0.099  10.342  -8.251  1.00 10.22 ? 289  ILE A O     1 
ATOM   876  C CB    . ILE A 1 116 ? -3.049  11.931  -7.902  1.00 8.20  ? 289  ILE A CB    1 
ATOM   877  C CG1   . ILE A 1 116 ? -4.425  11.386  -7.580  1.00 8.05  ? 289  ILE A CG1   1 
ATOM   878  C CG2   . ILE A 1 116 ? -2.759  11.821  -9.426  1.00 10.90 ? 289  ILE A CG2   1 
ATOM   879  C CD1   . ILE A 1 116 ? -5.550  12.181  -8.185  1.00 11.18 ? 289  ILE A CD1   1 
ATOM   880  N N     . ASN A 1 117 ? 0.110   12.391  -7.347  1.00 9.57  ? 290  ASN A N     1 
ATOM   881  C CA    . ASN A 1 117 ? 1.476   12.514  -7.859  1.00 12.16 ? 290  ASN A CA    1 
ATOM   882  C C     . ASN A 1 117 ? 2.372   11.457  -7.236  1.00 12.05 ? 290  ASN A C     1 
ATOM   883  O O     . ASN A 1 117 ? 3.271   10.928  -7.896  1.00 11.97 ? 290  ASN A O     1 
ATOM   884  C CB    . ASN A 1 117 ? 2.077   13.894  -7.591  1.00 13.36 ? 290  ASN A CB    1 
ATOM   885  C CG    . ASN A 1 117 ? 1.487   14.987  -8.441  1.00 18.25 ? 290  ASN A CG    1 
ATOM   886  O OD1   . ASN A 1 117 ? 0.888   14.740  -9.464  1.00 18.89 ? 290  ASN A OD1   1 
ATOM   887  N ND2   . ASN A 1 117 ? 1.674   16.235  -8.009  1.00 18.66 ? 290  ASN A ND2   1 
ATOM   888  N N     . ARG A 1 118 ? 2.164   11.107  -5.975  1.00 9.55  ? 291  ARG A N     1 
ATOM   889  C CA    . ARG A 1 118 ? 3.023   10.120  -5.325  1.00 9.40  ? 291  ARG A CA    1 
ATOM   890  C C     . ARG A 1 118 ? 2.764   8.736   -5.893  1.00 10.89 ? 291  ARG A C     1 
ATOM   891  O O     . ARG A 1 118 ? 3.695   7.982   -6.160  1.00 12.96 ? 291  ARG A O     1 
ATOM   892  C CB    . ARG A 1 118 ? 2.779   10.143  -3.829  1.00 10.83 ? 291  ARG A CB    1 
ATOM   893  C CG    . ARG A 1 118 ? 3.662   9.202   -2.992  1.00 10.03 ? 291  ARG A CG    1 
ATOM   894  C CD    . ARG A 1 118 ? 3.444   9.381   -1.487  1.00 10.84 ? 291  ARG A CD    1 
ATOM   895  N NE    . ARG A 1 118 ? 3.751   10.729  -1.088  1.00 10.26 ? 291  ARG A NE    1 
ATOM   896  C CZ    . ARG A 1 118 ? 3.160   11.410  -0.132  1.00 9.82  ? 291  ARG A CZ    1 
ATOM   897  N NH1   . ARG A 1 118 ? 2.263   10.841  0.650   1.00 10.39 ? 291  ARG A NH1   1 
ATOM   898  N NH2   . ARG A 1 118 ? 3.465   12.696  0.058   1.00 11.83 ? 291  ARG A NH2   1 
ATOM   899  N N     . LEU A 1 119 ? 1.495   8.381   -6.119  1.00 10.55 ? 292  LEU A N     1 
ATOM   900  C CA    . LEU A 1 119 ? 1.162   7.117   -6.776  1.00 9.73  ? 292  LEU A CA    1 
ATOM   901  C C     . LEU A 1 119 ? 1.803   7.024   -8.150  1.00 13.15 ? 292  LEU A C     1 
ATOM   902  O O     . LEU A 1 119 ? 2.352   5.977   -8.539  1.00 11.50 ? 292  LEU A O     1 
ATOM   903  C CB    . LEU A 1 119 ? -0.357  6.987   -6.937  1.00 10.14 ? 292  LEU A CB    1 
ATOM   904  C CG    . LEU A 1 119 ? -1.150  6.807   -5.640  1.00 11.89 ? 292  LEU A CG    1 
ATOM   905  C CD1   . LEU A 1 119 ? -2.646  7.054   -5.900  1.00 11.30 ? 292  LEU A CD1   1 
ATOM   906  C CD2   . LEU A 1 119 ? -0.934  5.435   -5.049  1.00 12.69 ? 292  LEU A CD2   1 
ATOM   907  N N     . VAL A 1 120 ? 1.746   8.117   -8.894  1.00 11.87 ? 293  VAL A N     1 
ATOM   908  C CA    . VAL A 1 120 ? 2.236   8.067   -10.270 1.00 12.47 ? 293  VAL A CA    1 
ATOM   909  C C     . VAL A 1 120 ? 3.759   8.073   -10.329 1.00 14.72 ? 293  VAL A C     1 
ATOM   910  O O     . VAL A 1 120 ? 4.324   7.424   -11.207 1.00 16.08 ? 293  VAL A O     1 
ATOM   911  C CB    . VAL A 1 120 ? 1.597   9.211   -11.079 1.00 13.58 ? 293  VAL A CB    1 
ATOM   912  C CG1   . VAL A 1 120 ? 2.268   9.412   -12.425 1.00 18.16 ? 293  VAL A CG1   1 
ATOM   913  C CG2   . VAL A 1 120 ? 0.101   8.939   -11.240 1.00 14.27 ? 293  VAL A CG2   1 
ATOM   914  N N     . GLU A 1 121 ? 4.423   8.747   -9.389  1.00 14.92 ? 294  GLU A N     1 
ATOM   915  C CA    . GLU A 1 121 ? 5.892   8.793   -9.349  1.00 17.27 ? 294  GLU A CA    1 
ATOM   916  C C     . GLU A 1 121 ? 6.542   7.417   -9.447  1.00 20.55 ? 294  GLU A C     1 
ATOM   917  O O     . GLU A 1 121 ? 7.553   7.256   -10.132 1.00 21.07 ? 294  GLU A O     1 
ATOM   918  C CB    . GLU A 1 121 ? 6.360   9.475   -8.071  1.00 21.46 ? 294  GLU A CB    1 
ATOM   919  C CG    . GLU A 1 121 ? 7.877   9.653   -7.958  1.00 29.73 ? 294  GLU A CG    1 
ATOM   920  C CD    . GLU A 1 121 ? 8.434   10.671  -8.937  1.00 39.76 ? 294  GLU A CD    1 
ATOM   921  O OE1   . GLU A 1 121 ? 7.642   11.289  -9.691  1.00 51.45 ? 294  GLU A OE1   1 
ATOM   922  O OE2   . GLU A 1 121 ? 9.675   10.860  -8.950  1.00 48.68 ? 294  GLU A OE2   1 
ATOM   923  N N     . ALA A 1 122 ? 6.001   6.431   -8.736  1.00 16.48 ? 295  ALA A N     1 
ATOM   924  C CA    . ALA A 1 122 ? 6.592   5.091   -8.707  1.00 19.30 ? 295  ALA A CA    1 
ATOM   925  C C     . ALA A 1 122 ? 5.700   4.047   -9.332  1.00 18.34 ? 295  ALA A C     1 
ATOM   926  O O     . ALA A 1 122 ? 6.004   2.866   -9.289  1.00 18.81 ? 295  ALA A O     1 
ATOM   927  C CB    . ALA A 1 122 ? 6.926   4.681   -7.269  1.00 23.30 ? 295  ALA A CB    1 
ATOM   928  N N     . GLU A 1 123 ? 4.605   4.480   -9.948  1.00 13.82 ? 296  GLU A N     1 
ATOM   929  C CA    . GLU A 1 123 ? 3.637   3.578   -10.498 1.00 14.41 ? 296  GLU A CA    1 
ATOM   930  C C     . GLU A 1 123 ? 3.231   2.559   -9.467  1.00 16.92 ? 296  GLU A C     1 
ATOM   931  O O     . GLU A 1 123 ? 3.382   1.343   -9.673  1.00 17.46 ? 296  GLU A O     1 
ATOM   932  C CB    . GLU A 1 123 ? 4.169   2.873   -11.746 1.00 21.65 ? 296  GLU A CB    1 
ATOM   933  C CG    . GLU A 1 123 ? 4.645   3.787   -12.847 1.00 28.40 ? 296  GLU A CG    1 
ATOM   934  C CD    . GLU A 1 123 ? 5.080   2.965   -14.041 1.00 35.04 ? 296  GLU A CD    1 
ATOM   935  O OE1   . GLU A 1 123 ? 4.190   2.333   -14.665 1.00 33.55 ? 296  GLU A OE1   1 
ATOM   936  O OE2   . GLU A 1 123 ? 6.299   2.919   -14.312 1.00 41.02 ? 296  GLU A OE2   1 
ATOM   937  N N     . VAL A 1 124 ? 2.693   3.046   -8.359  1.00 11.88 ? 297  VAL A N     1 
ATOM   938  C CA    . VAL A 1 124 ? 2.158   2.148   -7.338  1.00 11.85 ? 297  VAL A CA    1 
ATOM   939  C C     . VAL A 1 124 ? 0.680   2.343   -7.238  1.00 12.13 ? 297  VAL A C     1 
ATOM   940  O O     . VAL A 1 124 ? 0.164   3.356   -7.699  1.00 11.19 ? 297  VAL A O     1 
ATOM   941  C CB    . VAL A 1 124 ? 2.826   2.329   -5.951  1.00 13.84 ? 297  VAL A CB    1 
ATOM   942  C CG1   . VAL A 1 124 ? 4.299   1.896   -6.035  1.00 13.11 ? 297  VAL A CG1   1 
ATOM   943  C CG2   . VAL A 1 124 ? 2.694   3.760   -5.425  1.00 16.83 ? 297  VAL A CG2   1 
ATOM   944  N N     . HIS A 1 125 ? -0.025  1.353   -6.702  1.00 10.99 ? 298  HIS A N     1 
ATOM   945  C CA    . HIS A 1 125 ? -1.478  1.339   -6.772  1.00 10.70 ? 298  HIS A CA    1 
ATOM   946  C C     . HIS A 1 125 ? -2.179  1.645   -5.442  1.00 9.51  ? 298  HIS A C     1 
ATOM   947  O O     . HIS A 1 125 ? -3.392  1.668   -5.395  1.00 9.75  ? 298  HIS A O     1 
ATOM   948  C CB    . HIS A 1 125 ? -1.977  -0.004  -7.297  1.00 12.69 ? 298  HIS A CB    1 
ATOM   949  C CG    . HIS A 1 125 ? -1.597  -0.279  -8.722  1.00 15.16 ? 298  HIS A CG    1 
ATOM   950  N ND1   . HIS A 1 125 ? -2.105  -1.349  -9.420  1.00 22.98 ? 298  HIS A ND1   1 
ATOM   951  C CD2   . HIS A 1 125 ? -0.807  0.400   -9.590  1.00 19.62 ? 298  HIS A CD2   1 
ATOM   952  C CE1   . HIS A 1 125 ? -1.623  -1.329  -10.655 1.00 21.35 ? 298  HIS A CE1   1 
ATOM   953  N NE2   . HIS A 1 125 ? -0.820  -0.290  -10.780 1.00 16.77 ? 298  HIS A NE2   1 
ATOM   954  N N     . ARG A 1 126 ? -1.406  1.772   -4.370  1.00 7.98  ? 299  ARG A N     1 
ATOM   955  C CA    . ARG A 1 126 ? -1.981  2.157   -3.098  1.00 9.10  ? 299  ARG A CA    1 
ATOM   956  C C     . ARG A 1 126 ? -0.936  2.758   -2.219  1.00 8.92  ? 299  ARG A C     1 
ATOM   957  O O     . ARG A 1 126 ? 0.256   2.574   -2.446  1.00 9.53  ? 299  ARG A O     1 
ATOM   958  C CB    . ARG A 1 126 ? -2.641  0.979   -2.404  1.00 8.55  ? 299  ARG A CB    1 
ATOM   959  C CG    . ARG A 1 126 ? -1.753  -0.034  -1.796  1.00 11.40 ? 299  ARG A CG    1 
ATOM   960  C CD    . ARG A 1 126 ? -1.022  -0.888  -2.773  1.00 13.60 ? 299  ARG A CD    1 
ATOM   961  N NE    . ARG A 1 126 ? -1.912  -1.655  -3.613  1.00 14.93 ? 299  ARG A NE    1 
ATOM   962  C CZ    . ARG A 1 126 ? -1.508  -2.557  -4.492  1.00 16.49 ? 299  ARG A CZ    1 
ATOM   963  N NH1   . ARG A 1 126 ? -0.216  -2.759  -4.658  1.00 18.61 ? 299  ARG A NH1   1 
ATOM   964  N NH2   . ARG A 1 126 ? -2.398  -3.245  -5.206  1.00 20.08 ? 299  ARG A NH2   1 
ATOM   965  N N     . LEU A 1 127 ? -1.411  3.470   -1.196  1.00 7.72  ? 300  LEU A N     1 
ATOM   966  C CA    . LEU A 1 127 ? -0.567  4.001   -0.133  1.00 6.96  ? 300  LEU A CA    1 
ATOM   967  C C     . LEU A 1 127 ? -1.199  3.622   1.181   1.00 7.35  ? 300  LEU A C     1 
ATOM   968  O O     . LEU A 1 127 ? -2.425  3.529   1.296   1.00 8.70  ? 300  LEU A O     1 
ATOM   969  C CB    . LEU A 1 127 ? -0.428  5.522   -0.227  1.00 7.88  ? 300  LEU A CB    1 
ATOM   970  C CG    . LEU A 1 127 ? 0.259   6.035   -1.501  1.00 8.82  ? 300  LEU A CG    1 
ATOM   971  C CD1   . LEU A 1 127 ? -0.021  7.526   -1.650  1.00 11.25 ? 300  LEU A CD1   1 
ATOM   972  C CD2   . LEU A 1 127 ? 1.731   5.789   -1.483  1.00 9.67  ? 300  LEU A CD2   1 
ATOM   973  N N     . VAL A 1 128 ? -0.365  3.507   2.210   1.00 7.48  ? 301  VAL A N     1 
ATOM   974  C CA    . VAL A 1 128 ? -0.831  3.283   3.567   1.00 8.13  ? 301  VAL A CA    1 
ATOM   975  C C     . VAL A 1 128 ? -0.956  4.622   4.268   1.00 9.75  ? 301  VAL A C     1 
ATOM   976  O O     . VAL A 1 128 ? 0.011   5.376   4.324   1.00 9.40  ? 301  VAL A O     1 
ATOM   977  C CB    . VAL A 1 128 ? 0.118   2.359   4.333   1.00 8.70  ? 301  VAL A CB    1 
ATOM   978  C CG1   . VAL A 1 128 ? -0.495  1.920   5.675   1.00 10.77 ? 301  VAL A CG1   1 
ATOM   979  C CG2   . VAL A 1 128 ? 0.444   1.111   3.497   1.00 11.56 ? 301  VAL A CG2   1 
ATOM   980  N N     . VAL A 1 129 ? -2.142  4.880   4.806   1.00 7.55  ? 302  VAL A N     1 
ATOM   981  C CA    . VAL A 1 129 ? -2.380  6.087   5.593   1.00 7.08  ? 302  VAL A CA    1 
ATOM   982  C C     . VAL A 1 129 ? -1.854  5.790   7.000   1.00 9.06  ? 302  VAL A C     1 
ATOM   983  O O     . VAL A 1 129 ? -2.204  4.743   7.592   1.00 8.94  ? 302  VAL A O     1 
ATOM   984  C CB    . VAL A 1 129 ? -3.873  6.424   5.638   1.00 8.40  ? 302  VAL A CB    1 
ATOM   985  C CG1   . VAL A 1 129 ? -4.093  7.775   6.333   1.00 10.11 ? 302  VAL A CG1   1 
ATOM   986  C CG2   . VAL A 1 129 ? -4.500  6.441   4.272   1.00 9.44  ? 302  VAL A CG2   1 
ATOM   987  N N     . VAL A 1 130 ? -0.984  6.661   7.508   1.00 8.66  ? 303  VAL A N     1 
ATOM   988  C CA    . VAL A 1 130 ? -0.354  6.412   8.811   1.00 8.00  ? 303  VAL A CA    1 
ATOM   989  C C     . VAL A 1 130 ? -0.520  7.597   9.743   1.00 9.80  ? 303  VAL A C     1 
ATOM   990  O O     . VAL A 1 130 ? -0.906  8.697   9.318   1.00 9.01  ? 303  VAL A O     1 
ATOM   991  C CB    . VAL A 1 130 ? 1.142   6.078   8.670   1.00 10.11 ? 303  VAL A CB    1 
ATOM   992  C CG1   . VAL A 1 130 ? 1.343   4.811   7.807   1.00 9.51  ? 303  VAL A CG1   1 
ATOM   993  C CG2   . VAL A 1 130 ? 1.934   7.270   8.074   1.00 10.61 ? 303  VAL A CG2   1 
ATOM   994  N N     . ASP A 1 131 ? -0.233  7.343   11.023  1.00 8.24  ? 304  ASP A N     1 
ATOM   995  C CA    . ASP A 1 131 ? -0.240  8.373   12.047  1.00 8.24  ? 304  ASP A CA    1 
ATOM   996  C C     . ASP A 1 131 ? 1.161   8.905   12.232  1.00 8.42  ? 304  ASP A C     1 
ATOM   997  O O     . ASP A 1 131 ? 2.073   8.600   11.469  1.00 8.55  ? 304  ASP A O     1 
ATOM   998  C CB    . ASP A 1 131 ? -0.907  7.819   13.303  1.00 8.41  ? 304  ASP A CB    1 
ATOM   999  C CG    . ASP A 1 131 ? -0.037  6.837   14.076  1.00 10.39 ? 304  ASP A CG    1 
ATOM   1000 O OD1   . ASP A 1 131 ? 1.111   6.593   13.694  1.00 9.76  ? 304  ASP A OD1   1 
ATOM   1001 O OD2   . ASP A 1 131 ? -0.548  6.336   15.114  1.00 13.75 ? 304  ASP A OD2   1 
ATOM   1002 N N     . GLU A 1 132 ? 1.365   9.687   13.300  1.00 8.94  ? 305  GLU A N     1 
ATOM   1003 C CA    . GLU A 1 132 ? 2.627   10.305  13.583  1.00 10.08 ? 305  GLU A CA    1 
ATOM   1004 C C     . GLU A 1 132 ? 3.729   9.325   13.974  1.00 10.57 ? 305  GLU A C     1 
ATOM   1005 O O     . GLU A 1 132 ? 4.874   9.726   14.050  1.00 13.63 ? 305  GLU A O     1 
ATOM   1006 C CB    . GLU A 1 132 ? 2.448   11.341  14.707  1.00 9.44  ? 305  GLU A CB    1 
ATOM   1007 C CG    . GLU A 1 132 ? 2.061   10.771  16.096  1.00 9.97  ? 305  GLU A CG    1 
ATOM   1008 C CD    . GLU A 1 132 ? 0.608   10.432  16.305  1.00 9.53  ? 305  GLU A CD    1 
ATOM   1009 O OE1   . GLU A 1 132 ? -0.221  10.668  15.386  1.00 11.07 ? 305  GLU A OE1   1 
ATOM   1010 O OE2   . GLU A 1 132 ? 0.271   9.951   17.399  1.00 11.71 ? 305  GLU A OE2   1 
ATOM   1011 N N     . ASN A 1 133 ? 3.365   8.067   14.196  1.00 10.25 ? 306  ASN A N     1 
ATOM   1012 C CA    . ASN A 1 133 ? 4.318   7.029   14.575  1.00 11.58 ? 306  ASN A CA    1 
ATOM   1013 C C     . ASN A 1 133 ? 4.449   5.997   13.471  1.00 11.54 ? 306  ASN A C     1 
ATOM   1014 O O     . ASN A 1 133 ? 5.001   4.934   13.696  1.00 12.02 ? 306  ASN A O     1 
ATOM   1015 C CB    . ASN A 1 133 ? 3.847   6.348   15.867  1.00 14.15 ? 306  ASN A CB    1 
ATOM   1016 C CG    . ASN A 1 133 ? 4.938   5.526   16.539  1.00 17.55 ? 306  ASN A CG    1 
ATOM   1017 O OD1   . ASN A 1 133 ? 6.118   5.788   16.365  1.00 16.89 ? 306  ASN A OD1   1 
ATOM   1018 N ND2   . ASN A 1 133 ? 4.524   4.536   17.296  1.00 21.91 ? 306  ASN A ND2   1 
ATOM   1019 N N     . ASP A 1 134 ? 3.950   6.310   12.286  1.00 10.44 ? 307  ASP A N     1 
ATOM   1020 C CA    . ASP A 1 134 ? 4.025   5.390   11.145  1.00 10.76 ? 307  ASP A CA    1 
ATOM   1021 C C     . ASP A 1 134 ? 3.233   4.111   11.377  1.00 9.88  ? 307  ASP A C     1 
ATOM   1022 O O     . ASP A 1 134 ? 3.490   3.112   10.706  1.00 12.02 ? 307  ASP A O     1 
ATOM   1023 C CB    . ASP A 1 134 ? 5.486   5.147   10.749  1.00 13.64 ? 307  ASP A CB    1 
ATOM   1024 C CG    . ASP A 1 134 ? 6.153   6.433   10.325  1.00 21.75 ? 307  ASP A CG    1 
ATOM   1025 O OD1   . ASP A 1 134 ? 5.614   7.112   9.412   1.00 16.19 ? 307  ASP A OD1   1 
ATOM   1026 O OD2   . ASP A 1 134 ? 7.155   6.826   10.977  1.00 27.85 ? 307  ASP A OD2   1 
ATOM   1027 N N     . VAL A 1 135 ? 2.219   4.168   12.218  1.00 9.44  ? 308  VAL A N     1 
ATOM   1028 C CA    . VAL A 1 135 ? 1.334   3.059   12.479  1.00 9.82  ? 308  VAL A CA    1 
ATOM   1029 C C     . VAL A 1 135 ? 0.113   3.173   11.529  1.00 10.74 ? 308  VAL A C     1 
ATOM   1030 O O     . VAL A 1 135 ? -0.355  4.289   11.200  1.00 11.28 ? 308  VAL A O     1 
ATOM   1031 C CB    . VAL A 1 135 ? 0.874   3.073   13.980  1.00 11.78 ? 308  VAL A CB    1 
ATOM   1032 C CG1   . VAL A 1 135 ? -0.357  2.195   14.213  1.00 14.26 ? 308  VAL A CG1   1 
ATOM   1033 C CG2   . VAL A 1 135 ? 2.026   2.687   14.897  1.00 13.86 ? 308  VAL A CG2   1 
ATOM   1034 N N     . VAL A 1 136 ? -0.402  2.027   11.077  1.00 10.47 ? 309  VAL A N     1 
ATOM   1035 C CA    . VAL A 1 136 ? -1.490  1.989   10.096  1.00 11.17 ? 309  VAL A CA    1 
ATOM   1036 C C     . VAL A 1 136 ? -2.749  2.620   10.598  1.00 12.05 ? 309  VAL A C     1 
ATOM   1037 O O     . VAL A 1 136 ? -3.247  2.266   11.674  1.00 13.71 ? 309  VAL A O     1 
ATOM   1038 C CB    . VAL A 1 136 ? -1.802  0.515   9.742   1.00 12.49 ? 309  VAL A CB    1 
ATOM   1039 C CG1   . VAL A 1 136 ? -3.046  0.417   8.850   1.00 15.72 ? 309  VAL A CG1   1 
ATOM   1040 C CG2   . VAL A 1 136 ? -0.617  -0.065  9.065   1.00 12.70 ? 309  VAL A CG2   1 
ATOM   1041 N N     . LYS A 1 137 ? -3.306  3.544   9.824   1.00 10.74 ? 310  LYS A N     1 
ATOM   1042 C CA    . LYS A 1 137 ? -4.642  4.056   10.030  1.00 10.45 ? 310  LYS A CA    1 
ATOM   1043 C C     . LYS A 1 137 ? -5.575  3.562   8.933   1.00 10.19 ? 310  LYS A C     1 
ATOM   1044 O O     . LYS A 1 137 ? -6.754  3.441   9.142   1.00 11.35 ? 310  LYS A O     1 
ATOM   1045 C CB    . LYS A 1 137 ? -4.656  5.594   9.984   1.00 11.42 ? 310  LYS A CB    1 
ATOM   1046 C CG    . LYS A 1 137 ? -3.909  6.300   11.075  1.00 16.82 ? 310  LYS A CG    1 
ATOM   1047 C CD    . LYS A 1 137 ? -3.932  7.833   10.875  1.00 17.37 ? 310  LYS A CD    1 
ATOM   1048 C CE    . LYS A 1 137 ? -5.266  8.451   11.070  1.00 19.71 ? 310  LYS A CE    1 
ATOM   1049 N NZ    . LYS A 1 137 ? -5.655  8.463   12.510  1.00 21.03 ? 310  LYS A NZ    1 
ATOM   1050 N N     . GLY A 1 138 ? -5.061  3.332   7.733   1.00 9.65  ? 311  GLY A N     1 
ATOM   1051 C CA    . GLY A 1 138 ? -5.934  2.927   6.622   1.00 9.65  ? 311  GLY A CA    1 
ATOM   1052 C C     . GLY A 1 138 ? -5.146  2.701   5.358   1.00 8.90  ? 311  GLY A C     1 
ATOM   1053 O O     . GLY A 1 138 ? -3.941  2.722   5.388   1.00 8.40  ? 311  GLY A O     1 
ATOM   1054 N N     . ILE A 1 139 ? -5.852  2.522   4.257   1.00 7.52  ? 312  ILE A N     1 
ATOM   1055 C CA    . ILE A 1 139 ? -5.255  2.341   2.950   1.00 9.26  ? 312  ILE A CA    1 
ATOM   1056 C C     . ILE A 1 139 ? -6.035  3.164   1.948   1.00 7.24  ? 312  ILE A C     1 
ATOM   1057 O O     . ILE A 1 139 ? -7.256  3.258   2.031   1.00 8.31  ? 312  ILE A O     1 
ATOM   1058 C CB    . ILE A 1 139 ? -5.317  0.856   2.516   1.00 12.70 ? 312  ILE A CB    1 
ATOM   1059 C CG1   . ILE A 1 139 ? -4.350  0.031   3.362   1.00 17.54 ? 312  ILE A CG1   1 
ATOM   1060 C CG2   . ILE A 1 139 ? -4.976  0.688   0.995   1.00 13.22 ? 312  ILE A CG2   1 
ATOM   1061 C CD1   . ILE A 1 139 ? -4.386  -1.484  3.077   1.00 23.82 ? 312  ILE A CD1   1 
ATOM   1062 N N     . VAL A 1 140 ? -5.331  3.770   0.990   1.00 7.52  ? 313  VAL A N     1 
ATOM   1063 C CA    . VAL A 1 140 ? -5.956  4.471   -0.132  1.00 7.29  ? 313  VAL A CA    1 
ATOM   1064 C C     . VAL A 1 140 ? -5.445  3.812   -1.387  1.00 7.58  ? 313  VAL A C     1 
ATOM   1065 O O     . VAL A 1 140 ? -4.240  3.816   -1.640  1.00 8.95  ? 313  VAL A O     1 
ATOM   1066 C CB    . VAL A 1 140 ? -5.608  5.958   -0.166  1.00 9.73  ? 313  VAL A CB    1 
ATOM   1067 C CG1   A VAL A 1 140 ? -6.122  6.590   -1.475  0.50 10.91 ? 313  VAL A CG1   1 
ATOM   1068 C CG2   A VAL A 1 140 ? -6.117  6.683   1.038   0.50 11.41 ? 313  VAL A CG2   1 
ATOM   1069 N N     . SER A 1 141 ? -6.350  3.268   -2.173  1.00 8.29  ? 314  SER A N     1 
ATOM   1070 C CA    . SER A 1 141 ? -6.004  2.616   -3.413  1.00 8.77  ? 314  SER A CA    1 
ATOM   1071 C C     . SER A 1 141 ? -6.586  3.377   -4.602  1.00 9.36  ? 314  SER A C     1 
ATOM   1072 O O     . SER A 1 141 ? -7.346  4.305   -4.436  1.00 9.00  ? 314  SER A O     1 
ATOM   1073 C CB    . SER A 1 141 ? -6.513  1.183   -3.433  1.00 11.62 ? 314  SER A CB    1 
ATOM   1074 O OG    . SER A 1 141 ? -7.897  1.171   -3.642  1.00 13.49 ? 314  SER A OG    1 
ATOM   1075 N N     . LEU A 1 142 ? -6.218  2.964   -5.809  1.00 8.47  ? 315  LEU A N     1 
ATOM   1076 C CA    . LEU A 1 142 ? -6.722  3.661   -6.996  1.00 9.38  ? 315  LEU A CA    1 
ATOM   1077 C C     . LEU A 1 142 ? -8.243  3.586   -7.023  1.00 8.53  ? 315  LEU A C     1 
ATOM   1078 O O     . LEU A 1 142 ? -8.877  4.552   -7.401  1.00 9.02  ? 315  LEU A O     1 
ATOM   1079 C CB    . LEU A 1 142 ? -6.167  3.076   -8.287  1.00 10.69 ? 315  LEU A CB    1 
ATOM   1080 C CG    . LEU A 1 142 ? -4.673  2.837   -8.357  1.00 10.57 ? 315  LEU A CG    1 
ATOM   1081 C CD1   . LEU A 1 142 ? -4.317  2.169   -9.694  1.00 12.06 ? 315  LEU A CD1   1 
ATOM   1082 C CD2   . LEU A 1 142 ? -3.922  4.138   -8.168  1.00 13.57 ? 315  LEU A CD2   1 
ATOM   1083 N N     . SER A 1 143 ? -8.848  2.476   -6.603  1.00 9.69  ? 316  SER A N     1 
ATOM   1084 C CA    . SER A 1 143 ? -10.274 2.394   -6.604  1.00 8.46  ? 316  SER A CA    1 
ATOM   1085 C C     . SER A 1 143 ? -10.897 3.424   -5.706  1.00 9.61  ? 316  SER A C     1 
ATOM   1086 O O     . SER A 1 143 ? -11.941 4.019   -6.042  1.00 9.86  ? 316  SER A O     1 
ATOM   1087 C CB    . SER A 1 143 ? -10.759 1.009   -6.166  1.00 11.99 ? 316  SER A CB    1 
ATOM   1088 O OG    . SER A 1 143 ? -10.170 -0.022  -6.965  1.00 13.40 ? 316  SER A OG    1 
ATOM   1089 N N     . ASP A 1 144 ? -10.290 3.654   -4.554  1.00 8.30  ? 317  ASP A N     1 
ATOM   1090 C CA    . ASP A 1 144 ? -10.791 4.696   -3.650  1.00 9.30  ? 317  ASP A CA    1 
ATOM   1091 C C     . ASP A 1 144 ? -10.785 6.079   -4.310  1.00 8.52  ? 317  ASP A C     1 
ATOM   1092 O O     . ASP A 1 144 ? -11.742 6.829   -4.193  1.00 11.23 ? 317  ASP A O     1 
ATOM   1093 C CB    . ASP A 1 144 ? -9.974  4.721   -2.374  1.00 8.57  ? 317  ASP A CB    1 
ATOM   1094 C CG    . ASP A 1 144 ? -10.075 3.438   -1.575  1.00 9.60  ? 317  ASP A CG    1 
ATOM   1095 O OD1   . ASP A 1 144 ? -11.196 2.863   -1.455  1.00 10.64 ? 317  ASP A OD1   1 
ATOM   1096 O OD2   . ASP A 1 144 ? -9.017  2.985   -1.078  1.00 8.84  ? 317  ASP A OD2   1 
ATOM   1097 N N     . ILE A 1 145 ? -9.729  6.362   -5.029  1.00 8.92  ? 318  ILE A N     1 
ATOM   1098 C CA    . ILE A 1 145 ? -9.610  7.662   -5.679  1.00 9.16  ? 318  ILE A CA    1 
ATOM   1099 C C     . ILE A 1 145 ? -10.617 7.774   -6.813  1.00 10.65 ? 318  ILE A C     1 
ATOM   1100 O O     . ILE A 1 145 ? -11.302 8.792   -6.956  1.00 12.30 ? 318  ILE A O     1 
ATOM   1101 C CB    . ILE A 1 145 ? -8.216  7.915   -6.139  1.00 11.11 ? 318  ILE A CB    1 
ATOM   1102 C CG1   . ILE A 1 145 ? -7.298  8.002   -4.905  1.00 11.93 ? 318  ILE A CG1   1 
ATOM   1103 C CG2   . ILE A 1 145 ? -8.150  9.232   -7.000  1.00 11.85 ? 318  ILE A CG2   1 
ATOM   1104 C CD1   . ILE A 1 145 ? -5.877  8.040   -5.232  1.00 13.35 ? 318  ILE A CD1   1 
ATOM   1105 N N     . LEU A 1 146 ? -10.776 6.718   -7.607  1.00 9.48  ? 319  LEU A N     1 
ATOM   1106 C CA    . LEU A 1 146 ? -11.766 6.795   -8.677  1.00 9.87  ? 319  LEU A CA    1 
ATOM   1107 C C     . LEU A 1 146 ? -13.176 6.991   -8.179  1.00 11.92 ? 319  LEU A C     1 
ATOM   1108 O O     . LEU A 1 146 ? -13.959 7.721   -8.809  1.00 13.80 ? 319  LEU A O     1 
ATOM   1109 C CB    . LEU A 1 146 ? -11.760 5.548   -9.554  1.00 10.85 ? 319  LEU A CB    1 
ATOM   1110 C CG    . LEU A 1 146 ? -10.469 5.302   -10.287 1.00 12.68 ? 319  LEU A CG    1 
ATOM   1111 C CD1   . LEU A 1 146 ? -10.676 4.047   -11.150 1.00 16.68 ? 319  LEU A CD1   1 
ATOM   1112 C CD2   . LEU A 1 146 ? -10.017 6.470   -11.088 1.00 16.06 ? 319  LEU A CD2   1 
ATOM   1113 N N     . GLN A 1 147 ? -13.538 6.318   -7.094  1.00 12.99 ? 320  GLN A N     1 
ATOM   1114 C CA    . GLN A 1 147 ? -14.884 6.466   -6.529  1.00 17.15 ? 320  GLN A CA    1 
ATOM   1115 C C     . GLN A 1 147 ? -15.147 7.916   -6.223  1.00 19.16 ? 320  GLN A C     1 
ATOM   1116 O O     . GLN A 1 147 ? -16.252 8.431   -6.486  1.00 20.82 ? 320  GLN A O     1 
ATOM   1117 C CB    . GLN A 1 147 ? -15.041 5.613   -5.253  1.00 20.56 ? 320  GLN A CB    1 
ATOM   1118 C CG    . GLN A 1 147 ? -15.375 4.155   -5.527  1.00 31.58 ? 320  GLN A CG    1 
ATOM   1119 C CD    . GLN A 1 147 ? -15.587 3.331   -4.253  1.00 39.84 ? 320  GLN A CD    1 
ATOM   1120 O OE1   . GLN A 1 147 ? -14.897 3.527   -3.244  1.00 40.73 ? 320  GLN A OE1   1 
ATOM   1121 N NE2   . GLN A 1 147 ? -16.539 2.395   -4.305  1.00 45.58 ? 320  GLN A NE2   1 
ATOM   1122 N N     . ALA A 1 148 ? -14.143 8.608   -5.702  1.00 15.96 ? 321  ALA A N     1 
ATOM   1123 C CA    . ALA A 1 148 ? -14.315 9.989   -5.316  1.00 17.72 ? 321  ALA A CA    1 
ATOM   1124 C C     . ALA A 1 148 ? -14.369 10.911  -6.532  1.00 21.59 ? 321  ALA A C     1 
ATOM   1125 O O     . ALA A 1 148 ? -15.081 11.921  -6.503  1.00 24.87 ? 321  ALA A O     1 
ATOM   1126 C CB    . ALA A 1 148 ? -13.192 10.427  -4.343  1.00 21.89 ? 321  ALA A CB    1 
ATOM   1127 N N     . LEU A 1 149 ? -13.635 10.566  -7.597  1.00 19.58 ? 322  LEU A N     1 
ATOM   1128 C CA    . LEU A 1 149 ? -13.618 11.378  -8.811  1.00 24.50 ? 322  LEU A CA    1 
ATOM   1129 C C     . LEU A 1 149 ? -14.971 11.428  -9.517  1.00 25.67 ? 322  LEU A C     1 
ATOM   1130 O O     . LEU A 1 149 ? -15.236 12.384  -10.245 1.00 34.01 ? 322  LEU A O     1 
ATOM   1131 C CB    . LEU A 1 149 ? -12.540 10.872  -9.789  1.00 19.01 ? 322  LEU A CB    1 
ATOM   1132 C CG    . LEU A 1 149 ? -11.111 11.299  -9.435  1.00 17.56 ? 322  LEU A CG    1 
ATOM   1133 C CD1   . LEU A 1 149 ? -10.018 10.546  -10.200 1.00 21.09 ? 322  LEU A CD1   1 
ATOM   1134 C CD2   . LEU A 1 149 ? -10.973 12.790  -9.627  1.00 21.00 ? 322  LEU A CD2   1 
ATOM   1135 N N     . VAL A 1 150 ? -15.829 10.440  -9.315  1.00 31.33 ? 323  VAL A N     1 
ATOM   1136 C CA    . VAL A 1 150 ? -17.101 10.395  -10.046 1.00 34.44 ? 323  VAL A CA    1 
ATOM   1137 C C     . VAL A 1 150 ? -18.242 11.073  -9.292  1.00 40.27 ? 323  VAL A C     1 
ATOM   1138 O O     . VAL A 1 150 ? -19.105 11.684  -9.928  1.00 45.56 ? 323  VAL A O     1 
ATOM   1139 C CB    . VAL A 1 150 ? -17.492 8.958   -10.399 1.00 33.43 ? 323  VAL A CB    1 
ATOM   1140 C CG1   . VAL A 1 150 ? -16.376 8.308   -11.190 1.00 30.74 ? 323  VAL A CG1   1 
ATOM   1141 C CG2   . VAL A 1 150 ? -17.796 8.157   -9.162  1.00 33.81 ? 323  VAL A CG2   1 
ATOM   1142 N N     . LEU A 1 151 ? -18.341 11.022  -8.060  1.00 41.38 ? 324  LEU A N     1 
HETATM 1143 P P     . AMP B 2 .   ? -8.279  -2.348  -4.740  1.00 13.79 ? 1324 AMP A P     1 
HETATM 1144 O O1P   . AMP B 2 .   ? -6.875  -1.922  -4.803  1.00 22.14 ? 1324 AMP A O1P   1 
HETATM 1145 O O2P   . AMP B 2 .   ? -8.119  -3.874  -4.451  1.00 24.40 ? 1324 AMP A O2P   1 
HETATM 1146 O O3P   . AMP B 2 .   ? -9.232  -2.321  -5.961  1.00 23.77 ? 1324 AMP A O3P   1 
HETATM 1147 O "O5'" . AMP B 2 .   ? -8.993  -1.935  -3.404  1.00 15.60 ? 1324 AMP A "O5'" 1 
HETATM 1148 C "C5'" . AMP B 2 .   ? -10.384 -2.265  -3.172  1.00 11.97 ? 1324 AMP A "C5'" 1 
HETATM 1149 C "C4'" . AMP B 2 .   ? -10.732 -1.818  -1.776  1.00 12.31 ? 1324 AMP A "C4'" 1 
HETATM 1150 O "O4'" . AMP B 2 .   ? -9.968  -2.626  -0.826  1.00 11.64 ? 1324 AMP A "O4'" 1 
HETATM 1151 C "C3'" . AMP B 2 .   ? -10.384 -0.348  -1.474  1.00 10.70 ? 1324 AMP A "C3'" 1 
HETATM 1152 O "O3'" . AMP B 2 .   ? -11.447 0.287   -0.786  1.00 12.18 ? 1324 AMP A "O3'" 1 
HETATM 1153 C "C2'" . AMP B 2 .   ? -9.095  -0.464  -0.635  1.00 9.53  ? 1324 AMP A "C2'" 1 
HETATM 1154 O "O2'" . AMP B 2 .   ? -8.911  0.651   0.230   1.00 10.79 ? 1324 AMP A "O2'" 1 
HETATM 1155 C "C1'" . AMP B 2 .   ? -9.371  -1.767  0.127   1.00 9.56  ? 1324 AMP A "C1'" 1 
HETATM 1156 N N9    . AMP B 2 .   ? -8.159  -2.429  0.617   1.00 9.53  ? 1324 AMP A N9    1 
HETATM 1157 C C8    . AMP B 2 .   ? -6.960  -2.595  -0.052  1.00 11.24 ? 1324 AMP A C8    1 
HETATM 1158 N N7    . AMP B 2 .   ? -6.064  -3.276  0.658   1.00 10.65 ? 1324 AMP A N7    1 
HETATM 1159 C C5    . AMP B 2 .   ? -6.750  -3.569  1.867   1.00 9.66  ? 1324 AMP A C5    1 
HETATM 1160 C C6    . AMP B 2 .   ? -6.369  -4.234  3.021   1.00 9.21  ? 1324 AMP A C6    1 
HETATM 1161 N N6    . AMP B 2 .   ? -5.113  -4.746  3.211   1.00 10.77 ? 1324 AMP A N6    1 
HETATM 1162 N N1    . AMP B 2 .   ? -7.270  -4.364  4.013   1.00 8.76  ? 1324 AMP A N1    1 
HETATM 1163 C C2    . AMP B 2 .   ? -8.477  -3.830  3.828   1.00 10.98 ? 1324 AMP A C2    1 
HETATM 1164 N N3    . AMP B 2 .   ? -8.950  -3.163  2.776   1.00 9.88  ? 1324 AMP A N3    1 
HETATM 1165 C C4    . AMP B 2 .   ? -8.025  -3.070  1.819   1.00 9.10  ? 1324 AMP A C4    1 
HETATM 1166 O O     . HOH C 3 .   ? -14.119 15.915  -17.720 1.00 21.48 ? 2001 HOH A O     1 
HETATM 1167 O O     . HOH C 3 .   ? -16.967 15.082  -18.167 1.00 36.97 ? 2002 HOH A O     1 
HETATM 1168 O O     . HOH C 3 .   ? -18.008 14.898  -21.290 1.00 28.28 ? 2003 HOH A O     1 
HETATM 1169 O O     . HOH C 3 .   ? -13.096 -5.116  -2.175  1.00 47.94 ? 2004 HOH A O     1 
HETATM 1170 O O     . HOH C 3 .   ? -4.798  22.403  -15.587 1.00 44.08 ? 2005 HOH A O     1 
HETATM 1171 O O     . HOH C 3 .   ? -6.947  24.440  -14.052 1.00 56.33 ? 2006 HOH A O     1 
HETATM 1172 O O     . HOH C 3 .   ? -10.717 24.027  -14.620 1.00 27.37 ? 2007 HOH A O     1 
HETATM 1173 O O     . HOH C 3 .   ? -13.608 15.926  -14.623 1.00 26.40 ? 2008 HOH A O     1 
HETATM 1174 O O     . HOH C 3 .   ? -6.325  18.683  -16.422 1.00 11.55 ? 2009 HOH A O     1 
HETATM 1175 O O     . HOH C 3 .   ? -6.678  19.336  -12.835 1.00 23.58 ? 2010 HOH A O     1 
HETATM 1176 O O     . HOH C 3 .   ? -12.795 14.603  -11.875 1.00 37.22 ? 2011 HOH A O     1 
HETATM 1177 O O     . HOH C 3 .   ? -16.392 16.218  -13.575 1.00 47.30 ? 2012 HOH A O     1 
HETATM 1178 O O     . HOH C 3 .   ? -6.008  22.377  -7.619  1.00 27.72 ? 2013 HOH A O     1 
HETATM 1179 O O     . HOH C 3 .   ? -14.149 18.078  -4.982  1.00 43.84 ? 2014 HOH A O     1 
HETATM 1180 O O     . HOH C 3 .   ? -4.981  22.667  -0.838  1.00 24.26 ? 2015 HOH A O     1 
HETATM 1181 O O     . HOH C 3 .   ? -9.409  23.125  -0.979  1.00 31.73 ? 2016 HOH A O     1 
HETATM 1182 O O     . HOH C 3 .   ? -12.803 22.378  1.280   1.00 50.21 ? 2017 HOH A O     1 
HETATM 1183 O O     . HOH C 3 .   ? -14.194 19.795  1.991   1.00 40.94 ? 2018 HOH A O     1 
HETATM 1184 O O     . HOH C 3 .   ? -15.336 23.075  -3.700  1.00 53.37 ? 2019 HOH A O     1 
HETATM 1185 O O     . HOH C 3 .   ? -7.686  18.069  5.935   1.00 23.33 ? 2020 HOH A O     1 
HETATM 1186 O O     . HOH C 3 .   ? -10.758 9.842   4.198   1.00 38.63 ? 2021 HOH A O     1 
HETATM 1187 O O     . HOH C 3 .   ? -13.168 12.196  6.702   1.00 34.77 ? 2022 HOH A O     1 
HETATM 1188 O O     . HOH C 3 .   ? -6.965  16.727  7.970   1.00 30.13 ? 2023 HOH A O     1 
HETATM 1189 O O     . HOH C 3 .   ? -5.920  14.947  9.695   1.00 29.01 ? 2024 HOH A O     1 
HETATM 1190 O O     . HOH C 3 .   ? -10.190 22.396  1.222   1.00 44.89 ? 2025 HOH A O     1 
HETATM 1191 O O     . HOH C 3 .   ? -15.798 15.920  4.929   1.00 41.16 ? 2026 HOH A O     1 
HETATM 1192 O O     . HOH C 3 .   ? -15.687 17.612  1.649   1.00 44.79 ? 2027 HOH A O     1 
HETATM 1193 O O     . HOH C 3 .   ? -11.494 21.321  6.299   1.00 61.86 ? 2028 HOH A O     1 
HETATM 1194 O O     . HOH C 3 .   ? -7.627  21.322  1.360   1.00 30.47 ? 2029 HOH A O     1 
HETATM 1195 O O     . HOH C 3 .   ? -15.502 11.877  -2.029  1.00 30.08 ? 2030 HOH A O     1 
HETATM 1196 O O     . HOH C 3 .   ? -16.192 13.500  7.276   1.00 59.14 ? 2031 HOH A O     1 
HETATM 1197 O O     . HOH C 3 .   ? -17.981 12.520  0.784   1.00 53.05 ? 2032 HOH A O     1 
HETATM 1198 O O     . HOH C 3 .   ? -16.428 8.781   6.192   1.00 44.69 ? 2033 HOH A O     1 
HETATM 1199 O O     . HOH C 3 .   ? -12.902 5.285   -0.190  1.00 21.06 ? 2034 HOH A O     1 
HETATM 1200 O O     . HOH C 3 .   ? -13.507 6.470   3.574   1.00 21.78 ? 2035 HOH A O     1 
HETATM 1201 O O     . HOH C 3 .   ? -13.330 1.981   1.385   1.00 37.93 ? 2036 HOH A O     1 
HETATM 1202 O O     . HOH C 3 .   ? -7.772  1.182   10.952  1.00 37.61 ? 2037 HOH A O     1 
HETATM 1203 O O     . HOH C 3 .   ? -12.326 4.324   11.929  1.00 56.22 ? 2038 HOH A O     1 
HETATM 1204 O O     . HOH C 3 .   ? -13.484 2.698   6.102   1.00 18.99 ? 2039 HOH A O     1 
HETATM 1205 O O     . HOH C 3 .   ? -12.881 -2.577  5.356   1.00 23.74 ? 2040 HOH A O     1 
HETATM 1206 O O     . HOH C 3 .   ? -10.538 -6.920  5.497   1.00 17.65 ? 2041 HOH A O     1 
HETATM 1207 O O     . HOH C 3 .   ? -14.535 -4.706  5.961   1.00 21.60 ? 2042 HOH A O     1 
HETATM 1208 O O     . HOH C 3 .   ? -0.573  -9.025  11.346  1.00 19.43 ? 2043 HOH A O     1 
HETATM 1209 O O     . HOH C 3 .   ? 7.666   -7.657  12.591  1.00 27.59 ? 2044 HOH A O     1 
HETATM 1210 O O     . HOH C 3 .   ? 12.083  -10.281 8.262   1.00 21.95 ? 2045 HOH A O     1 
HETATM 1211 O O     . HOH C 3 .   ? 12.269  -8.049  10.647  1.00 38.48 ? 2046 HOH A O     1 
HETATM 1212 O O     . HOH C 3 .   ? 6.826   -15.772 12.021  1.00 46.48 ? 2047 HOH A O     1 
HETATM 1213 O O     . HOH C 3 .   ? 5.147   -13.695 12.232  1.00 38.00 ? 2048 HOH A O     1 
HETATM 1214 O O     . HOH C 3 .   ? 3.307   -14.754 10.676  1.00 32.97 ? 2049 HOH A O     1 
HETATM 1215 O O     . HOH C 3 .   ? -2.653  -17.206 5.598   1.00 10.97 ? 2050 HOH A O     1 
HETATM 1216 O O     . HOH C 3 .   ? -6.813  -13.084 -4.927  1.00 28.24 ? 2051 HOH A O     1 
HETATM 1217 O O     . HOH C 3 .   ? -5.644  -21.668 1.040   1.00 27.72 ? 2052 HOH A O     1 
HETATM 1218 O O     . HOH C 3 .   ? -11.753 -18.845 -1.347  1.00 36.20 ? 2053 HOH A O     1 
HETATM 1219 O O     . HOH C 3 .   ? -12.924 -10.802 2.915   1.00 25.13 ? 2054 HOH A O     1 
HETATM 1220 O O     . HOH C 3 .   ? -13.401 -12.430 -5.717  1.00 55.48 ? 2055 HOH A O     1 
HETATM 1221 O O     . HOH C 3 .   ? -11.780 -16.326 -1.665  1.00 29.03 ? 2056 HOH A O     1 
HETATM 1222 O O     . HOH C 3 .   ? -9.612  -15.817 -4.685  1.00 37.74 ? 2057 HOH A O     1 
HETATM 1223 O O     . HOH C 3 .   ? -12.148 -8.417  1.033   1.00 41.12 ? 2058 HOH A O     1 
HETATM 1224 O O     . HOH C 3 .   ? -2.208  -6.567  -5.780  1.00 23.25 ? 2059 HOH A O     1 
HETATM 1225 O O     . HOH C 3 .   ? -4.831  -2.092  -2.995  1.00 21.73 ? 2060 HOH A O     1 
HETATM 1226 O O     . HOH C 3 .   ? 4.284   -5.759  15.116  1.00 38.22 ? 2061 HOH A O     1 
HETATM 1227 O O     . HOH C 3 .   ? 12.008  -1.059  11.385  1.00 23.67 ? 2062 HOH A O     1 
HETATM 1228 O O     . HOH C 3 .   ? 10.518  0.732   14.544  1.00 31.68 ? 2063 HOH A O     1 
HETATM 1229 O O     . HOH C 3 .   ? 5.552   -6.927  18.149  1.00 61.53 ? 2064 HOH A O     1 
HETATM 1230 O O     . HOH C 3 .   ? 3.883   -3.974  17.887  1.00 47.51 ? 2065 HOH A O     1 
HETATM 1231 O O     . HOH C 3 .   ? 5.759   -3.251  20.209  1.00 60.88 ? 2066 HOH A O     1 
HETATM 1232 O O     . HOH C 3 .   ? 11.389  3.812   18.913  1.00 97.81 ? 2067 HOH A O     1 
HETATM 1233 O O     . HOH C 3 .   ? 0.416   -0.527  12.203  1.00 15.37 ? 2068 HOH A O     1 
HETATM 1234 O O     . HOH C 3 .   ? 6.930   3.247   19.061  1.00 31.40 ? 2069 HOH A O     1 
HETATM 1235 O O     . HOH C 3 .   ? 8.052   3.174   9.400   1.00 25.32 ? 2070 HOH A O     1 
HETATM 1236 O O     . HOH C 3 .   ? 11.762  -1.029  4.318   1.00 17.71 ? 2071 HOH A O     1 
HETATM 1237 O O     . HOH C 3 .   ? 7.940   -6.931  2.662   1.00 13.09 ? 2072 HOH A O     1 
HETATM 1238 O O     . HOH C 3 .   ? 9.367   -0.559  1.305   1.00 16.08 ? 2073 HOH A O     1 
HETATM 1239 O O     . HOH C 3 .   ? 3.946   -3.683  -3.162  1.00 18.04 ? 2074 HOH A O     1 
HETATM 1240 O O     . HOH C 3 .   ? 8.375   -12.274 -1.308  1.00 20.42 ? 2075 HOH A O     1 
HETATM 1241 O O     . HOH C 3 .   ? 3.259   -4.188  -6.632  1.00 26.08 ? 2076 HOH A O     1 
HETATM 1242 O O     . HOH C 3 .   ? -8.828  -9.497  -4.200  1.00 51.16 ? 2077 HOH A O     1 
HETATM 1243 O O     . HOH C 3 .   ? -0.155  -6.290  -7.122  1.00 19.92 ? 2078 HOH A O     1 
HETATM 1244 O O     . HOH C 3 .   ? 5.581   -3.866  -5.611  1.00 25.86 ? 2079 HOH A O     1 
HETATM 1245 O O     . HOH C 3 .   ? 8.583   -7.726  -5.776  1.00 18.35 ? 2080 HOH A O     1 
HETATM 1246 O O     . HOH C 3 .   ? 8.786   -10.236 -4.703  1.00 19.75 ? 2081 HOH A O     1 
HETATM 1247 O O     . HOH C 3 .   ? -11.641 25.336  -12.861 1.00 40.39 ? 2082 HOH A O     1 
HETATM 1248 O O     . HOH C 3 .   ? -5.713  20.723  -10.547 1.00 21.88 ? 2083 HOH A O     1 
HETATM 1249 O O     . HOH C 3 .   ? 11.595  -11.992 -10.542 1.00 16.62 ? 2084 HOH A O     1 
HETATM 1250 O O     . HOH C 3 .   ? 10.799  -5.911  -9.800  1.00 30.98 ? 2085 HOH A O     1 
HETATM 1251 O O     . HOH C 3 .   ? 9.210   -5.036  -7.851  1.00 29.47 ? 2086 HOH A O     1 
HETATM 1252 O O     . HOH C 3 .   ? 11.537  -8.415  -11.537 1.00 36.74 ? 2087 HOH A O     1 
HETATM 1253 O O     . HOH C 3 .   ? -14.920 18.557  -7.282  1.00 34.96 ? 2088 HOH A O     1 
HETATM 1254 O O     . HOH C 3 .   ? 10.847  -18.644 -7.102  1.00 10.03 ? 2089 HOH A O     1 
HETATM 1255 O O     . HOH C 3 .   ? -3.059  22.148  1.104   1.00 37.81 ? 2090 HOH A O     1 
HETATM 1256 O O     . HOH C 3 .   ? 10.634  -20.131 -10.150 1.00 17.50 ? 2091 HOH A O     1 
HETATM 1257 O O     . HOH C 3 .   ? 12.545  -12.634 -13.179 1.00 28.50 ? 2092 HOH A O     1 
HETATM 1258 O O     . HOH C 3 .   ? 11.113  -17.618 -14.114 1.00 26.18 ? 2093 HOH A O     1 
HETATM 1259 O O     . HOH C 3 .   ? -11.604 9.442   6.728   1.00 41.06 ? 2094 HOH A O     1 
HETATM 1260 O O     . HOH C 3 .   ? 10.477  -11.682 -3.262  1.00 23.94 ? 2095 HOH A O     1 
HETATM 1261 O O     . HOH C 3 .   ? 12.575  -11.762 -3.223  1.00 28.11 ? 2096 HOH A O     1 
HETATM 1262 O O     . HOH C 3 .   ? 16.333  -13.858 -6.213  1.00 17.80 ? 2097 HOH A O     1 
HETATM 1263 O O     . HOH C 3 .   ? -15.916 9.088   -2.192  1.00 45.68 ? 2098 HOH A O     1 
HETATM 1264 O O     . HOH C 3 .   ? -13.990 7.758   5.592   1.00 39.08 ? 2099 HOH A O     1 
HETATM 1265 O O     . HOH C 3 .   ? 19.078  -20.190 -11.814 1.00 42.92 ? 2100 HOH A O     1 
HETATM 1266 O O     . HOH C 3 .   ? 13.199  -15.259 -18.530 1.00 40.62 ? 2101 HOH A O     1 
HETATM 1267 O O     . HOH C 3 .   ? 13.790  -21.371 -9.930  1.00 23.93 ? 2102 HOH A O     1 
HETATM 1268 O O     . HOH C 3 .   ? 13.950  -21.187 -12.371 1.00 50.31 ? 2103 HOH A O     1 
HETATM 1269 O O     . HOH C 3 .   ? 15.676  -14.071 -11.506 1.00 24.95 ? 2104 HOH A O     1 
HETATM 1270 O O     . HOH C 3 .   ? 18.017  -22.230 -9.308  1.00 34.45 ? 2105 HOH A O     1 
HETATM 1271 O O     . HOH C 3 .   ? 12.134  -18.338 -16.430 1.00 33.97 ? 2106 HOH A O     1 
HETATM 1272 O O     . HOH C 3 .   ? -15.450 5.183   1.015   1.00 41.21 ? 2107 HOH A O     1 
HETATM 1273 O O     . HOH C 3 .   ? -14.664 -0.385  5.276   1.00 43.46 ? 2108 HOH A O     1 
HETATM 1274 O O     . HOH C 3 .   ? -14.289 3.396   10.459  1.00 42.96 ? 2109 HOH A O     1 
HETATM 1275 O O     . HOH C 3 .   ? -11.061 5.084   13.936  1.00 46.41 ? 2110 HOH A O     1 
HETATM 1276 O O     . HOH C 3 .   ? 12.509  -19.765 -8.480  1.00 6.86  ? 2111 HOH A O     1 
HETATM 1277 O O     . HOH C 3 .   ? 17.191  -15.146 -9.198  1.00 26.30 ? 2112 HOH A O     1 
HETATM 1278 O O     . HOH C 3 .   ? 16.258  -16.628 -4.532  1.00 22.42 ? 2113 HOH A O     1 
HETATM 1279 O O     . HOH C 3 .   ? -11.941 -6.251  2.643   1.00 34.67 ? 2114 HOH A O     1 
HETATM 1280 O O     . HOH C 3 .   ? 12.290  -26.334 -0.516  1.00 25.36 ? 2115 HOH A O     1 
HETATM 1281 O O     . HOH C 3 .   ? 18.896  -21.619 -7.012  1.00 26.87 ? 2116 HOH A O     1 
HETATM 1282 O O     . HOH C 3 .   ? 17.830  -19.191 -3.757  1.00 15.80 ? 2117 HOH A O     1 
HETATM 1283 O O     . HOH C 3 .   ? 0.012   -6.779  12.731  1.00 36.83 ? 2118 HOH A O     1 
HETATM 1284 O O     . HOH C 3 .   ? 5.693   -15.413 14.297  1.00 58.38 ? 2119 HOH A O     1 
HETATM 1285 O O     . HOH C 3 .   ? 8.221   -14.941 14.479  1.00 67.91 ? 2120 HOH A O     1 
HETATM 1286 O O     . HOH C 3 .   ? 5.703   -18.160 10.917  1.00 40.38 ? 2121 HOH A O     1 
HETATM 1287 O O     . HOH C 3 .   ? 13.871  -22.708 3.859   1.00 36.00 ? 2122 HOH A O     1 
HETATM 1288 O O     . HOH C 3 .   ? 7.408   -20.646 8.853   1.00 32.67 ? 2123 HOH A O     1 
HETATM 1289 O O     . HOH C 3 .   ? 10.052  -17.968 7.456   1.00 35.78 ? 2124 HOH A O     1 
HETATM 1290 O O     . HOH C 3 .   ? 13.149  -21.347 5.411   1.00 38.45 ? 2125 HOH A O     1 
HETATM 1291 O O     . HOH C 3 .   ? 11.554  -24.539 5.789   1.00 46.43 ? 2126 HOH A O     1 
HETATM 1292 O O     . HOH C 3 .   ? 9.137   -15.859 7.641   1.00 26.88 ? 2127 HOH A O     1 
HETATM 1293 O O     . HOH C 3 .   ? 12.555  -12.660 8.652   1.00 38.44 ? 2128 HOH A O     1 
HETATM 1294 O O     . HOH C 3 .   ? 13.175  -15.185 5.578   1.00 22.02 ? 2129 HOH A O     1 
HETATM 1295 O O     . HOH C 3 .   ? -4.651  -5.719  -7.289  1.00 35.95 ? 2130 HOH A O     1 
HETATM 1296 O O     . HOH C 3 .   ? 13.550  1.058   16.379  1.00 59.34 ? 2131 HOH A O     1 
HETATM 1297 O O     . HOH C 3 .   ? 1.836   -6.052  14.655  1.00 30.86 ? 2132 HOH A O     1 
HETATM 1298 O O     . HOH C 3 .   ? -1.109  -1.205  14.540  1.00 30.55 ? 2133 HOH A O     1 
HETATM 1299 O O     . HOH C 3 .   ? 16.779  -4.618  -6.991  1.00 24.92 ? 2134 HOH A O     1 
HETATM 1300 O O     . HOH C 3 .   ? 15.842  -12.040 -8.479  1.00 27.32 ? 2135 HOH A O     1 
HETATM 1301 O O     . HOH C 3 .   ? 2.654   -0.602  -3.527  1.00 24.54 ? 2136 HOH A O     1 
HETATM 1302 O O     . HOH C 3 .   ? 13.805  -7.226  -9.844  1.00 37.68 ? 2137 HOH A O     1 
HETATM 1303 O O     . HOH C 3 .   ? 13.469  -4.411  -9.480  1.00 29.62 ? 2138 HOH A O     1 
HETATM 1304 O O     . HOH C 3 .   ? 15.765  -7.209  -8.463  1.00 31.41 ? 2139 HOH A O     1 
HETATM 1305 O O     . HOH C 3 .   ? 14.343  -11.927 -10.337 1.00 22.17 ? 2140 HOH A O     1 
HETATM 1306 O O     . HOH C 3 .   ? 11.362  -20.014 -12.706 1.00 41.04 ? 2141 HOH A O     1 
HETATM 1307 O O     . HOH C 3 .   ? -14.790 16.265  -8.544  1.00 38.03 ? 2142 HOH A O     1 
HETATM 1308 O O     . HOH C 3 .   ? -10.312 8.595   8.697   1.00 35.22 ? 2143 HOH A O     1 
HETATM 1309 O O     . HOH C 3 .   ? 13.337  -0.819  2.102   1.00 21.29 ? 2144 HOH A O     1 
HETATM 1310 O O     . HOH C 3 .   ? 16.751  -24.461 -8.865  1.00 40.15 ? 2145 HOH A O     1 
HETATM 1311 O O     . HOH C 3 .   ? 17.749  -13.447 -12.720 1.00 36.93 ? 2146 HOH A O     1 
HETATM 1312 O O     . HOH C 3 .   ? -17.619 7.270   -2.492  1.00 53.10 ? 2147 HOH A O     1 
HETATM 1313 O O     . HOH C 3 .   ? 8.451   6.191   3.200   1.00 22.16 ? 2148 HOH A O     1 
HETATM 1314 O O     . HOH C 3 .   ? 12.257  1.648   9.193   1.00 41.85 ? 2149 HOH A O     1 
HETATM 1315 O O     . HOH C 3 .   ? 12.413  7.804   3.870   1.00 41.61 ? 2150 HOH A O     1 
HETATM 1316 O O     . HOH C 3 .   ? 15.126  -16.579 4.540   1.00 32.24 ? 2151 HOH A O     1 
HETATM 1317 O O     . HOH C 3 .   ? 12.824  -13.894 10.772  1.00 47.81 ? 2152 HOH A O     1 
HETATM 1318 O O     . HOH C 3 .   ? 12.914  9.532   -1.217  1.00 47.89 ? 2153 HOH A O     1 
HETATM 1319 O O     . HOH C 3 .   ? 9.756   6.167   -6.998  1.00 29.49 ? 2154 HOH A O     1 
HETATM 1320 O O     . HOH C 3 .   ? 13.006  0.889   -5.173  1.00 21.18 ? 2155 HOH A O     1 
HETATM 1321 O O     . HOH C 3 .   ? 8.759   1.607   -5.490  1.00 26.71 ? 2156 HOH A O     1 
HETATM 1322 O O     . HOH C 3 .   ? 11.342  2.625   -8.285  1.00 50.20 ? 2157 HOH A O     1 
HETATM 1323 O O     . HOH C 3 .   ? 10.313  8.621   -5.292  1.00 33.83 ? 2158 HOH A O     1 
HETATM 1324 O O     . HOH C 3 .   ? 15.943  -4.537  -9.759  1.00 60.45 ? 2159 HOH A O     1 
HETATM 1325 O O     . HOH C 3 .   ? 0.910   -0.065  17.141  1.00 44.77 ? 2160 HOH A O     1 
HETATM 1326 O O     . HOH C 3 .   ? 6.424   11.352  -2.072  1.00 31.28 ? 2161 HOH A O     1 
HETATM 1327 O O     . HOH C 3 .   ? 6.972   11.181  0.217   1.00 33.15 ? 2162 HOH A O     1 
HETATM 1328 O O     . HOH C 3 .   ? 15.871  -9.122  -11.268 1.00 46.98 ? 2163 HOH A O     1 
HETATM 1329 O O     . HOH C 3 .   ? 11.199  10.876  -0.352  1.00 40.33 ? 2164 HOH A O     1 
HETATM 1330 O O     . HOH C 3 .   ? 5.442   9.667   2.125   1.00 26.33 ? 2165 HOH A O     1 
HETATM 1331 O O     . HOH C 3 .   ? 6.276   6.969   1.884   1.00 13.85 ? 2166 HOH A O     1 
HETATM 1332 O O     . HOH C 3 .   ? 9.195   7.662   5.816   1.00 45.55 ? 2167 HOH A O     1 
HETATM 1333 O O     . HOH C 3 .   ? 14.779  -0.069  -7.193  1.00 37.50 ? 2168 HOH A O     1 
HETATM 1334 O O     . HOH C 3 .   ? 12.314  6.660   -8.204  1.00 84.11 ? 2169 HOH A O     1 
HETATM 1335 O O     . HOH C 3 .   ? 6.761   11.139  -5.338  1.00 50.52 ? 2170 HOH A O     1 
HETATM 1336 O O     . HOH C 3 .   ? 3.153   9.944   5.534   1.00 24.00 ? 2171 HOH A O     1 
HETATM 1337 O O     . HOH C 3 .   ? 6.598   13.258  6.580   1.00 38.67 ? 2172 HOH A O     1 
HETATM 1338 O O     . HOH C 3 .   ? 5.387   9.447   7.146   1.00 53.55 ? 2173 HOH A O     1 
HETATM 1339 O O     . HOH C 3 .   ? 5.623   15.195  8.109   1.00 47.98 ? 2174 HOH A O     1 
HETATM 1340 O O     . HOH C 3 .   ? -0.714  20.364  1.002   1.00 33.10 ? 2175 HOH A O     1 
HETATM 1341 O O     . HOH C 3 .   ? -5.239  19.387  4.958   1.00 21.10 ? 2176 HOH A O     1 
HETATM 1342 O O     . HOH C 3 .   ? -1.800  19.297  2.992   1.00 29.65 ? 2177 HOH A O     1 
HETATM 1343 O O     . HOH C 3 .   ? 2.847   16.551  6.083   1.00 35.08 ? 2178 HOH A O     1 
HETATM 1344 O O     . HOH C 3 .   ? 2.038   17.890  4.135   1.00 59.70 ? 2179 HOH A O     1 
HETATM 1345 O O     . HOH C 3 .   ? 2.785   20.213  -1.120  1.00 48.00 ? 2180 HOH A O     1 
HETATM 1346 O O     . HOH C 3 .   ? 3.601   11.721  3.570   1.00 30.61 ? 2181 HOH A O     1 
HETATM 1347 O O     . HOH C 3 .   ? 2.019   16.756  1.689   1.00 20.70 ? 2182 HOH A O     1 
HETATM 1348 O O     . HOH C 3 .   ? -1.376  20.199  -3.195  1.00 20.71 ? 2183 HOH A O     1 
HETATM 1349 O O     . HOH C 3 .   ? 6.571   2.145   -19.977 1.00 56.19 ? 2184 HOH A O     1 
HETATM 1350 O O     . HOH C 3 .   ? -3.505  19.280  -9.699  1.00 27.52 ? 2185 HOH A O     1 
HETATM 1351 O O     . HOH C 3 .   ? -1.317  22.570  -8.720  1.00 56.07 ? 2186 HOH A O     1 
HETATM 1352 O O     . HOH C 3 .   ? -4.026  21.141  -6.390  1.00 40.61 ? 2187 HOH A O     1 
HETATM 1353 O O     . HOH C 3 .   ? 3.381   14.059  -4.252  1.00 17.17 ? 2188 HOH A O     1 
HETATM 1354 O O     . HOH C 3 .   ? -0.368  17.750  0.388   1.00 14.85 ? 2189 HOH A O     1 
HETATM 1355 O O     . HOH C 3 .   ? 2.843   17.941  -2.697  1.00 44.14 ? 2190 HOH A O     1 
HETATM 1356 O O     . HOH C 3 .   ? 1.252   18.473  -4.314  1.00 33.08 ? 2191 HOH A O     1 
HETATM 1357 O O     . HOH C 3 .   ? -0.857  2.332   17.824  1.00 30.01 ? 2192 HOH A O     1 
HETATM 1358 O O     . HOH C 3 .   ? 2.983   16.568  -5.478  1.00 22.67 ? 2193 HOH A O     1 
HETATM 1359 O O     . HOH C 3 .   ? 4.538   12.172  -9.910  1.00 24.11 ? 2194 HOH A O     1 
HETATM 1360 O O     . HOH C 3 .   ? 5.149   13.136  -5.935  1.00 33.42 ? 2195 HOH A O     1 
HETATM 1361 O O     . HOH C 3 .   ? -8.523  7.246   10.476  1.00 39.21 ? 2196 HOH A O     1 
HETATM 1362 O O     . HOH C 3 .   ? -7.719  12.395  11.904  1.00 48.72 ? 2197 HOH A O     1 
HETATM 1363 O O     . HOH C 3 .   ? 4.998   14.288  -1.985  1.00 22.42 ? 2198 HOH A O     1 
HETATM 1364 O O     . HOH C 3 .   ? 5.136   7.403   -13.742 1.00 34.88 ? 2199 HOH A O     1 
HETATM 1365 O O     . HOH C 3 .   ? -13.508 -0.534  -3.890  1.00 41.45 ? 2200 HOH A O     1 
HETATM 1366 O O     . HOH C 3 .   ? 9.273   8.877   -11.613 1.00 54.99 ? 2201 HOH A O     1 
HETATM 1367 O O     . HOH C 3 .   ? 5.947   13.826  -8.603  1.00 38.89 ? 2202 HOH A O     1 
HETATM 1368 O O     . HOH C 3 .   ? 5.996   11.333  -12.050 1.00 39.87 ? 2203 HOH A O     1 
HETATM 1369 O O     . HOH C 3 .   ? -19.594 17.010  -6.938  1.00 50.60 ? 2204 HOH A O     1 
HETATM 1370 O O     . HOH C 3 .   ? -21.408 15.057  -7.545  1.00 63.41 ? 2205 HOH A O     1 
HETATM 1371 O O     . HOH C 3 .   ? 6.088   0.324   -9.494  1.00 33.77 ? 2206 HOH A O     1 
HETATM 1372 O O     . HOH C 3 .   ? 2.207   1.833   -17.319 1.00 32.75 ? 2207 HOH A O     1 
HETATM 1373 O O     . HOH C 3 .   ? 7.967   4.178   -13.021 1.00 60.23 ? 2208 HOH A O     1 
HETATM 1374 O O     . HOH C 3 .   ? 4.868   1.798   -17.759 1.00 47.23 ? 2209 HOH A O     1 
HETATM 1375 O O     . HOH C 3 .   ? 8.712   2.064   -16.033 1.00 65.79 ? 2210 HOH A O     1 
HETATM 1376 O O     . HOH C 3 .   ? 2.442   1.007   -14.579 1.00 26.96 ? 2211 HOH A O     1 
HETATM 1377 O O     . HOH C 3 .   ? 1.699   -0.985  -6.426  1.00 26.15 ? 2212 HOH A O     1 
HETATM 1378 O O     . HOH C 3 .   ? -4.825  -1.621  -9.138  1.00 63.82 ? 2213 HOH A O     1 
HETATM 1379 O O     . HOH C 3 .   ? 0.103   0.017   -13.495 1.00 23.08 ? 2214 HOH A O     1 
HETATM 1380 O O     . HOH C 3 .   ? 1.614   -1.527  -12.627 1.00 61.65 ? 2215 HOH A O     1 
HETATM 1381 O O     . HOH C 3 .   ? 2.872   1.783   -2.169  1.00 16.70 ? 2216 HOH A O     1 
HETATM 1382 O O     . HOH C 3 .   ? 1.025   -4.034  -7.036  1.00 32.44 ? 2217 HOH A O     1 
HETATM 1383 O O     . HOH C 3 .   ? -3.147  5.716   14.919  1.00 37.42 ? 2218 HOH A O     1 
HETATM 1384 O O     . HOH C 3 .   ? 0.587   4.828   17.145  1.00 23.05 ? 2219 HOH A O     1 
HETATM 1385 O O     . HOH C 3 .   ? -1.658  8.045   17.160  1.00 26.42 ? 2220 HOH A O     1 
HETATM 1386 O O     . HOH C 3 .   ? -2.809  10.265  16.145  0.50 17.47 ? 2221 HOH A O     1 
HETATM 1387 O O     . HOH C 3 .   ? 5.869   11.979  12.876  1.00 39.41 ? 2222 HOH A O     1 
HETATM 1388 O O     . HOH C 3 .   ? 2.139   8.460   18.712  1.00 12.47 ? 2223 HOH A O     1 
HETATM 1389 O O     . HOH C 3 .   ? 0.572   11.740  19.472  1.00 9.83  ? 2224 HOH A O     1 
HETATM 1390 O O     . HOH C 3 .   ? 2.510   3.953   18.295  1.00 31.41 ? 2225 HOH A O     1 
HETATM 1391 O O     . HOH C 3 .   ? 8.382   6.242   13.126  1.00 40.60 ? 2226 HOH A O     1 
HETATM 1392 O O     . HOH C 3 .   ? 4.567   9.448   10.440  1.00 15.22 ? 2227 HOH A O     1 
HETATM 1393 O O     . HOH C 3 .   ? 8.143   9.038   11.247  1.00 52.83 ? 2228 HOH A O     1 
HETATM 1394 O O     . HOH C 3 .   ? -4.177  3.054   13.774  1.00 41.67 ? 2229 HOH A O     1 
HETATM 1395 O O     . HOH C 3 .   ? -3.112  0.765   14.327  1.00 38.61 ? 2230 HOH A O     1 
HETATM 1396 O O     . HOH C 3 .   ? -8.390  3.530   11.219  1.00 26.97 ? 2231 HOH A O     1 
HETATM 1397 O O     . HOH C 3 .   ? -8.008  9.973   12.422  1.00 40.74 ? 2232 HOH A O     1 
HETATM 1398 O O     . HOH C 3 .   ? -6.432  5.718   13.419  1.00 38.52 ? 2233 HOH A O     1 
HETATM 1399 O O     . HOH C 3 .   ? -8.190  9.228   14.824  1.00 50.45 ? 2234 HOH A O     1 
HETATM 1400 O O     . HOH C 3 .   ? -4.353  8.032   14.761  1.00 40.82 ? 2235 HOH A O     1 
HETATM 1401 O O     . HOH C 3 .   ? -13.934 2.771   -7.663  1.00 22.89 ? 2236 HOH A O     1 
HETATM 1402 O O     . HOH C 3 .   ? -13.683 7.128   -2.168  1.00 27.24 ? 2237 HOH A O     1 
HETATM 1403 O O     . HOH C 3 .   ? -12.996 1.779   -3.433  1.00 29.85 ? 2238 HOH A O     1 
HETATM 1404 O O     . HOH C 3 .   ? -19.002 1.841   -2.799  1.00 56.84 ? 2239 HOH A O     1 
HETATM 1405 O O     . HOH C 3 .   ? -18.547 8.188   -6.302  1.00 42.67 ? 2240 HOH A O     1 
HETATM 1406 O O     . HOH C 3 .   ? -18.435 14.780  -8.929  1.00 45.21 ? 2241 HOH A O     1 
HETATM 1407 O O     . HOH C 3 .   ? -11.761 -3.335  2.666   1.00 16.32 ? 2242 HOH A O     1 
HETATM 1408 O O     . HOH C 3 .   ? -8.502  -5.133  -1.955  1.00 19.94 ? 2243 HOH A O     1 
HETATM 1409 O O     . HOH C 3 .   ? -10.886 -5.652  -0.461  1.00 32.19 ? 2244 HOH A O     1 
HETATM 1410 O O     . HOH C 3 .   ? -11.587 -3.316  -6.430  1.00 28.97 ? 2245 HOH A O     1 
HETATM 1411 O O     . HOH C 3 .   ? -5.321  -3.195  -6.532  1.00 34.01 ? 2246 HOH A O     1 
HETATM 1412 O O     . HOH C 3 .   ? -8.614  -5.862  -5.945  1.00 26.55 ? 2247 HOH A O     1 
HETATM 1413 O O     . HOH C 3 .   ? -8.947  -2.977  -8.590  1.00 19.78 ? 2248 HOH A O     1 
HETATM 1414 O O     . HOH C 3 .   ? -9.227  -6.912  -3.706  1.00 34.84 ? 2249 HOH A O     1 
HETATM 1415 O O     . HOH C 3 .   ? -6.568  0.191   -6.807  1.00 19.45 ? 2250 HOH A O     1 
HETATM 1416 O O     . HOH C 3 .   ? -13.165 -1.249  1.251   1.00 26.32 ? 2251 HOH A O     1 
# 
